data_5JVJ
#
_entry.id   5JVJ
#
_cell.length_a   208.736
_cell.length_b   69.044
_cell.length_c   166.763
_cell.angle_alpha   90.000
_cell.angle_beta   112.840
_cell.angle_gamma   90.000
#
_symmetry.space_group_name_H-M   'C 1 2 1'
#
loop_
_entity.id
_entity.type
_entity.pdbx_description
1 polymer 'Pyruvate, phosphate dikinase, chloroplastic'
2 non-polymer PHOSPHOENOLPYRUVATE
3 non-polymer 'MAGNESIUM ION'
#
_entity_poly.entity_id   1
_entity_poly.type   'polypeptide(L)'
_entity_poly.pdbx_seq_one_letter_code
;KKRVFTFGKGRSEGNRDMKSLLGGKGANLAEMSSIGLSVPPGLTISTEACEEYQQNGKSLPPGLWDEISEGLDYVQKEMS
ASLGDPSKPLLLSVRSGAAISMPGMMDTVLNLGLNDEVVAGLAGKSGARFAYDSYRRFLDMFGNVVMGIPHSLFDEKLEQ
MKAEKGIHLDTDLTAADLKDLVEKYKNVYVEAKGEKFPTDPKKQLELAVNAVFDSWDSPRANKYRSINQITGLKGTAVNI
QSMVFGNMGNTSGTGVLFTRNPSTGEKKLYGEFLINAQGEDVVAGIRTPEDLGTMETCMPEAYKELVENCEILERHYKDM
MDIEFTVQENRLWMLQCRTGKRTGKGAVRIAVDMVNEGLIDTRTAIKRVETQHLDQLLHPQFEDPSAYKSHVVATGLPAS
PGAAVGQVCFSAEDAETWHAQGKSAILVRTETSPEDVGGMHAAAGILTARGGMTSHAAVVARGWGKCCVSGCADIRVNDD
MKIFTIGDRVIKEGDWLSLNGTTGEVILGKQLLAPPAMSNDLEIFMSWADQARRLKVMANADTPNDALTARNNGAQGIGL
CRTEHMFFASDERIKAVRKMIMAVTPEQRKVALDLLLPYQRSDFEGIFRAMDGLPVTIRLLDPPLHEFLPEGDLEHIVNE
LAVDTGMSADEIYSKIENLSEVNPMLGFRGCRLGISYPELTEMQVRAIFQAAVSMTNQGVTVIPEIMVPLVGTPQELRHQ
ISVIRGVAANVFAEMGVTLEYKVGTMIEIPRAALIAEEIGKEADFFSFGTNDLTQMTFGYSRDDVGKFLQIYLAQGILQH
DPFEVIDQKGVGQLIKMATEKGRAANPSLKVGICGEHGGEPSSVAFFDGVGLDYVSCSPFRVPIARLAAAQVIV
;
_entity_poly.pdbx_strand_id   A,B
#
# COMPACT_ATOMS: atom_id res chain seq x y z
N LYS A 1 -35.52 50.62 -17.43
CA LYS A 1 -36.69 50.25 -18.28
C LYS A 1 -36.23 49.60 -19.59
N LYS A 2 -35.43 50.33 -20.37
CA LYS A 2 -34.79 49.78 -21.55
C LYS A 2 -33.33 49.45 -21.29
N ARG A 3 -32.54 50.44 -20.86
CA ARG A 3 -31.14 50.23 -20.52
C ARG A 3 -30.79 50.72 -19.13
N VAL A 4 -31.61 51.55 -18.49
CA VAL A 4 -31.33 52.10 -17.17
C VAL A 4 -32.46 51.68 -16.25
N PHE A 5 -32.12 50.97 -15.18
CA PHE A 5 -33.11 50.43 -14.25
C PHE A 5 -32.85 51.00 -12.87
N THR A 6 -33.81 51.77 -12.37
CA THR A 6 -33.70 52.39 -11.06
C THR A 6 -34.03 51.38 -9.97
N PHE A 7 -33.47 51.61 -8.79
CA PHE A 7 -33.72 50.76 -7.63
C PHE A 7 -33.66 51.63 -6.38
N GLY A 8 -34.07 51.04 -5.26
CA GLY A 8 -34.03 51.72 -3.99
C GLY A 8 -35.31 51.50 -3.20
N LYS A 9 -35.36 52.02 -1.98
CA LYS A 9 -36.55 51.87 -1.15
C LYS A 9 -37.79 52.28 -1.93
N GLY A 10 -38.70 51.33 -2.14
CA GLY A 10 -39.95 51.59 -2.82
C GLY A 10 -39.86 51.56 -4.34
N ARG A 11 -38.69 51.33 -4.90
CA ARG A 11 -38.47 51.35 -6.35
C ARG A 11 -37.75 50.10 -6.78
N SER A 12 -38.24 49.44 -7.83
CA SER A 12 -37.61 48.24 -8.33
C SER A 12 -37.99 47.96 -9.77
N GLU A 13 -37.34 48.64 -10.72
CA GLU A 13 -37.64 48.43 -12.12
C GLU A 13 -37.17 47.06 -12.59
N GLY A 14 -36.10 46.55 -11.99
CA GLY A 14 -35.58 45.23 -12.31
C GLY A 14 -36.12 44.18 -11.38
N ASN A 15 -35.43 43.03 -11.34
CA ASN A 15 -35.83 41.93 -10.47
C ASN A 15 -34.66 40.95 -10.39
N ARG A 16 -34.87 39.89 -9.60
CA ARG A 16 -33.81 38.91 -9.33
C ARG A 16 -33.47 38.07 -10.54
N ASP A 17 -34.37 37.94 -11.51
CA ASP A 17 -34.16 37.09 -12.67
C ASP A 17 -33.47 37.81 -13.82
N MET A 18 -32.76 38.90 -13.55
CA MET A 18 -32.04 39.65 -14.58
C MET A 18 -30.56 39.72 -14.24
N LYS A 19 -29.96 38.58 -13.90
CA LYS A 19 -28.57 38.59 -13.45
C LYS A 19 -27.61 38.92 -14.59
N SER A 20 -27.99 38.62 -15.82
CA SER A 20 -27.11 38.86 -16.97
C SER A 20 -27.37 40.18 -17.65
N LEU A 21 -28.61 40.69 -17.60
CA LEU A 21 -28.91 42.00 -18.17
C LEU A 21 -28.44 43.10 -17.23
N LEU A 22 -28.93 43.07 -15.99
CA LEU A 22 -28.32 43.86 -14.92
C LEU A 22 -27.05 43.14 -14.49
N GLY A 23 -26.35 43.71 -13.52
CA GLY A 23 -25.29 42.98 -12.88
C GLY A 23 -25.84 41.86 -12.01
N GLY A 24 -24.94 41.03 -11.51
CA GLY A 24 -25.27 40.23 -10.33
C GLY A 24 -25.66 41.11 -9.16
N LYS A 25 -24.83 42.12 -8.88
CA LYS A 25 -25.15 43.09 -7.84
C LYS A 25 -26.38 43.90 -8.22
N GLY A 26 -26.46 44.32 -9.49
CA GLY A 26 -27.62 45.07 -9.94
C GLY A 26 -28.91 44.31 -9.78
N ALA A 27 -28.85 42.97 -9.89
CA ALA A 27 -30.05 42.15 -9.68
C ALA A 27 -30.38 42.03 -8.19
N ASN A 28 -29.35 41.95 -7.34
CA ASN A 28 -29.61 41.87 -5.90
C ASN A 28 -30.20 43.18 -5.39
N LEU A 29 -29.66 44.32 -5.83
CA LEU A 29 -30.22 45.60 -5.45
C LEU A 29 -31.69 45.70 -5.88
N ALA A 30 -32.02 45.13 -7.04
CA ALA A 30 -33.40 45.15 -7.50
C ALA A 30 -34.28 44.25 -6.64
N GLU A 31 -33.74 43.11 -6.20
CA GLU A 31 -34.54 42.21 -5.37
C GLU A 31 -34.68 42.75 -3.95
N MET A 32 -33.59 43.26 -3.37
CA MET A 32 -33.67 43.83 -2.03
C MET A 32 -34.68 44.97 -1.98
N SER A 33 -34.76 45.76 -3.05
CA SER A 33 -35.71 46.87 -3.08
C SER A 33 -37.15 46.38 -3.18
N SER A 34 -37.37 45.26 -3.88
CA SER A 34 -38.73 44.77 -4.07
C SER A 34 -39.30 44.17 -2.79
N ILE A 35 -38.47 43.49 -2.00
CA ILE A 35 -38.93 42.84 -0.78
C ILE A 35 -39.12 43.86 0.33
N GLY A 36 -38.92 45.14 0.03
CA GLY A 36 -39.26 46.21 0.94
C GLY A 36 -38.15 46.75 1.80
N LEU A 37 -36.88 46.47 1.48
CA LEU A 37 -35.79 46.95 2.29
C LEU A 37 -35.50 48.42 1.99
N SER A 38 -34.83 49.08 2.94
CA SER A 38 -34.48 50.49 2.83
C SER A 38 -33.15 50.61 2.09
N VAL A 39 -33.24 50.58 0.77
CA VAL A 39 -32.06 50.57 -0.10
C VAL A 39 -31.82 52.01 -0.57
N PRO A 40 -30.60 52.53 -0.42
CA PRO A 40 -30.31 53.86 -0.95
C PRO A 40 -30.55 53.90 -2.46
N PRO A 41 -31.23 54.92 -2.96
CA PRO A 41 -31.64 54.92 -4.38
C PRO A 41 -30.43 54.93 -5.30
N GLY A 42 -30.64 54.36 -6.48
CA GLY A 42 -29.60 54.32 -7.48
C GLY A 42 -30.15 53.85 -8.81
N LEU A 43 -29.24 53.47 -9.71
CA LEU A 43 -29.64 53.05 -11.03
C LEU A 43 -28.59 52.09 -11.58
N THR A 44 -29.06 51.13 -12.38
CA THR A 44 -28.21 50.12 -13.00
C THR A 44 -28.27 50.28 -14.51
N ILE A 45 -27.13 50.51 -15.13
CA ILE A 45 -27.01 50.58 -16.59
C ILE A 45 -26.75 49.15 -17.09
N SER A 46 -27.66 48.66 -17.94
CA SER A 46 -27.64 47.26 -18.33
C SER A 46 -26.37 46.93 -19.11
N THR A 47 -26.10 45.62 -19.22
CA THR A 47 -25.01 45.14 -20.07
C THR A 47 -25.27 45.38 -21.54
N GLU A 48 -26.53 45.52 -21.95
CA GLU A 48 -26.81 45.90 -23.33
C GLU A 48 -26.19 47.24 -23.66
N ALA A 49 -26.27 48.20 -22.73
CA ALA A 49 -25.65 49.50 -22.96
C ALA A 49 -24.15 49.36 -23.14
N CYS A 50 -23.52 48.47 -22.38
CA CYS A 50 -22.08 48.25 -22.53
C CYS A 50 -21.76 47.70 -23.91
N GLU A 51 -22.52 46.70 -24.36
CA GLU A 51 -22.28 46.13 -25.68
C GLU A 51 -22.49 47.18 -26.78
N GLU A 52 -23.56 47.97 -26.67
CA GLU A 52 -23.76 49.05 -27.64
C GLU A 52 -22.63 50.06 -27.56
N TYR A 53 -22.08 50.28 -26.37
CA TYR A 53 -20.94 51.18 -26.23
C TYR A 53 -19.72 50.65 -26.96
N GLN A 54 -19.54 49.32 -26.96
CA GLN A 54 -18.42 48.72 -27.66
C GLN A 54 -18.64 48.70 -29.17
N GLN A 55 -19.88 48.51 -29.60
CA GLN A 55 -20.23 48.48 -31.01
C GLN A 55 -20.52 49.87 -31.57
N ASN A 56 -20.43 50.92 -30.73
CA ASN A 56 -20.61 52.30 -31.16
C ASN A 56 -19.29 53.08 -31.06
N GLY A 57 -18.16 52.39 -31.16
CA GLY A 57 -16.87 53.05 -31.18
C GLY A 57 -16.44 53.59 -29.84
N LYS A 58 -16.66 52.84 -28.76
CA LYS A 58 -16.28 53.25 -27.41
C LYS A 58 -16.90 54.59 -27.04
N SER A 59 -18.12 54.84 -27.53
CA SER A 59 -18.87 56.04 -27.18
C SER A 59 -20.25 55.64 -26.69
N LEU A 60 -20.79 56.45 -25.78
CA LEU A 60 -22.11 56.16 -25.23
C LEU A 60 -23.16 56.18 -26.34
N PRO A 61 -23.96 55.13 -26.49
CA PRO A 61 -24.95 55.13 -27.57
C PRO A 61 -25.88 56.30 -27.46
N PRO A 62 -26.48 56.74 -28.57
CA PRO A 62 -27.44 57.86 -28.49
C PRO A 62 -28.64 57.50 -27.64
N GLY A 63 -29.14 58.48 -26.89
CA GLY A 63 -30.29 58.30 -26.04
C GLY A 63 -30.00 57.64 -24.70
N LEU A 64 -28.77 57.16 -24.49
CA LEU A 64 -28.45 56.49 -23.23
C LEU A 64 -28.24 57.48 -22.09
N TRP A 65 -27.54 58.58 -22.34
CA TRP A 65 -27.30 59.55 -21.28
C TRP A 65 -28.61 60.15 -20.78
N ASP A 66 -29.55 60.42 -21.69
CA ASP A 66 -30.84 60.95 -21.26
C ASP A 66 -31.56 59.97 -20.34
N GLU A 67 -31.34 58.67 -20.52
CA GLU A 67 -31.87 57.70 -19.57
C GLU A 67 -31.11 57.78 -18.24
N ILE A 68 -29.79 57.89 -18.31
CA ILE A 68 -28.99 58.03 -17.10
C ILE A 68 -29.39 59.28 -16.34
N SER A 69 -29.77 60.34 -17.06
CA SER A 69 -30.22 61.56 -16.39
CA SER A 69 -30.22 61.56 -16.39
C SER A 69 -31.58 61.36 -15.75
N GLU A 70 -32.50 60.68 -16.45
CA GLU A 70 -33.81 60.41 -15.86
C GLU A 70 -33.68 59.60 -14.59
N GLY A 71 -32.75 58.63 -14.57
CA GLY A 71 -32.51 57.87 -13.37
C GLY A 71 -31.86 58.71 -12.28
N LEU A 72 -31.00 59.65 -12.68
CA LEU A 72 -30.42 60.58 -11.71
C LEU A 72 -31.50 61.44 -11.07
N ASP A 73 -32.49 61.86 -11.87
CA ASP A 73 -33.59 62.64 -11.32
C ASP A 73 -34.35 61.86 -10.25
N TYR A 74 -34.44 60.54 -10.40
CA TYR A 74 -35.07 59.72 -9.37
C TYR A 74 -34.28 59.76 -8.07
N VAL A 75 -32.99 59.40 -8.14
CA VAL A 75 -32.15 59.41 -6.95
C VAL A 75 -32.19 60.78 -6.28
N GLN A 76 -32.05 61.84 -7.08
CA GLN A 76 -32.10 63.18 -6.53
C GLN A 76 -33.42 63.44 -5.81
N LYS A 77 -34.54 63.10 -6.48
CA LYS A 77 -35.85 63.29 -5.88
C LYS A 77 -35.97 62.50 -4.58
N GLU A 78 -35.61 61.21 -4.63
CA GLU A 78 -35.73 60.36 -3.44
C GLU A 78 -34.89 60.88 -2.28
N MET A 79 -33.71 61.40 -2.57
CA MET A 79 -32.78 61.82 -1.53
C MET A 79 -32.92 63.29 -1.16
N SER A 80 -33.79 64.04 -1.84
CA SER A 80 -33.89 65.49 -1.64
C SER A 80 -32.53 66.15 -1.76
N ALA A 81 -31.67 65.58 -2.61
CA ALA A 81 -30.35 66.11 -2.86
C ALA A 81 -30.11 66.16 -4.37
N SER A 82 -29.20 67.03 -4.79
CA SER A 82 -28.88 67.19 -6.21
C SER A 82 -27.37 67.16 -6.40
N LEU A 83 -26.96 66.62 -7.55
CA LEU A 83 -25.55 66.66 -7.92
C LEU A 83 -25.07 68.08 -8.07
N GLY A 84 -24.08 68.47 -7.27
CA GLY A 84 -23.45 69.76 -7.36
C GLY A 84 -23.98 70.80 -6.41
N ASP A 85 -25.20 70.63 -5.88
CA ASP A 85 -25.80 71.63 -5.02
C ASP A 85 -25.22 71.56 -3.61
N PRO A 86 -24.37 72.52 -3.21
CA PRO A 86 -23.74 72.41 -1.89
C PRO A 86 -24.72 72.51 -0.74
N SER A 87 -25.85 73.19 -0.92
CA SER A 87 -26.83 73.29 0.15
C SER A 87 -27.41 71.91 0.47
N LYS A 88 -27.61 71.07 -0.54
CA LYS A 88 -28.15 69.73 -0.36
C LYS A 88 -27.41 68.78 -1.29
N PRO A 89 -26.15 68.45 -0.98
CA PRO A 89 -25.32 67.72 -1.94
C PRO A 89 -25.74 66.27 -2.07
N LEU A 90 -25.62 65.74 -3.29
CA LEU A 90 -25.79 64.33 -3.58
C LEU A 90 -24.46 63.77 -4.06
N LEU A 91 -23.95 62.75 -3.36
CA LEU A 91 -22.73 62.06 -3.75
C LEU A 91 -23.08 60.64 -4.15
N LEU A 92 -22.41 60.14 -5.19
CA LEU A 92 -22.69 58.84 -5.76
C LEU A 92 -21.47 57.94 -5.63
N SER A 93 -21.72 56.65 -5.47
CA SER A 93 -20.75 55.62 -5.76
C SER A 93 -20.98 55.06 -7.16
N VAL A 94 -19.92 54.54 -7.76
CA VAL A 94 -20.00 53.88 -9.05
C VAL A 94 -19.29 52.53 -8.93
N ARG A 95 -20.08 51.45 -9.03
CA ARG A 95 -19.56 50.09 -8.93
C ARG A 95 -19.82 49.37 -10.24
N SER A 96 -18.80 48.69 -10.75
CA SER A 96 -18.99 47.80 -11.88
C SER A 96 -19.66 46.51 -11.42
N GLY A 97 -20.19 45.75 -12.37
CA GLY A 97 -20.85 44.50 -12.04
C GLY A 97 -21.22 43.66 -13.23
N ALA A 98 -20.71 42.42 -13.26
CA ALA A 98 -21.05 41.44 -14.26
C ALA A 98 -21.96 40.39 -13.65
N ALA A 99 -22.32 39.38 -14.45
CA ALA A 99 -23.20 38.32 -13.96
C ALA A 99 -22.53 37.45 -12.90
N ILE A 100 -21.21 37.45 -12.83
CA ILE A 100 -20.47 36.59 -11.90
C ILE A 100 -19.16 37.28 -11.52
N SER A 101 -18.31 36.57 -10.78
CA SER A 101 -17.06 37.14 -10.32
C SER A 101 -16.18 37.54 -11.50
N MET A 102 -15.31 38.52 -11.27
CA MET A 102 -14.29 38.92 -12.25
C MET A 102 -12.99 39.27 -11.56
N ASP A 107 -12.58 48.61 -9.87
CA ASP A 107 -12.77 48.94 -8.46
C ASP A 107 -13.89 49.97 -8.27
N THR A 108 -14.32 50.14 -7.03
CA THR A 108 -15.37 51.10 -6.71
C THR A 108 -14.79 52.50 -6.60
N VAL A 109 -15.57 53.48 -7.02
CA VAL A 109 -15.27 54.90 -6.82
C VAL A 109 -16.35 55.48 -5.93
N LEU A 110 -15.95 55.99 -4.77
CA LEU A 110 -16.89 56.52 -3.79
C LEU A 110 -16.87 58.05 -3.81
N ASN A 111 -17.99 58.63 -3.38
CA ASN A 111 -18.11 60.07 -3.18
C ASN A 111 -17.94 60.84 -4.49
N LEU A 112 -18.35 60.23 -5.60
CA LEU A 112 -18.37 60.96 -6.86
C LEU A 112 -19.37 62.10 -6.81
N GLY A 113 -19.04 63.19 -7.49
CA GLY A 113 -19.83 64.40 -7.45
C GLY A 113 -19.29 65.45 -6.50
N LEU A 114 -18.02 65.38 -6.15
CA LEU A 114 -17.43 66.20 -5.09
C LEU A 114 -16.48 67.22 -5.71
N ASN A 115 -16.67 68.49 -5.37
CA ASN A 115 -15.82 69.55 -5.86
C ASN A 115 -15.71 70.64 -4.79
N ASP A 116 -15.08 71.77 -5.14
CA ASP A 116 -14.81 72.80 -4.16
C ASP A 116 -16.09 73.43 -3.63
N GLU A 117 -17.14 73.49 -4.45
CA GLU A 117 -18.42 74.00 -3.98
C GLU A 117 -19.13 72.97 -3.11
N VAL A 118 -19.24 71.74 -3.60
CA VAL A 118 -19.95 70.69 -2.87
C VAL A 118 -19.28 70.38 -1.55
N VAL A 119 -17.95 70.27 -1.55
CA VAL A 119 -17.24 69.90 -0.32
C VAL A 119 -17.58 70.84 0.82
N ALA A 120 -17.76 72.13 0.51
CA ALA A 120 -18.14 73.09 1.56
C ALA A 120 -19.44 72.67 2.23
N GLY A 121 -20.43 72.26 1.45
CA GLY A 121 -21.67 71.78 2.03
C GLY A 121 -21.47 70.50 2.80
N LEU A 122 -20.67 69.57 2.25
CA LEU A 122 -20.37 68.34 2.97
C LEU A 122 -19.68 68.66 4.29
N ALA A 123 -18.84 69.69 4.32
CA ALA A 123 -18.21 70.10 5.56
C ALA A 123 -19.25 70.62 6.56
N GLY A 124 -20.32 71.24 6.07
CA GLY A 124 -21.34 71.74 6.96
C GLY A 124 -22.18 70.65 7.58
N LYS A 125 -22.39 69.55 6.86
CA LYS A 125 -23.19 68.44 7.37
C LYS A 125 -22.35 67.45 8.15
N SER A 126 -21.18 67.07 7.63
CA SER A 126 -20.39 65.97 8.18
C SER A 126 -19.14 66.42 8.91
N GLY A 127 -18.65 67.63 8.66
CA GLY A 127 -17.45 68.12 9.30
C GLY A 127 -16.38 68.50 8.31
N ALA A 128 -15.57 69.51 8.65
CA ALA A 128 -14.58 70.02 7.71
C ALA A 128 -13.53 68.97 7.38
N ARG A 129 -12.92 68.37 8.40
CA ARG A 129 -11.86 67.40 8.17
C ARG A 129 -12.37 66.20 7.37
N PHE A 130 -13.55 65.68 7.71
CA PHE A 130 -14.09 64.53 6.99
C PHE A 130 -14.39 64.88 5.55
N ALA A 131 -14.92 66.08 5.29
CA ALA A 131 -15.27 66.46 3.93
C ALA A 131 -14.04 66.58 3.05
N TYR A 132 -12.98 67.22 3.56
CA TYR A 132 -11.77 67.40 2.76
C TYR A 132 -10.92 66.15 2.68
N ASP A 133 -11.06 65.23 3.62
CA ASP A 133 -10.43 63.92 3.47
C ASP A 133 -11.14 63.11 2.39
N SER A 134 -12.47 63.10 2.42
CA SER A 134 -13.22 62.41 1.37
C SER A 134 -12.92 63.02 0.01
N TYR A 135 -12.78 64.36 -0.04
CA TYR A 135 -12.39 65.01 -1.29
C TYR A 135 -11.00 64.57 -1.72
N ARG A 136 -10.08 64.45 -0.77
CA ARG A 136 -8.75 63.94 -1.07
C ARG A 136 -8.83 62.55 -1.69
N ARG A 137 -9.50 61.62 -1.00
CA ARG A 137 -9.57 60.25 -1.48
C ARG A 137 -10.26 60.17 -2.83
N PHE A 138 -11.33 60.94 -3.04
CA PHE A 138 -12.02 60.91 -4.32
C PHE A 138 -11.08 61.30 -5.45
N LEU A 139 -10.30 62.37 -5.25
CA LEU A 139 -9.34 62.79 -6.27
C LEU A 139 -8.38 61.65 -6.60
N ASP A 140 -7.93 60.92 -5.58
CA ASP A 140 -7.01 59.80 -5.80
C ASP A 140 -7.69 58.70 -6.60
N MET A 141 -8.79 58.16 -6.07
CA MET A 141 -9.46 57.04 -6.72
C MET A 141 -9.97 57.45 -8.10
N PHE A 142 -10.71 58.56 -8.20
CA PHE A 142 -11.23 58.98 -9.49
C PHE A 142 -10.10 59.24 -10.48
N GLY A 143 -9.00 59.84 -10.01
CA GLY A 143 -7.87 60.07 -10.89
C GLY A 143 -7.20 58.79 -11.33
N ASN A 144 -7.31 57.74 -10.53
CA ASN A 144 -6.70 56.46 -10.87
C ASN A 144 -7.63 55.56 -11.68
N VAL A 145 -8.84 55.33 -11.17
CA VAL A 145 -9.74 54.36 -11.79
C VAL A 145 -10.34 54.91 -13.07
N VAL A 146 -10.53 56.23 -13.17
CA VAL A 146 -11.20 56.83 -14.30
C VAL A 146 -10.23 57.56 -15.22
N MET A 147 -9.27 58.29 -14.65
CA MET A 147 -8.32 59.05 -15.46
C MET A 147 -7.04 58.25 -15.74
N GLY A 148 -6.70 57.31 -14.87
CA GLY A 148 -5.55 56.45 -15.09
C GLY A 148 -4.28 56.84 -14.38
N ILE A 149 -4.35 57.66 -13.34
CA ILE A 149 -3.17 58.13 -12.63
C ILE A 149 -2.91 57.18 -11.48
N PRO A 150 -1.73 56.55 -11.39
CA PRO A 150 -1.50 55.57 -10.33
C PRO A 150 -1.54 56.22 -8.95
N HIS A 151 -2.06 55.46 -7.98
CA HIS A 151 -2.04 55.93 -6.59
C HIS A 151 -0.62 56.19 -6.12
N SER A 152 0.36 55.45 -6.67
CA SER A 152 1.75 55.65 -6.29
C SER A 152 2.19 57.10 -6.49
N LEU A 153 1.65 57.77 -7.51
CA LEU A 153 1.99 59.17 -7.75
C LEU A 153 1.26 60.12 -6.80
N PHE A 154 0.11 59.69 -6.25
CA PHE A 154 -0.61 60.53 -5.29
C PHE A 154 0.03 60.47 -3.91
N ASP A 155 0.51 59.28 -3.50
CA ASP A 155 1.18 59.16 -2.22
C ASP A 155 2.40 60.06 -2.11
N GLU A 156 2.93 60.53 -3.24
CA GLU A 156 4.07 61.45 -3.19
C GLU A 156 3.66 62.81 -2.63
N LYS A 157 2.52 63.33 -3.07
CA LYS A 157 2.05 64.62 -2.54
C LYS A 157 1.77 64.53 -1.05
N LEU A 158 1.17 63.42 -0.61
CA LEU A 158 0.88 63.25 0.81
C LEU A 158 2.16 63.14 1.62
N GLU A 159 3.09 62.28 1.18
CA GLU A 159 4.35 62.13 1.89
C GLU A 159 5.12 63.45 1.93
N GLN A 160 5.15 64.17 0.80
CA GLN A 160 5.84 65.45 0.77
C GLN A 160 5.18 66.45 1.72
N MET A 161 3.85 66.44 1.78
CA MET A 161 3.14 67.34 2.69
C MET A 161 3.37 66.91 4.13
N LYS A 162 3.20 65.63 4.43
CA LYS A 162 3.42 65.13 5.79
C LYS A 162 4.84 65.42 6.25
N ALA A 163 5.81 65.38 5.33
CA ALA A 163 7.18 65.73 5.67
C ALA A 163 7.25 67.16 6.20
N GLU A 164 6.77 68.11 5.41
CA GLU A 164 6.77 69.52 5.81
C GLU A 164 5.79 69.74 6.95
N ASP A 170 -0.72 60.17 8.77
CA ASP A 170 -1.69 61.02 8.09
C ASP A 170 -2.81 61.44 9.03
N THR A 171 -3.18 60.52 9.92
CA THR A 171 -4.26 60.79 10.88
C THR A 171 -3.97 62.02 11.76
N ASP A 172 -2.76 62.55 11.74
CA ASP A 172 -2.43 63.72 12.55
C ASP A 172 -2.33 64.96 11.68
N LEU A 173 -3.32 65.18 10.82
CA LEU A 173 -3.33 66.32 9.91
C LEU A 173 -4.66 67.05 10.01
N THR A 174 -4.60 68.38 10.04
CA THR A 174 -5.80 69.19 10.25
C THR A 174 -6.66 69.17 9.00
N ALA A 175 -7.80 69.89 9.08
CA ALA A 175 -8.63 70.10 7.90
C ALA A 175 -8.05 71.19 7.00
N ALA A 176 -7.60 72.29 7.59
CA ALA A 176 -6.98 73.35 6.80
C ALA A 176 -5.81 72.81 5.99
N ASP A 177 -5.12 71.80 6.53
CA ASP A 177 -4.02 71.18 5.79
C ASP A 177 -4.55 70.35 4.62
N LEU A 178 -5.61 69.58 4.86
CA LEU A 178 -6.17 68.75 3.78
C LEU A 178 -6.69 69.61 2.64
N LYS A 179 -7.29 70.76 2.95
CA LYS A 179 -7.76 71.64 1.88
C LYS A 179 -6.62 72.03 0.96
N ASP A 180 -5.41 72.18 1.51
CA ASP A 180 -4.24 72.44 0.68
C ASP A 180 -3.75 71.17 0.01
N LEU A 181 -3.72 70.06 0.75
CA LEU A 181 -3.33 68.79 0.14
C LEU A 181 -4.23 68.45 -1.04
N VAL A 182 -5.51 68.86 -0.97
CA VAL A 182 -6.40 68.69 -2.11
C VAL A 182 -5.85 69.43 -3.32
N GLU A 183 -5.35 70.66 -3.11
CA GLU A 183 -4.78 71.42 -4.21
C GLU A 183 -3.61 70.69 -4.85
N LYS A 184 -2.79 70.02 -4.04
CA LYS A 184 -1.69 69.24 -4.59
C LYS A 184 -2.23 68.10 -5.45
N TYR A 185 -3.26 67.41 -4.98
CA TYR A 185 -3.86 66.33 -5.75
C TYR A 185 -4.40 66.85 -7.09
N LYS A 186 -5.18 67.94 -7.06
CA LYS A 186 -5.71 68.50 -8.29
C LYS A 186 -4.58 68.88 -9.24
N ASN A 187 -3.41 69.23 -8.71
CA ASN A 187 -2.27 69.50 -9.58
C ASN A 187 -1.73 68.22 -10.20
N VAL A 188 -1.82 67.09 -9.49
CA VAL A 188 -1.37 65.82 -10.05
C VAL A 188 -2.14 65.52 -11.33
N TYR A 189 -3.39 65.95 -11.43
CA TYR A 189 -4.15 65.77 -12.67
C TYR A 189 -3.45 66.46 -13.84
N VAL A 190 -3.11 67.74 -13.67
CA VAL A 190 -2.46 68.49 -14.73
C VAL A 190 -1.03 68.00 -14.93
N GLU A 191 -0.30 67.79 -13.84
CA GLU A 191 1.09 67.37 -13.91
C GLU A 191 1.27 65.97 -14.48
N ALA A 192 0.19 65.21 -14.66
CA ALA A 192 0.28 63.85 -15.18
C ALA A 192 -0.47 63.72 -16.51
N LYS A 193 -1.80 63.78 -16.49
CA LYS A 193 -2.59 63.63 -17.72
C LYS A 193 -2.65 64.92 -18.53
N GLY A 194 -2.06 66.01 -18.04
CA GLY A 194 -2.04 67.26 -18.78
C GLY A 194 -3.34 68.03 -18.73
N GLU A 195 -4.45 67.36 -18.41
CA GLU A 195 -5.76 67.97 -18.35
C GLU A 195 -6.19 68.16 -16.89
N LYS A 196 -7.27 68.90 -16.71
CA LYS A 196 -7.69 69.35 -15.39
C LYS A 196 -8.74 68.41 -14.79
N PHE A 197 -8.72 68.30 -13.48
CA PHE A 197 -9.70 67.49 -12.77
C PHE A 197 -11.12 67.98 -13.10
N PRO A 198 -12.01 67.10 -13.56
CA PRO A 198 -13.37 67.56 -13.88
C PRO A 198 -14.13 67.94 -12.61
N THR A 199 -14.68 69.15 -12.61
CA THR A 199 -15.42 69.65 -11.45
C THR A 199 -16.93 69.46 -11.58
N ASP A 200 -17.43 69.21 -12.78
CA ASP A 200 -18.87 69.01 -12.95
C ASP A 200 -19.24 67.59 -12.55
N PRO A 201 -20.14 67.39 -11.58
CA PRO A 201 -20.52 66.02 -11.22
C PRO A 201 -20.97 65.17 -12.40
N LYS A 202 -21.77 65.74 -13.30
CA LYS A 202 -22.26 64.98 -14.45
C LYS A 202 -21.11 64.51 -15.32
N LYS A 203 -20.12 65.38 -15.56
CA LYS A 203 -18.97 64.97 -16.36
C LYS A 203 -18.21 63.84 -15.69
N GLN A 204 -18.07 63.90 -14.37
CA GLN A 204 -17.41 62.83 -13.64
C GLN A 204 -18.11 61.50 -13.87
N LEU A 205 -19.43 61.48 -13.65
CA LEU A 205 -20.20 60.26 -13.87
C LEU A 205 -20.03 59.75 -15.29
N GLU A 206 -20.30 60.62 -16.28
CA GLU A 206 -20.10 60.25 -17.67
C GLU A 206 -18.73 59.60 -17.87
N LEU A 207 -17.67 60.24 -17.38
CA LEU A 207 -16.34 59.67 -17.47
C LEU A 207 -16.24 58.35 -16.72
N ALA A 208 -16.87 58.28 -15.53
CA ALA A 208 -16.84 57.05 -14.77
C ALA A 208 -17.54 55.92 -15.50
N VAL A 209 -18.70 56.19 -16.09
CA VAL A 209 -19.42 55.17 -16.85
C VAL A 209 -18.55 54.69 -18.01
N ASN A 210 -18.02 55.63 -18.79
CA ASN A 210 -17.16 55.25 -19.92
C ASN A 210 -15.98 54.42 -19.44
N ALA A 211 -15.41 54.74 -18.28
CA ALA A 211 -14.27 53.99 -17.78
C ALA A 211 -14.67 52.57 -17.36
N VAL A 212 -15.92 52.38 -16.93
CA VAL A 212 -16.38 51.04 -16.60
C VAL A 212 -16.51 50.20 -17.87
N PHE A 213 -17.24 50.72 -18.87
CA PHE A 213 -17.37 50.00 -20.12
C PHE A 213 -16.01 49.76 -20.77
N ASP A 214 -15.06 50.69 -20.57
CA ASP A 214 -13.73 50.51 -21.14
C ASP A 214 -12.96 49.40 -20.40
N SER A 215 -13.14 49.29 -19.09
CA SER A 215 -12.48 48.25 -18.32
C SER A 215 -12.90 46.85 -18.75
N TRP A 216 -14.00 46.73 -19.51
CA TRP A 216 -14.48 45.40 -19.90
C TRP A 216 -13.53 44.76 -20.90
N ASP A 217 -13.21 45.45 -21.99
CA ASP A 217 -12.49 44.88 -23.11
C ASP A 217 -10.97 45.05 -22.98
N SER A 218 -10.47 45.24 -21.76
CA SER A 218 -9.04 45.46 -21.56
C SER A 218 -8.29 44.13 -21.51
N PRO A 219 -7.00 44.14 -21.83
CA PRO A 219 -6.17 42.96 -21.54
C PRO A 219 -5.98 42.78 -20.04
N ARG A 220 -5.67 41.54 -19.67
CA ARG A 220 -5.83 41.06 -18.30
C ARG A 220 -7.30 40.79 -18.02
N ALA A 221 -8.19 41.72 -18.36
CA ALA A 221 -9.61 41.48 -18.21
C ALA A 221 -10.09 40.41 -19.18
N ASN A 222 -9.66 40.51 -20.44
CA ASN A 222 -9.98 39.47 -21.42
C ASN A 222 -9.20 38.19 -21.12
N LYS A 223 -8.00 38.33 -20.57
CA LYS A 223 -7.23 37.15 -20.18
C LYS A 223 -7.97 36.34 -19.11
N TYR A 224 -8.58 37.03 -18.15
CA TYR A 224 -9.34 36.35 -17.11
C TYR A 224 -10.51 35.58 -17.71
N ARG A 225 -11.19 36.18 -18.69
CA ARG A 225 -12.31 35.51 -19.33
C ARG A 225 -11.83 34.41 -20.28
N SER A 226 -10.89 34.75 -21.16
CA SER A 226 -10.40 33.78 -22.13
C SER A 226 -9.66 32.62 -21.48
N ILE A 227 -8.92 32.89 -20.40
CA ILE A 227 -8.22 31.83 -19.68
C ILE A 227 -9.22 30.94 -18.95
N ASN A 228 -10.04 31.54 -18.08
CA ASN A 228 -11.04 30.77 -17.35
C ASN A 228 -12.12 30.25 -18.28
N GLN A 229 -12.45 31.01 -19.33
CA GLN A 229 -13.45 30.61 -20.32
C GLN A 229 -14.87 30.85 -19.81
N ILE A 230 -15.23 32.12 -19.60
CA ILE A 230 -16.57 32.48 -19.18
C ILE A 230 -17.46 32.53 -20.42
N THR A 231 -18.32 31.52 -20.58
CA THR A 231 -19.15 31.43 -21.78
C THR A 231 -20.26 32.47 -21.75
N GLY A 232 -20.44 33.17 -22.86
CA GLY A 232 -21.56 34.06 -23.04
C GLY A 232 -21.65 35.16 -22.02
N LEU A 233 -20.83 36.21 -22.17
CA LEU A 233 -20.91 37.41 -21.35
C LEU A 233 -20.90 38.62 -22.26
N LYS A 234 -21.97 39.42 -22.19
CA LYS A 234 -22.06 40.65 -22.98
C LYS A 234 -21.07 41.68 -22.46
N GLY A 235 -21.33 42.21 -21.27
CA GLY A 235 -20.54 43.27 -20.71
C GLY A 235 -20.82 43.40 -19.22
N THR A 236 -20.24 44.44 -18.64
CA THR A 236 -20.53 44.79 -17.25
C THR A 236 -21.66 45.81 -17.20
N ALA A 237 -22.50 45.69 -16.18
CA ALA A 237 -23.41 46.77 -15.85
C ALA A 237 -22.72 47.81 -15.00
N VAL A 238 -23.33 48.98 -14.90
CA VAL A 238 -22.85 50.07 -14.04
C VAL A 238 -23.90 50.29 -12.96
N ASN A 239 -23.49 50.12 -11.71
CA ASN A 239 -24.36 50.39 -10.56
C ASN A 239 -23.97 51.73 -9.95
N ILE A 240 -24.85 52.71 -10.05
CA ILE A 240 -24.66 54.03 -9.48
C ILE A 240 -25.67 54.18 -8.35
N GLN A 241 -25.16 54.41 -7.13
CA GLN A 241 -26.01 54.44 -5.95
C GLN A 241 -25.67 55.66 -5.10
N SER A 242 -26.70 56.22 -4.46
CA SER A 242 -26.51 57.35 -3.58
C SER A 242 -25.60 56.98 -2.42
N MET A 243 -24.60 57.82 -2.16
CA MET A 243 -23.87 57.76 -0.91
C MET A 243 -24.79 58.13 0.25
N VAL A 244 -24.41 57.65 1.44
CA VAL A 244 -25.22 57.84 2.64
C VAL A 244 -24.29 57.88 3.83
N PHE A 245 -24.54 58.81 4.74
CA PHE A 245 -23.59 59.15 5.80
C PHE A 245 -24.29 59.12 7.15
N GLY A 246 -23.62 58.56 8.14
CA GLY A 246 -24.09 58.54 9.51
C GLY A 246 -23.42 59.54 10.42
N ASN A 247 -22.68 60.50 9.88
CA ASN A 247 -21.94 61.47 10.67
C ASN A 247 -22.44 62.88 10.39
N MET A 248 -23.75 63.02 10.19
CA MET A 248 -24.35 64.29 9.82
C MET A 248 -25.20 64.90 10.93
N GLY A 249 -24.92 64.55 12.19
CA GLY A 249 -25.43 65.28 13.33
C GLY A 249 -26.36 64.45 14.18
N ASN A 250 -27.06 65.15 15.09
CA ASN A 250 -28.06 64.56 15.99
C ASN A 250 -28.69 63.29 15.47
N THR A 251 -29.43 63.42 14.36
CA THR A 251 -30.33 62.38 13.89
C THR A 251 -29.64 61.39 12.94
N SER A 252 -28.35 61.13 13.14
CA SER A 252 -27.60 60.25 12.27
C SER A 252 -26.76 59.30 13.11
N GLY A 253 -26.30 58.23 12.47
CA GLY A 253 -25.42 57.29 13.10
C GLY A 253 -25.28 56.05 12.24
N THR A 254 -24.36 55.18 12.68
CA THR A 254 -24.18 53.88 12.05
C THR A 254 -24.27 52.79 13.10
N GLY A 255 -24.57 51.58 12.64
CA GLY A 255 -24.63 50.45 13.53
C GLY A 255 -24.43 49.15 12.77
N VAL A 256 -24.27 48.08 13.56
CA VAL A 256 -24.21 46.72 13.05
C VAL A 256 -24.99 45.84 14.01
N LEU A 257 -25.44 44.70 13.51
CA LEU A 257 -26.18 43.77 14.37
C LEU A 257 -26.23 42.40 13.72
N PHE A 258 -26.51 41.41 14.56
CA PHE A 258 -27.08 40.14 14.13
C PHE A 258 -28.56 40.12 14.49
N THR A 259 -29.38 39.61 13.57
CA THR A 259 -30.82 39.52 13.83
C THR A 259 -31.13 38.62 15.03
N ARG A 260 -30.18 37.80 15.47
CA ARG A 260 -30.33 37.04 16.70
C ARG A 260 -28.96 36.89 17.34
N ASN A 261 -28.97 36.67 18.66
CA ASN A 261 -27.73 36.56 19.41
C ASN A 261 -26.86 35.44 18.83
N PRO A 262 -25.67 35.75 18.28
CA PRO A 262 -24.85 34.70 17.66
C PRO A 262 -24.22 33.75 18.66
N SER A 263 -24.16 34.12 19.94
CA SER A 263 -23.58 33.24 20.95
C SER A 263 -24.61 32.30 21.55
N THR A 264 -25.83 32.77 21.77
CA THR A 264 -26.86 31.99 22.44
C THR A 264 -27.99 31.57 21.53
N GLY A 265 -28.21 32.27 20.42
CA GLY A 265 -29.32 32.00 19.54
C GLY A 265 -30.62 32.65 19.94
N GLU A 266 -30.66 33.36 21.08
CA GLU A 266 -31.87 34.05 21.49
C GLU A 266 -32.39 34.91 20.34
N LYS A 267 -33.70 34.80 20.09
CA LYS A 267 -34.35 35.60 19.06
C LYS A 267 -34.48 37.05 19.53
N LYS A 268 -33.48 37.86 19.22
CA LYS A 268 -33.40 39.22 19.75
C LYS A 268 -32.25 39.94 19.05
N LEU A 269 -32.54 41.10 18.46
CA LEU A 269 -31.50 41.86 17.77
C LEU A 269 -30.30 42.07 18.66
N TYR A 270 -29.11 41.89 18.08
CA TYR A 270 -27.86 41.87 18.84
C TYR A 270 -26.82 42.67 18.06
N GLY A 271 -26.59 43.92 18.47
CA GLY A 271 -25.67 44.74 17.74
C GLY A 271 -25.37 46.03 18.47
N GLU A 272 -24.58 46.87 17.80
CA GLU A 272 -24.12 48.14 18.34
C GLU A 272 -24.60 49.27 17.45
N PHE A 273 -24.41 50.49 17.94
CA PHE A 273 -24.85 51.68 17.21
C PHE A 273 -24.09 52.89 17.74
N LEU A 274 -23.64 53.74 16.82
CA LEU A 274 -22.96 54.99 17.17
C LEU A 274 -23.73 56.16 16.57
N ILE A 275 -23.99 57.17 17.38
CA ILE A 275 -24.63 58.39 16.90
C ILE A 275 -23.58 59.31 16.30
N ASN A 276 -23.86 59.83 15.11
CA ASN A 276 -23.02 60.83 14.46
C ASN A 276 -21.60 60.31 14.26
N ALA A 277 -21.49 59.26 13.45
CA ALA A 277 -20.21 58.62 13.18
C ALA A 277 -20.35 57.78 11.92
N GLN A 278 -19.21 57.44 11.33
CA GLN A 278 -19.15 56.58 10.16
C GLN A 278 -18.88 55.14 10.56
N GLY A 279 -19.08 54.24 9.60
CA GLY A 279 -18.86 52.82 9.87
C GLY A 279 -17.46 52.53 10.36
N GLU A 280 -16.45 53.00 9.64
CA GLU A 280 -15.07 52.79 10.05
C GLU A 280 -14.72 53.51 11.35
N ASP A 281 -15.56 54.43 11.81
CA ASP A 281 -15.29 55.10 13.08
C ASP A 281 -15.42 54.14 14.26
N VAL A 282 -16.33 53.17 14.16
CA VAL A 282 -16.51 52.21 15.26
C VAL A 282 -15.40 51.16 15.25
N VAL A 283 -14.85 50.83 14.08
CA VAL A 283 -13.79 49.84 14.00
C VAL A 283 -12.48 50.40 14.55
N ALA A 284 -12.10 51.60 14.10
CA ALA A 284 -10.87 52.22 14.58
C ALA A 284 -10.88 52.37 16.10
N GLY A 285 -12.06 52.46 16.71
CA GLY A 285 -12.16 52.55 18.15
C GLY A 285 -11.97 53.93 18.72
N ILE A 286 -11.99 54.98 17.89
CA ILE A 286 -11.87 56.34 18.40
C ILE A 286 -12.97 56.63 19.41
N ARG A 287 -14.12 55.98 19.27
CA ARG A 287 -15.23 56.13 20.20
C ARG A 287 -15.84 54.76 20.47
N THR A 288 -16.57 54.68 21.59
CA THR A 288 -17.12 53.40 22.04
C THR A 288 -18.57 53.27 21.57
N PRO A 289 -18.92 52.25 20.80
CA PRO A 289 -20.32 52.09 20.38
C PRO A 289 -21.24 51.83 21.56
N GLU A 290 -22.53 51.91 21.28
CA GLU A 290 -23.58 51.76 22.28
C GLU A 290 -24.47 50.56 21.93
N ASP A 291 -25.36 50.23 22.85
CA ASP A 291 -26.35 49.19 22.61
C ASP A 291 -27.49 49.73 21.74
N LEU A 292 -28.08 48.83 20.94
CA LEU A 292 -29.19 49.21 20.08
C LEU A 292 -30.30 49.90 20.86
N GLY A 293 -30.41 49.66 22.17
CA GLY A 293 -31.40 50.35 22.96
C GLY A 293 -31.28 51.85 22.86
N THR A 294 -30.05 52.37 22.89
CA THR A 294 -29.84 53.81 22.75
C THR A 294 -30.41 54.32 21.43
N MET A 295 -30.43 53.48 20.40
CA MET A 295 -31.03 53.87 19.13
C MET A 295 -32.55 53.89 19.24
N GLU A 296 -33.13 52.87 19.88
CA GLU A 296 -34.57 52.83 20.06
C GLU A 296 -35.06 54.05 20.83
N THR A 297 -34.23 54.61 21.70
CA THR A 297 -34.60 55.81 22.44
C THR A 297 -34.44 57.06 21.60
N CYS A 298 -33.27 57.23 20.97
CA CYS A 298 -33.00 58.45 20.21
C CYS A 298 -33.84 58.51 18.94
N MET A 299 -33.84 57.44 18.14
CA MET A 299 -34.51 57.41 16.84
C MET A 299 -35.54 56.29 16.85
N PRO A 300 -36.73 56.53 17.44
CA PRO A 300 -37.74 55.46 17.47
C PRO A 300 -38.24 55.07 16.08
N GLU A 301 -38.44 56.06 15.20
CA GLU A 301 -38.92 55.75 13.86
C GLU A 301 -37.89 54.91 13.10
N ALA A 302 -36.65 55.40 13.04
CA ALA A 302 -35.60 54.66 12.34
C ALA A 302 -35.45 53.25 12.90
N TYR A 303 -35.49 53.11 14.23
CA TYR A 303 -35.40 51.79 14.83
C TYR A 303 -36.57 50.92 14.43
N LYS A 304 -37.78 51.48 14.46
CA LYS A 304 -38.96 50.74 14.03
C LYS A 304 -38.80 50.26 12.60
N GLU A 305 -38.21 51.09 11.74
CA GLU A 305 -37.96 50.68 10.36
C GLU A 305 -36.86 49.64 10.27
N LEU A 306 -35.89 49.69 11.20
CA LEU A 306 -34.84 48.68 11.24
C LEU A 306 -35.40 47.33 11.65
N VAL A 307 -36.32 47.31 12.62
CA VAL A 307 -36.96 46.07 13.03
C VAL A 307 -37.71 45.45 11.86
N GLU A 308 -38.36 46.28 11.04
CA GLU A 308 -39.10 45.76 9.90
C GLU A 308 -38.15 45.21 8.84
N ASN A 309 -37.03 45.91 8.59
CA ASN A 309 -36.05 45.42 7.64
C ASN A 309 -35.49 44.07 8.09
N CYS A 310 -35.16 43.94 9.37
CA CYS A 310 -34.65 42.67 9.88
C CYS A 310 -35.66 41.55 9.73
N GLU A 311 -36.95 41.85 9.94
CA GLU A 311 -37.98 40.84 9.74
C GLU A 311 -38.11 40.47 8.28
N ILE A 312 -37.87 41.42 7.37
CA ILE A 312 -37.86 41.11 5.94
C ILE A 312 -36.67 40.23 5.60
N LEU A 313 -35.50 40.56 6.14
CA LEU A 313 -34.30 39.79 5.83
C LEU A 313 -34.45 38.33 6.20
N GLU A 314 -34.87 38.06 7.44
CA GLU A 314 -35.04 36.67 7.85
C GLU A 314 -36.14 35.98 7.05
N ARG A 315 -37.21 36.71 6.73
CA ARG A 315 -38.29 36.13 5.95
C ARG A 315 -37.81 35.75 4.55
N HIS A 316 -36.97 36.60 3.95
CA HIS A 316 -36.48 36.32 2.60
C HIS A 316 -35.35 35.30 2.60
N TYR A 317 -34.40 35.44 3.51
CA TYR A 317 -33.21 34.59 3.53
C TYR A 317 -33.38 33.35 4.41
N LYS A 318 -34.44 33.27 5.21
CA LYS A 318 -34.70 32.10 6.03
C LYS A 318 -33.54 31.77 6.96
N ASP A 319 -32.83 32.79 7.43
CA ASP A 319 -31.67 32.56 8.29
C ASP A 319 -31.35 33.82 9.07
N MET A 320 -30.56 33.64 10.13
CA MET A 320 -30.06 34.78 10.89
C MET A 320 -29.05 35.55 10.05
N MET A 321 -29.10 36.88 10.15
CA MET A 321 -28.36 37.76 9.26
C MET A 321 -27.47 38.73 10.03
N ASP A 322 -26.32 39.04 9.44
CA ASP A 322 -25.38 40.01 9.96
C ASP A 322 -25.36 41.21 9.03
N ILE A 323 -25.75 42.39 9.54
CA ILE A 323 -26.02 43.54 8.69
C ILE A 323 -25.17 44.73 9.11
N GLU A 324 -25.02 45.67 8.18
CA GLU A 324 -24.56 47.02 8.47
C GLU A 324 -25.63 48.00 8.02
N PHE A 325 -25.97 48.96 8.89
CA PHE A 325 -26.99 49.95 8.59
C PHE A 325 -26.51 51.34 8.97
N THR A 326 -27.05 52.34 8.29
CA THR A 326 -26.76 53.74 8.57
C THR A 326 -28.07 54.51 8.72
N VAL A 327 -28.11 55.38 9.72
CA VAL A 327 -29.15 56.39 9.84
C VAL A 327 -28.55 57.73 9.39
N GLN A 328 -29.08 58.28 8.30
CA GLN A 328 -28.74 59.62 7.85
C GLN A 328 -29.97 60.50 8.02
N GLU A 329 -29.93 61.39 9.00
CA GLU A 329 -30.99 62.37 9.23
C GLU A 329 -32.35 61.68 9.35
N ASN A 330 -32.43 60.78 10.34
CA ASN A 330 -33.65 60.06 10.71
C ASN A 330 -34.12 59.09 9.63
N ARG A 331 -33.31 58.79 8.62
CA ARG A 331 -33.67 57.84 7.57
C ARG A 331 -32.74 56.64 7.64
N LEU A 332 -33.32 55.45 7.79
CA LEU A 332 -32.55 54.22 7.90
C LEU A 332 -32.22 53.68 6.52
N TRP A 333 -30.97 53.25 6.35
CA TRP A 333 -30.48 52.71 5.09
C TRP A 333 -29.77 51.39 5.32
N MET A 334 -30.16 50.37 4.55
CA MET A 334 -29.50 49.07 4.59
C MET A 334 -28.35 49.07 3.60
N LEU A 335 -27.13 48.90 4.12
CA LEU A 335 -25.92 48.93 3.29
C LEU A 335 -25.39 47.53 2.98
N GLN A 336 -25.19 46.72 4.01
CA GLN A 336 -24.59 45.40 3.87
C GLN A 336 -25.42 44.39 4.64
N CYS A 337 -25.39 43.14 4.19
CA CYS A 337 -25.97 42.05 4.96
C CYS A 337 -25.44 40.73 4.43
N ARG A 338 -25.10 39.84 5.37
CA ARG A 338 -24.61 38.51 5.05
C ARG A 338 -25.13 37.55 6.12
N THR A 339 -25.12 36.26 5.79
CA THR A 339 -25.49 35.26 6.77
C THR A 339 -24.61 35.39 8.00
N GLY A 340 -25.25 35.50 9.18
CA GLY A 340 -24.51 35.73 10.41
C GLY A 340 -23.81 34.46 10.88
N LYS A 341 -22.50 34.56 11.11
CA LYS A 341 -21.78 33.51 11.78
C LYS A 341 -22.26 33.37 13.22
N ARG A 342 -22.13 32.16 13.76
CA ARG A 342 -22.70 31.85 15.06
C ARG A 342 -21.90 30.72 15.70
N THR A 343 -22.04 30.61 17.02
CA THR A 343 -21.46 29.51 17.76
C THR A 343 -22.27 28.24 17.52
N GLY A 344 -21.74 27.11 17.99
CA GLY A 344 -22.51 25.87 17.99
C GLY A 344 -23.81 26.01 18.74
N LYS A 345 -23.74 26.57 19.95
CA LYS A 345 -24.95 26.78 20.74
C LYS A 345 -25.97 27.60 19.97
N GLY A 346 -25.53 28.73 19.38
CA GLY A 346 -26.44 29.55 18.61
C GLY A 346 -26.89 28.90 17.32
N ALA A 347 -26.03 28.09 16.70
CA ALA A 347 -26.41 27.37 15.50
C ALA A 347 -27.59 26.45 15.75
N VAL A 348 -27.53 25.69 16.84
CA VAL A 348 -28.58 24.71 17.12
C VAL A 348 -29.87 25.40 17.52
N ARG A 349 -29.80 26.31 18.50
CA ARG A 349 -31.02 26.97 18.97
C ARG A 349 -31.72 27.69 17.82
N ILE A 350 -30.96 28.48 17.06
CA ILE A 350 -31.56 29.20 15.94
C ILE A 350 -32.20 28.23 14.95
N ALA A 351 -31.52 27.12 14.67
CA ALA A 351 -32.07 26.14 13.73
C ALA A 351 -33.36 25.54 14.29
N VAL A 352 -33.36 25.18 15.58
CA VAL A 352 -34.55 24.59 16.18
C VAL A 352 -35.68 25.63 16.25
N ASP A 353 -35.35 26.86 16.62
CA ASP A 353 -36.38 27.89 16.73
C ASP A 353 -37.01 28.18 15.38
N MET A 354 -36.19 28.28 14.33
CA MET A 354 -36.73 28.59 13.01
C MET A 354 -37.59 27.44 12.49
N VAL A 355 -37.34 26.21 12.94
CA VAL A 355 -38.23 25.10 12.60
C VAL A 355 -39.55 25.26 13.34
N ASN A 356 -39.50 25.41 14.66
CA ASN A 356 -40.71 25.65 15.42
C ASN A 356 -41.46 26.86 14.87
N GLU A 357 -40.72 27.87 14.42
CA GLU A 357 -41.31 29.08 13.83
C GLU A 357 -41.93 28.82 12.46
N GLY A 358 -41.75 27.63 11.90
CA GLY A 358 -42.20 27.38 10.55
C GLY A 358 -41.44 28.12 9.47
N LEU A 359 -40.28 28.68 9.80
CA LEU A 359 -39.48 29.40 8.82
C LEU A 359 -38.65 28.45 7.95
N ILE A 360 -38.30 27.28 8.49
CA ILE A 360 -37.55 26.27 7.74
C ILE A 360 -38.04 24.89 8.20
N ASP A 361 -37.85 23.91 7.35
CA ASP A 361 -38.16 22.53 7.70
C ASP A 361 -36.94 21.86 8.35
N THR A 362 -37.13 20.62 8.80
CA THR A 362 -36.04 19.91 9.46
C THR A 362 -34.92 19.56 8.49
N ARG A 363 -35.25 19.34 7.22
CA ARG A 363 -34.21 19.05 6.24
C ARG A 363 -33.19 20.17 6.17
N THR A 364 -33.66 21.42 6.14
CA THR A 364 -32.76 22.55 6.12
C THR A 364 -32.00 22.67 7.43
N ALA A 365 -32.69 22.50 8.56
CA ALA A 365 -32.04 22.60 9.86
C ALA A 365 -30.83 21.69 9.95
N ILE A 366 -30.93 20.46 9.42
CA ILE A 366 -29.81 19.52 9.45
C ILE A 366 -28.64 20.07 8.65
N LYS A 367 -28.91 20.86 7.61
CA LYS A 367 -27.84 21.45 6.82
C LYS A 367 -27.26 22.69 7.47
N ARG A 368 -27.98 23.32 8.40
CA ARG A 368 -27.53 24.57 9.01
C ARG A 368 -26.46 24.31 10.06
N VAL A 369 -26.67 23.33 10.93
CA VAL A 369 -25.68 23.00 11.95
C VAL A 369 -24.50 22.33 11.27
N GLU A 370 -23.37 23.03 11.20
CA GLU A 370 -22.15 22.42 10.70
C GLU A 370 -21.63 21.39 11.70
N THR A 371 -20.98 20.34 11.18
CA THR A 371 -20.32 19.39 12.08
C THR A 371 -19.42 20.11 13.06
N GLN A 372 -18.77 21.19 12.61
CA GLN A 372 -17.92 21.97 13.50
CA GLN A 372 -17.91 21.94 13.51
C GLN A 372 -18.74 22.66 14.58
N HIS A 373 -19.98 23.02 14.27
CA HIS A 373 -20.87 23.58 15.29
C HIS A 373 -21.19 22.52 16.33
N LEU A 374 -21.65 21.35 15.87
CA LEU A 374 -21.97 20.26 16.77
C LEU A 374 -20.81 19.92 17.69
N ASP A 375 -19.59 19.86 17.14
CA ASP A 375 -18.44 19.46 17.95
C ASP A 375 -18.22 20.40 19.12
N GLN A 376 -18.49 21.70 18.93
CA GLN A 376 -18.35 22.63 20.05
C GLN A 376 -19.20 22.22 21.23
N LEU A 377 -20.37 21.62 20.97
CA LEU A 377 -21.30 21.22 22.02
C LEU A 377 -20.99 19.85 22.59
N LEU A 378 -19.96 19.16 22.08
CA LEU A 378 -19.63 17.81 22.54
C LEU A 378 -18.52 17.81 23.58
N HIS A 379 -17.88 18.93 23.84
CA HIS A 379 -16.82 19.00 24.84
C HIS A 379 -17.01 20.25 25.67
N PRO A 380 -16.31 20.39 26.80
CA PRO A 380 -16.33 21.67 27.52
C PRO A 380 -15.79 22.79 26.65
N GLN A 381 -16.25 24.00 26.96
CA GLN A 381 -15.86 25.19 26.21
C GLN A 381 -15.46 26.28 27.19
N PHE A 382 -14.67 27.23 26.70
CA PHE A 382 -14.39 28.44 27.44
C PHE A 382 -15.54 29.42 27.29
N GLU A 383 -15.86 30.13 28.38
CA GLU A 383 -17.02 31.03 28.36
C GLU A 383 -16.89 32.06 27.24
N ASP A 384 -15.70 32.61 27.04
CA ASP A 384 -15.48 33.64 26.02
C ASP A 384 -14.02 33.56 25.58
N PRO A 385 -13.74 32.87 24.47
CA PRO A 385 -12.35 32.77 24.01
C PRO A 385 -11.63 34.11 23.84
N SER A 386 -12.31 35.10 23.26
CA SER A 386 -11.68 36.40 23.03
C SER A 386 -11.18 37.03 24.34
N ALA A 387 -11.86 36.77 25.45
CA ALA A 387 -11.53 37.43 26.72
C ALA A 387 -10.22 36.96 27.33
N TYR A 388 -9.51 35.98 26.75
CA TYR A 388 -8.24 35.54 27.33
C TYR A 388 -7.08 35.69 26.36
N LYS A 389 -7.26 36.38 25.23
CA LYS A 389 -6.18 36.52 24.27
C LYS A 389 -4.93 37.09 24.90
N SER A 390 -5.07 37.96 25.90
CA SER A 390 -3.92 38.56 26.55
C SER A 390 -3.15 37.59 27.42
N HIS A 391 -3.67 36.38 27.64
CA HIS A 391 -2.98 35.39 28.45
C HIS A 391 -2.42 34.23 27.63
N VAL A 392 -2.67 34.21 26.32
CA VAL A 392 -2.14 33.14 25.48
C VAL A 392 -0.63 33.31 25.40
N VAL A 393 0.10 32.26 25.77
CA VAL A 393 1.56 32.28 25.77
C VAL A 393 2.15 31.43 24.65
N ALA A 394 1.35 30.63 23.97
CA ALA A 394 1.84 29.79 22.87
C ALA A 394 0.64 29.14 22.20
N THR A 395 0.87 28.63 21.00
CA THR A 395 -0.15 27.94 20.23
C THR A 395 0.46 26.72 19.58
N GLY A 396 -0.11 25.55 19.84
CA GLY A 396 0.32 24.32 19.23
C GLY A 396 -0.71 23.76 18.28
N LEU A 397 -0.64 22.47 18.09
CA LEU A 397 -1.61 21.82 17.21
C LEU A 397 -2.88 21.48 17.98
N PRO A 398 -4.13 21.63 17.33
CA PRO A 398 -5.39 21.28 18.01
C PRO A 398 -5.65 19.77 18.00
N ALA A 399 -4.78 19.04 18.69
CA ALA A 399 -4.80 17.57 18.60
C ALA A 399 -6.19 17.03 18.89
N SER A 400 -6.81 17.44 19.99
CA SER A 400 -8.12 16.96 20.37
C SER A 400 -8.93 18.14 20.89
N PRO A 401 -10.13 18.39 20.34
CA PRO A 401 -10.85 19.61 20.69
C PRO A 401 -11.36 19.58 22.13
N GLY A 402 -11.66 20.78 22.63
CA GLY A 402 -12.24 20.92 23.95
C GLY A 402 -11.39 21.82 24.84
N ALA A 403 -12.01 22.38 25.87
CA ALA A 403 -11.30 23.19 26.84
C ALA A 403 -10.86 22.34 28.02
N ALA A 404 -9.78 22.76 28.67
CA ALA A 404 -9.28 22.09 29.85
C ALA A 404 -8.60 23.11 30.75
N VAL A 405 -8.80 22.96 32.05
CA VAL A 405 -8.26 23.87 33.06
C VAL A 405 -7.78 23.06 34.24
N GLY A 406 -6.54 23.29 34.66
CA GLY A 406 -6.01 22.57 35.79
C GLY A 406 -4.64 23.10 36.17
N GLN A 407 -3.96 22.37 37.04
CA GLN A 407 -2.66 22.76 37.53
C GLN A 407 -1.58 21.94 36.85
N VAL A 408 -0.44 22.58 36.56
CA VAL A 408 0.61 21.95 35.77
C VAL A 408 1.21 20.78 36.53
N CYS A 409 1.40 19.66 35.82
CA CYS A 409 2.09 18.50 36.36
C CYS A 409 2.90 17.89 35.23
N PHE A 410 4.03 17.27 35.57
CA PHE A 410 5.03 16.88 34.59
C PHE A 410 5.21 15.37 34.46
N SER A 411 4.39 14.57 35.12
CA SER A 411 4.52 13.11 35.02
C SER A 411 3.16 12.47 35.12
N ALA A 412 2.96 11.39 34.36
CA ALA A 412 1.71 10.65 34.41
C ALA A 412 1.42 10.12 35.81
N GLU A 413 2.47 9.75 36.55
CA GLU A 413 2.27 9.27 37.92
C GLU A 413 1.64 10.35 38.79
N ASP A 414 2.18 11.57 38.73
CA ASP A 414 1.65 12.66 39.55
C ASP A 414 0.25 13.06 39.10
N ALA A 415 -0.08 12.84 37.82
CA ALA A 415 -1.43 13.14 37.35
C ALA A 415 -2.45 12.25 38.04
N GLU A 416 -2.20 10.94 38.07
CA GLU A 416 -3.12 10.03 38.75
C GLU A 416 -3.25 10.39 40.23
N THR A 417 -2.13 10.71 40.88
CA THR A 417 -2.18 11.08 42.29
C THR A 417 -3.03 12.33 42.48
N TRP A 418 -2.74 13.39 41.72
CA TRP A 418 -3.51 14.62 41.84
C TRP A 418 -4.98 14.39 41.53
N HIS A 419 -5.28 13.62 40.48
CA HIS A 419 -6.66 13.33 40.15
C HIS A 419 -7.35 12.59 41.29
N ALA A 420 -6.67 11.62 41.89
CA ALA A 420 -7.25 10.88 43.01
C ALA A 420 -7.57 11.81 44.18
N GLN A 421 -6.84 12.91 44.31
CA GLN A 421 -7.05 13.86 45.39
C GLN A 421 -8.12 14.91 45.08
N GLY A 422 -8.59 14.97 43.84
CA GLY A 422 -9.54 15.97 43.43
C GLY A 422 -8.95 17.18 42.75
N LYS A 423 -7.65 17.14 42.42
CA LYS A 423 -7.00 18.23 41.70
C LYS A 423 -7.09 17.98 40.21
N SER A 424 -7.42 19.02 39.46
CA SER A 424 -7.38 18.96 38.01
C SER A 424 -5.94 19.14 37.55
N ALA A 425 -5.42 18.16 36.81
CA ALA A 425 -4.03 18.13 36.40
C ALA A 425 -3.93 18.31 34.89
N ILE A 426 -3.13 19.29 34.47
CA ILE A 426 -2.74 19.46 33.08
C ILE A 426 -1.39 18.77 32.91
N LEU A 427 -1.39 17.65 32.21
CA LEU A 427 -0.17 16.88 32.01
C LEU A 427 0.69 17.55 30.94
N VAL A 428 1.90 17.96 31.32
CA VAL A 428 2.83 18.61 30.42
C VAL A 428 4.06 17.71 30.27
N ARG A 429 4.40 17.39 29.01
CA ARG A 429 5.54 16.53 28.73
C ARG A 429 6.09 16.90 27.36
N THR A 430 7.31 16.43 27.09
CA THR A 430 7.85 16.54 25.74
C THR A 430 7.15 15.59 24.79
N GLU A 431 6.69 14.45 25.29
CA GLU A 431 6.16 13.38 24.47
C GLU A 431 5.59 12.31 25.39
N THR A 432 4.49 11.68 24.98
CA THR A 432 3.86 10.63 25.77
C THR A 432 4.21 9.26 25.19
N SER A 433 4.40 8.30 26.08
CA SER A 433 4.61 6.90 25.74
C SER A 433 3.46 6.07 26.29
N PRO A 434 3.29 4.82 25.79
CA PRO A 434 2.21 3.97 26.30
C PRO A 434 2.21 3.80 27.81
N GLU A 435 3.34 4.05 28.46
CA GLU A 435 3.39 3.97 29.92
C GLU A 435 2.50 5.02 30.57
N ASP A 436 2.28 6.14 29.91
CA ASP A 436 1.56 7.28 30.49
C ASP A 436 0.05 7.18 30.35
N VAL A 437 -0.46 6.11 29.75
CA VAL A 437 -1.91 5.98 29.53
C VAL A 437 -2.67 6.21 30.82
N GLY A 438 -2.14 5.71 31.95
CA GLY A 438 -2.84 5.88 33.21
C GLY A 438 -3.03 7.33 33.58
N GLY A 439 -1.93 8.10 33.61
CA GLY A 439 -2.02 9.50 33.96
C GLY A 439 -2.66 10.35 32.90
N MET A 440 -2.47 9.98 31.62
CA MET A 440 -3.12 10.73 30.55
C MET A 440 -4.63 10.62 30.66
N HIS A 441 -5.13 9.46 31.08
CA HIS A 441 -6.57 9.28 31.24
C HIS A 441 -7.10 10.08 32.43
N ALA A 442 -6.26 10.29 33.45
CA ALA A 442 -6.67 11.04 34.63
C ALA A 442 -6.49 12.55 34.45
N ALA A 443 -5.62 12.98 33.54
CA ALA A 443 -5.39 14.39 33.33
C ALA A 443 -6.62 15.05 32.72
N ALA A 444 -6.86 16.30 33.11
CA ALA A 444 -7.90 17.09 32.47
C ALA A 444 -7.53 17.42 31.04
N GLY A 445 -6.24 17.66 30.79
CA GLY A 445 -5.77 17.99 29.45
C GLY A 445 -4.29 17.69 29.34
N ILE A 446 -3.85 17.49 28.09
CA ILE A 446 -2.50 17.05 27.80
C ILE A 446 -1.82 18.09 26.91
N LEU A 447 -0.58 18.43 27.24
CA LEU A 447 0.21 19.39 26.47
C LEU A 447 1.56 18.77 26.18
N THR A 448 1.89 18.62 24.89
CA THR A 448 3.15 18.03 24.47
C THR A 448 3.92 19.02 23.61
N ALA A 449 5.25 19.03 23.77
CA ALA A 449 6.09 19.91 22.98
C ALA A 449 6.38 19.34 21.59
N ARG A 450 6.49 18.02 21.48
CA ARG A 450 6.79 17.35 20.22
C ARG A 450 5.61 16.47 19.83
N GLY A 451 5.51 16.19 18.54
CA GLY A 451 4.50 15.29 18.04
C GLY A 451 3.47 16.02 17.17
N GLY A 452 2.90 15.28 16.22
CA GLY A 452 1.93 15.82 15.30
C GLY A 452 0.51 15.42 15.65
N MET A 453 -0.40 15.68 14.71
CA MET A 453 -1.81 15.40 14.94
C MET A 453 -2.05 13.92 15.19
N THR A 454 -1.21 13.05 14.63
CA THR A 454 -1.32 11.61 14.82
C THR A 454 -0.37 11.09 15.90
N SER A 455 0.25 11.98 16.67
CA SER A 455 1.16 11.56 17.73
C SER A 455 0.42 10.74 18.78
N HIS A 456 1.19 10.09 19.65
CA HIS A 456 0.62 9.22 20.67
C HIS A 456 -0.38 9.96 21.54
N ALA A 457 0.01 11.13 22.05
CA ALA A 457 -0.90 11.91 22.89
C ALA A 457 -2.16 12.28 22.14
N ALA A 458 -2.03 12.61 20.85
CA ALA A 458 -3.19 13.04 20.07
C ALA A 458 -4.16 11.89 19.85
N VAL A 459 -3.65 10.73 19.43
CA VAL A 459 -4.52 9.58 19.18
C VAL A 459 -5.25 9.19 20.46
N VAL A 460 -4.50 8.98 21.54
CA VAL A 460 -5.10 8.55 22.80
C VAL A 460 -6.08 9.60 23.33
N ALA A 461 -5.69 10.88 23.25
CA ALA A 461 -6.57 11.92 23.76
C ALA A 461 -7.84 12.05 22.92
N ARG A 462 -7.70 12.01 21.59
CA ARG A 462 -8.87 12.12 20.73
C ARG A 462 -9.85 10.98 20.99
N GLY A 463 -9.35 9.76 21.22
CA GLY A 463 -10.22 8.64 21.51
C GLY A 463 -11.02 8.84 22.78
N TRP A 464 -10.43 9.51 23.78
CA TRP A 464 -11.09 9.77 25.05
C TRP A 464 -11.92 11.06 25.02
N GLY A 465 -11.95 11.77 23.90
CA GLY A 465 -12.57 13.09 23.88
C GLY A 465 -11.93 14.05 24.85
N LYS A 466 -10.63 13.90 25.09
CA LYS A 466 -9.92 14.70 26.09
C LYS A 466 -9.09 15.77 25.38
N CYS A 467 -9.10 16.97 25.96
CA CYS A 467 -8.38 18.09 25.38
C CYS A 467 -6.89 17.80 25.29
N CYS A 468 -6.30 18.06 24.12
CA CYS A 468 -4.88 17.89 23.93
C CYS A 468 -4.37 18.94 22.96
N VAL A 469 -3.29 19.62 23.35
CA VAL A 469 -2.53 20.49 22.46
C VAL A 469 -1.15 19.86 22.29
N SER A 470 -0.83 19.46 21.07
CA SER A 470 0.42 18.75 20.80
C SER A 470 1.31 19.58 19.88
N GLY A 471 2.58 19.17 19.81
CA GLY A 471 3.52 19.80 18.91
C GLY A 471 3.82 21.25 19.23
N CYS A 472 3.55 21.69 20.46
CA CYS A 472 3.85 23.06 20.85
C CYS A 472 5.36 23.25 20.85
N ALA A 473 5.92 23.64 19.70
CA ALA A 473 7.36 23.55 19.49
C ALA A 473 8.14 24.57 20.31
N ASP A 474 7.51 25.68 20.71
CA ASP A 474 8.18 26.73 21.46
C ASP A 474 8.05 26.56 22.97
N ILE A 475 7.95 25.33 23.46
CA ILE A 475 8.01 25.05 24.89
C ILE A 475 9.10 24.02 25.12
N ARG A 476 9.85 24.18 26.22
CA ARG A 476 10.83 23.21 26.65
C ARG A 476 10.45 22.72 28.04
N VAL A 477 10.32 21.41 28.20
CA VAL A 477 9.90 20.80 29.46
C VAL A 477 11.12 20.25 30.18
N ASN A 478 11.24 20.54 31.47
CA ASN A 478 12.30 20.00 32.32
C ASN A 478 11.63 19.33 33.51
N ASP A 479 11.29 18.04 33.36
CA ASP A 479 10.54 17.35 34.40
C ASP A 479 11.35 17.22 35.69
N ASP A 480 12.68 17.14 35.59
CA ASP A 480 13.51 17.11 36.79
C ASP A 480 13.33 18.38 37.61
N MET A 481 13.52 19.53 36.98
CA MET A 481 13.35 20.82 37.65
C MET A 481 11.88 21.20 37.80
N LYS A 482 10.97 20.38 37.30
CA LYS A 482 9.53 20.60 37.43
C LYS A 482 9.14 22.00 36.94
N ILE A 483 9.52 22.28 35.69
CA ILE A 483 9.18 23.54 35.03
C ILE A 483 9.17 23.30 33.53
N PHE A 484 8.44 24.15 32.81
CA PHE A 484 8.60 24.27 31.37
C PHE A 484 8.56 25.74 31.00
N THR A 485 9.33 26.10 29.97
CA THR A 485 9.55 27.49 29.60
C THR A 485 9.02 27.77 28.20
N ILE A 486 8.61 29.02 27.99
CA ILE A 486 8.29 29.54 26.66
C ILE A 486 9.15 30.79 26.50
N GLY A 487 10.31 30.65 25.88
CA GLY A 487 11.28 31.71 25.86
C GLY A 487 11.88 31.92 27.24
N ASP A 488 11.71 33.13 27.78
CA ASP A 488 12.21 33.45 29.10
C ASP A 488 11.17 33.29 30.20
N ARG A 489 9.95 32.86 29.86
CA ARG A 489 8.89 32.69 30.86
C ARG A 489 8.98 31.30 31.45
N VAL A 490 8.71 31.21 32.75
CA VAL A 490 8.76 29.96 33.49
C VAL A 490 7.37 29.65 34.01
N ILE A 491 6.87 28.46 33.69
CA ILE A 491 5.59 27.97 34.17
C ILE A 491 5.88 26.78 35.08
N LYS A 492 5.69 26.97 36.38
CA LYS A 492 6.09 26.00 37.38
C LYS A 492 4.99 24.98 37.66
N GLU A 493 5.40 23.84 38.20
CA GLU A 493 4.43 22.85 38.66
C GLU A 493 3.43 23.50 39.61
N GLY A 494 2.16 23.15 39.43
CA GLY A 494 1.10 23.70 40.25
C GLY A 494 0.50 24.98 39.71
N ASP A 495 1.22 25.71 38.86
CA ASP A 495 0.65 26.91 38.26
C ASP A 495 -0.59 26.55 37.46
N TRP A 496 -1.59 27.43 37.51
CA TRP A 496 -2.82 27.21 36.76
C TRP A 496 -2.58 27.45 35.28
N LEU A 497 -2.99 26.49 34.45
CA LEU A 497 -2.84 26.57 33.02
C LEU A 497 -4.15 26.11 32.37
N SER A 498 -4.53 26.77 31.29
CA SER A 498 -5.71 26.39 30.52
C SER A 498 -5.30 26.04 29.10
N LEU A 499 -5.92 25.01 28.54
CA LEU A 499 -5.67 24.56 27.19
C LEU A 499 -6.93 24.65 26.35
N ASN A 500 -6.76 25.00 25.08
CA ASN A 500 -7.84 24.99 24.10
C ASN A 500 -7.41 24.03 22.98
N GLY A 501 -7.86 22.78 23.09
CA GLY A 501 -7.48 21.78 22.11
C GLY A 501 -8.10 21.99 20.74
N THR A 502 -9.08 22.89 20.62
CA THR A 502 -9.67 23.20 19.33
C THR A 502 -8.85 24.24 18.57
N THR A 503 -8.18 25.14 19.29
CA THR A 503 -7.37 26.18 18.67
C THR A 503 -5.87 26.00 18.91
N GLY A 504 -5.47 25.07 19.78
CA GLY A 504 -4.08 24.91 20.12
C GLY A 504 -3.54 25.92 21.10
N GLU A 505 -4.38 26.83 21.59
CA GLU A 505 -3.92 27.89 22.48
C GLU A 505 -3.53 27.34 23.84
N VAL A 506 -2.42 27.86 24.38
CA VAL A 506 -2.00 27.60 25.75
C VAL A 506 -2.15 28.91 26.52
N ILE A 507 -3.03 28.92 27.50
CA ILE A 507 -3.42 30.13 28.24
C ILE A 507 -2.99 29.97 29.68
N LEU A 508 -2.40 31.03 30.23
CA LEU A 508 -2.07 31.05 31.65
C LEU A 508 -3.33 31.23 32.49
N GLY A 509 -3.31 30.64 33.68
CA GLY A 509 -4.36 30.87 34.64
C GLY A 509 -5.53 29.92 34.51
N LYS A 510 -6.52 30.19 35.35
CA LYS A 510 -7.74 29.38 35.44
C LYS A 510 -8.84 30.14 34.73
N GLN A 511 -9.11 29.77 33.49
CA GLN A 511 -10.08 30.51 32.69
C GLN A 511 -11.48 29.97 32.96
N LEU A 512 -12.47 30.82 32.67
CA LEU A 512 -13.85 30.48 32.96
C LEU A 512 -14.37 29.48 31.92
N LEU A 513 -15.09 28.48 32.40
CA LEU A 513 -15.77 27.52 31.54
C LEU A 513 -17.22 27.95 31.31
N ALA A 514 -17.73 27.63 30.13
CA ALA A 514 -19.11 27.94 29.83
C ALA A 514 -20.04 27.05 30.66
N PRO A 515 -21.17 27.58 31.12
CA PRO A 515 -22.07 26.77 31.93
C PRO A 515 -22.69 25.68 31.10
N PRO A 516 -23.02 24.53 31.70
CA PRO A 516 -23.69 23.47 30.93
C PRO A 516 -25.00 23.98 30.34
N ALA A 517 -25.38 23.35 29.23
CA ALA A 517 -26.56 23.75 28.47
C ALA A 517 -27.79 23.03 28.96
N MET A 518 -28.88 23.79 29.14
CA MET A 518 -30.21 23.22 29.29
C MET A 518 -30.67 22.78 27.90
N SER A 519 -29.82 22.01 27.21
CA SER A 519 -29.94 21.78 25.77
C SER A 519 -30.90 20.63 25.50
N ASN A 520 -32.19 20.94 25.63
CA ASN A 520 -33.19 20.09 25.00
C ASN A 520 -33.19 20.27 23.50
N ASP A 521 -32.70 21.42 23.01
CA ASP A 521 -32.68 21.67 21.56
C ASP A 521 -31.73 20.73 20.86
N LEU A 522 -30.53 20.53 21.40
CA LEU A 522 -29.58 19.62 20.79
C LEU A 522 -30.16 18.22 20.66
N GLU A 523 -30.91 17.78 21.68
CA GLU A 523 -31.56 16.49 21.62
C GLU A 523 -32.59 16.45 20.50
N ILE A 524 -33.42 17.49 20.42
CA ILE A 524 -34.42 17.57 19.36
C ILE A 524 -33.74 17.55 18.00
N PHE A 525 -32.70 18.37 17.83
CA PHE A 525 -32.02 18.47 16.53
C PHE A 525 -31.44 17.13 16.10
N MET A 526 -30.73 16.45 17.01
CA MET A 526 -30.13 15.17 16.65
C MET A 526 -31.18 14.11 16.32
N SER A 527 -32.38 14.22 16.91
CA SER A 527 -33.42 13.27 16.56
C SER A 527 -33.87 13.45 15.11
N TRP A 528 -33.73 14.68 14.57
CA TRP A 528 -34.02 14.88 13.16
C TRP A 528 -32.96 14.22 12.29
N ALA A 529 -31.69 14.41 12.63
CA ALA A 529 -30.61 13.78 11.88
C ALA A 529 -30.69 12.26 11.98
N ASP A 530 -30.98 11.74 13.18
CA ASP A 530 -31.12 10.30 13.35
C ASP A 530 -32.23 9.74 12.47
N GLN A 531 -33.37 10.43 12.44
CA GLN A 531 -34.48 9.97 11.62
C GLN A 531 -34.23 10.15 10.13
N ALA A 532 -33.20 10.89 9.74
CA ALA A 532 -32.92 11.19 8.35
C ALA A 532 -31.80 10.33 7.77
N ARG A 533 -30.78 10.00 8.56
CA ARG A 533 -29.64 9.26 8.04
C ARG A 533 -30.02 7.82 7.72
N ARG A 534 -29.36 7.28 6.70
CA ARG A 534 -29.47 5.88 6.33
C ARG A 534 -28.44 5.01 7.04
N LEU A 535 -27.20 5.50 7.14
CA LEU A 535 -26.14 4.75 7.80
C LEU A 535 -26.42 4.60 9.29
N LYS A 536 -26.12 3.43 9.82
CA LYS A 536 -25.98 3.27 11.25
C LYS A 536 -24.59 3.72 11.68
N VAL A 537 -24.48 4.14 12.94
CA VAL A 537 -23.22 4.62 13.49
C VAL A 537 -22.87 3.75 14.69
N MET A 538 -21.88 2.89 14.52
CA MET A 538 -21.35 2.09 15.60
C MET A 538 -20.17 2.82 16.24
N ALA A 539 -19.57 2.19 17.26
CA ALA A 539 -18.55 2.82 18.07
C ALA A 539 -17.29 1.95 18.10
N ASN A 540 -16.14 2.61 18.19
CA ASN A 540 -14.86 1.95 18.45
C ASN A 540 -14.52 2.16 19.92
N ALA A 541 -14.75 1.13 20.73
CA ALA A 541 -14.52 1.20 22.16
C ALA A 541 -13.96 -0.13 22.64
N ASP A 542 -12.96 -0.06 23.52
CA ASP A 542 -12.26 -1.24 24.00
C ASP A 542 -12.49 -1.51 25.48
N THR A 543 -13.34 -0.75 26.16
CA THR A 543 -13.54 -0.88 27.58
C THR A 543 -15.01 -0.71 27.91
N PRO A 544 -15.47 -1.23 29.06
CA PRO A 544 -16.89 -1.04 29.40
C PRO A 544 -17.30 0.41 29.47
N ASN A 545 -16.52 1.26 30.15
CA ASN A 545 -16.89 2.67 30.27
C ASN A 545 -16.95 3.34 28.90
N ASP A 546 -15.92 3.14 28.08
CA ASP A 546 -15.90 3.75 26.76
C ASP A 546 -17.09 3.29 25.93
N ALA A 547 -17.45 2.00 26.03
CA ALA A 547 -18.64 1.52 25.33
C ALA A 547 -19.89 2.16 25.89
N LEU A 548 -19.95 2.33 27.21
CA LEU A 548 -21.07 3.03 27.81
C LEU A 548 -21.10 4.48 27.34
N THR A 549 -19.93 5.14 27.33
CA THR A 549 -19.86 6.50 26.81
C THR A 549 -20.36 6.55 25.37
N ALA A 550 -19.95 5.57 24.56
CA ALA A 550 -20.38 5.53 23.17
C ALA A 550 -21.89 5.49 23.06
N ARG A 551 -22.54 4.60 23.82
CA ARG A 551 -23.99 4.47 23.72
C ARG A 551 -24.68 5.75 24.18
N ASN A 552 -24.14 6.41 25.21
CA ASN A 552 -24.72 7.68 25.64
C ASN A 552 -24.61 8.73 24.54
N ASN A 553 -23.61 8.62 23.67
CA ASN A 553 -23.42 9.54 22.57
C ASN A 553 -24.13 9.08 21.30
N GLY A 554 -24.98 8.05 21.39
CA GLY A 554 -25.83 7.66 20.29
C GLY A 554 -25.37 6.45 19.51
N ALA A 555 -24.29 5.79 19.95
CA ALA A 555 -23.79 4.63 19.23
C ALA A 555 -24.85 3.54 19.21
N GLN A 556 -25.02 2.92 18.04
CA GLN A 556 -25.95 1.81 17.88
C GLN A 556 -25.29 0.44 18.07
N GLY A 557 -24.10 0.41 18.65
CA GLY A 557 -23.37 -0.83 18.83
C GLY A 557 -21.88 -0.56 18.82
N ILE A 558 -21.12 -1.64 18.96
CA ILE A 558 -19.66 -1.60 18.87
C ILE A 558 -19.26 -2.18 17.53
N GLY A 559 -18.66 -1.34 16.68
CA GLY A 559 -18.18 -1.80 15.40
C GLY A 559 -16.78 -2.36 15.48
N LEU A 560 -16.04 -2.01 16.53
CA LEU A 560 -14.67 -2.46 16.70
C LEU A 560 -14.27 -2.34 18.16
N CYS A 561 -14.03 -3.47 18.81
CA CYS A 561 -13.36 -3.50 20.11
C CYS A 561 -11.97 -4.06 19.89
N ARG A 562 -10.96 -3.20 20.06
CA ARG A 562 -9.57 -3.59 19.82
C ARG A 562 -9.04 -4.31 21.05
N THR A 563 -8.92 -5.64 20.96
CA THR A 563 -8.50 -6.41 22.13
C THR A 563 -7.08 -6.07 22.56
N GLU A 564 -6.21 -5.72 21.62
CA GLU A 564 -4.84 -5.35 21.98
C GLU A 564 -4.80 -4.10 22.87
N HIS A 565 -5.87 -3.32 22.90
CA HIS A 565 -5.93 -2.09 23.69
C HIS A 565 -6.64 -2.30 25.02
N MET A 566 -6.70 -3.54 25.51
CA MET A 566 -7.50 -3.88 26.68
C MET A 566 -6.64 -4.31 27.87
N PHE A 567 -5.43 -3.76 28.01
CA PHE A 567 -4.56 -4.16 29.12
C PHE A 567 -3.73 -3.01 29.67
N PHE A 568 -4.15 -1.76 29.48
CA PHE A 568 -3.41 -0.61 30.00
C PHE A 568 -3.84 -0.22 31.40
N ALA A 569 -4.85 -0.90 31.97
CA ALA A 569 -5.50 -0.39 33.16
C ALA A 569 -4.61 -0.54 34.40
N SER A 570 -3.97 -1.70 34.56
CA SER A 570 -3.29 -2.04 35.80
C SER A 570 -1.95 -2.68 35.50
N ASP A 571 -1.08 -2.68 36.51
CA ASP A 571 0.18 -3.40 36.41
C ASP A 571 -0.04 -4.89 36.22
N GLU A 572 -1.07 -5.44 36.87
CA GLU A 572 -1.38 -6.86 36.73
C GLU A 572 -1.56 -7.25 35.27
N ARG A 573 -2.36 -6.49 34.53
CA ARG A 573 -2.64 -6.84 33.14
C ARG A 573 -1.40 -6.69 32.28
N ILE A 574 -0.65 -5.60 32.45
CA ILE A 574 0.56 -5.40 31.66
C ILE A 574 1.54 -6.52 31.93
N LYS A 575 1.68 -6.92 33.20
CA LYS A 575 2.55 -8.05 33.53
C LYS A 575 2.10 -9.31 32.82
N ALA A 576 0.78 -9.52 32.72
CA ALA A 576 0.25 -10.70 32.05
C ALA A 576 0.62 -10.70 30.57
N VAL A 577 0.38 -9.57 29.88
CA VAL A 577 0.71 -9.49 28.46
C VAL A 577 2.19 -9.77 28.24
N ARG A 578 3.05 -9.08 29.00
CA ARG A 578 4.49 -9.27 28.86
C ARG A 578 4.89 -10.72 29.06
N LYS A 579 4.13 -11.46 29.88
CA LYS A 579 4.40 -12.89 30.02
C LYS A 579 4.05 -13.63 28.74
N MET A 580 2.98 -13.22 28.07
CA MET A 580 2.62 -13.86 26.80
C MET A 580 3.62 -13.50 25.70
N ILE A 581 3.99 -12.22 25.62
CA ILE A 581 4.95 -11.78 24.60
C ILE A 581 6.28 -12.50 24.77
N MET A 582 6.81 -12.50 26.00
CA MET A 582 8.10 -13.13 26.27
C MET A 582 8.02 -14.65 26.30
N ALA A 583 6.84 -15.24 26.15
CA ALA A 583 6.71 -16.69 26.22
C ALA A 583 7.60 -17.35 25.19
N VAL A 584 8.36 -18.36 25.62
CA VAL A 584 9.22 -19.15 24.75
C VAL A 584 8.63 -20.53 24.49
N THR A 585 8.41 -21.30 25.56
CA THR A 585 7.83 -22.64 25.44
C THR A 585 6.31 -22.56 25.48
N PRO A 586 5.61 -23.51 24.87
CA PRO A 586 4.14 -23.51 24.97
C PRO A 586 3.66 -23.60 26.41
N GLU A 587 4.46 -24.15 27.32
CA GLU A 587 4.10 -24.12 28.73
C GLU A 587 4.10 -22.71 29.28
N GLN A 588 5.09 -21.90 28.88
CA GLN A 588 5.13 -20.51 29.33
C GLN A 588 3.94 -19.73 28.79
N ARG A 589 3.60 -19.93 27.52
CA ARG A 589 2.49 -19.21 26.91
C ARG A 589 1.16 -19.59 27.55
N LYS A 590 0.94 -20.88 27.81
CA LYS A 590 -0.31 -21.30 28.44
C LYS A 590 -0.52 -20.58 29.77
N VAL A 591 0.54 -20.44 30.56
CA VAL A 591 0.43 -19.74 31.85
C VAL A 591 -0.01 -18.31 31.61
N ALA A 592 0.57 -17.65 30.61
CA ALA A 592 0.24 -16.26 30.34
C ALA A 592 -1.20 -16.11 29.87
N LEU A 593 -1.60 -16.96 28.92
CA LEU A 593 -2.96 -16.87 28.40
C LEU A 593 -4.00 -17.09 29.50
N ASP A 594 -3.70 -17.96 30.47
CA ASP A 594 -4.62 -18.17 31.58
C ASP A 594 -4.73 -16.93 32.46
N LEU A 595 -3.63 -16.18 32.61
CA LEU A 595 -3.68 -14.93 33.37
C LEU A 595 -4.51 -13.87 32.66
N LEU A 596 -4.62 -13.95 31.34
CA LEU A 596 -5.37 -12.96 30.57
C LEU A 596 -6.85 -13.28 30.47
N LEU A 597 -7.22 -14.56 30.45
CA LEU A 597 -8.62 -14.95 30.32
C LEU A 597 -9.55 -14.18 31.25
N PRO A 598 -9.26 -14.05 32.55
CA PRO A 598 -10.19 -13.31 33.42
C PRO A 598 -10.38 -11.86 33.00
N TYR A 599 -9.29 -11.16 32.68
CA TYR A 599 -9.41 -9.76 32.28
C TYR A 599 -10.26 -9.60 31.03
N GLN A 600 -10.04 -10.46 30.03
CA GLN A 600 -10.83 -10.40 28.81
C GLN A 600 -12.30 -10.68 29.09
N ARG A 601 -12.58 -11.80 29.77
CA ARG A 601 -13.96 -12.15 30.07
C ARG A 601 -14.65 -11.04 30.85
N SER A 602 -13.97 -10.46 31.84
CA SER A 602 -14.57 -9.39 32.62
C SER A 602 -14.93 -8.20 31.75
N ASP A 603 -13.93 -7.64 31.04
CA ASP A 603 -14.18 -6.49 30.20
C ASP A 603 -15.28 -6.76 29.19
N PHE A 604 -15.28 -7.95 28.58
CA PHE A 604 -16.33 -8.28 27.63
C PHE A 604 -17.69 -8.26 28.29
N GLU A 605 -17.76 -8.62 29.57
CA GLU A 605 -19.04 -8.57 30.28
C GLU A 605 -19.49 -7.12 30.44
N GLY A 606 -18.58 -6.25 30.89
CA GLY A 606 -18.93 -4.85 31.04
C GLY A 606 -19.34 -4.21 29.73
N ILE A 607 -18.66 -4.58 28.64
CA ILE A 607 -19.01 -4.03 27.33
C ILE A 607 -20.36 -4.56 26.88
N PHE A 608 -20.57 -5.87 27.01
CA PHE A 608 -21.84 -6.46 26.61
C PHE A 608 -23.00 -5.87 27.39
N ARG A 609 -22.80 -5.65 28.69
CA ARG A 609 -23.89 -5.10 29.51
C ARG A 609 -24.21 -3.66 29.11
N ALA A 610 -23.19 -2.87 28.77
CA ALA A 610 -23.44 -1.51 28.32
C ALA A 610 -24.21 -1.49 27.00
N MET A 611 -23.88 -2.41 26.09
CA MET A 611 -24.54 -2.50 24.79
C MET A 611 -25.71 -3.48 24.78
N ASP A 612 -26.33 -3.73 25.93
CA ASP A 612 -27.51 -4.57 26.00
C ASP A 612 -28.45 -4.29 24.84
N GLY A 613 -28.69 -5.32 24.01
CA GLY A 613 -29.59 -5.21 22.89
C GLY A 613 -28.97 -4.74 21.59
N LEU A 614 -27.67 -4.40 21.58
CA LEU A 614 -27.03 -3.87 20.39
C LEU A 614 -25.89 -4.78 19.96
N PRO A 615 -25.53 -4.78 18.68
CA PRO A 615 -24.41 -5.62 18.23
C PRO A 615 -23.10 -5.13 18.78
N VAL A 616 -22.22 -6.08 19.11
CA VAL A 616 -20.88 -5.80 19.62
C VAL A 616 -19.89 -6.62 18.81
N THR A 617 -19.00 -5.93 18.09
CA THR A 617 -18.00 -6.58 17.26
C THR A 617 -16.67 -6.55 17.99
N ILE A 618 -16.21 -7.73 18.41
CA ILE A 618 -14.91 -7.88 19.05
C ILE A 618 -13.93 -8.43 18.02
N ARG A 619 -12.72 -7.87 18.02
CA ARG A 619 -11.70 -8.25 17.06
C ARG A 619 -10.57 -9.00 17.76
N LEU A 620 -10.08 -10.05 17.10
CA LEU A 620 -8.98 -10.83 17.66
C LEU A 620 -7.70 -9.99 17.69
N LEU A 621 -6.78 -10.42 18.56
CA LEU A 621 -5.60 -9.62 18.86
C LEU A 621 -4.87 -9.19 17.60
N ASP A 622 -4.44 -7.94 17.59
CA ASP A 622 -3.57 -7.40 16.53
C ASP A 622 -2.56 -6.47 17.19
N PRO A 623 -1.60 -7.03 17.92
CA PRO A 623 -0.85 -6.24 18.89
C PRO A 623 0.35 -5.56 18.25
N PRO A 624 0.75 -4.39 18.75
CA PRO A 624 2.10 -3.89 18.43
C PRO A 624 3.13 -4.37 19.45
N LEU A 625 3.80 -5.47 19.13
CA LEU A 625 4.67 -6.14 20.09
C LEU A 625 5.62 -5.16 20.77
N HIS A 626 6.29 -4.32 19.98
CA HIS A 626 7.24 -3.37 20.54
C HIS A 626 6.57 -2.40 21.50
N GLU A 627 5.26 -2.17 21.34
CA GLU A 627 4.57 -1.20 22.20
C GLU A 627 4.43 -1.72 23.63
N PHE A 628 4.21 -3.02 23.80
CA PHE A 628 4.05 -3.58 25.13
C PHE A 628 5.37 -3.69 25.90
N LEU A 629 6.50 -3.44 25.25
CA LEU A 629 7.77 -3.54 25.94
C LEU A 629 8.06 -2.25 26.70
N PRO A 630 8.72 -2.34 27.86
CA PRO A 630 9.05 -1.13 28.61
C PRO A 630 9.86 -0.16 27.76
N GLU A 631 9.68 1.14 28.04
CA GLU A 631 10.49 2.16 27.43
C GLU A 631 11.83 2.30 28.16
N GLY A 632 12.77 2.97 27.52
CA GLY A 632 14.07 3.24 28.08
C GLY A 632 15.16 2.47 27.38
N ASP A 633 16.36 2.51 27.97
CA ASP A 633 17.50 1.84 27.37
C ASP A 633 17.32 0.34 27.44
N LEU A 634 17.95 -0.36 26.49
CA LEU A 634 17.81 -1.80 26.40
C LEU A 634 18.12 -2.50 27.72
N GLU A 635 19.12 -2.00 28.44
CA GLU A 635 19.47 -2.62 29.73
C GLU A 635 18.32 -2.54 30.72
N HIS A 636 17.70 -1.35 30.84
CA HIS A 636 16.56 -1.20 31.74
C HIS A 636 15.39 -2.10 31.32
N ILE A 637 15.18 -2.23 30.02
CA ILE A 637 14.10 -3.08 29.52
C ILE A 637 14.30 -4.51 29.98
N VAL A 638 15.50 -5.05 29.76
CA VAL A 638 15.78 -6.43 30.17
C VAL A 638 15.63 -6.58 31.67
N ASN A 639 16.02 -5.56 32.43
CA ASN A 639 15.89 -5.61 33.89
C ASN A 639 14.42 -5.66 34.30
N GLU A 640 13.60 -4.78 33.72
CA GLU A 640 12.20 -4.73 34.08
C GLU A 640 11.45 -5.96 33.61
N LEU A 641 11.84 -6.55 32.47
CA LEU A 641 11.17 -7.75 31.98
C LEU A 641 11.46 -8.95 32.88
N ALA A 642 12.73 -9.10 33.30
CA ALA A 642 13.07 -10.20 34.20
C ALA A 642 12.25 -10.10 35.49
N VAL A 643 12.00 -8.89 35.97
CA VAL A 643 11.17 -8.69 37.15
C VAL A 643 9.75 -9.19 36.87
N ASP A 644 9.19 -8.80 35.73
CA ASP A 644 7.81 -9.15 35.41
C ASP A 644 7.69 -10.60 34.95
N THR A 645 8.67 -11.09 34.19
CA THR A 645 8.60 -12.44 33.63
C THR A 645 9.34 -13.47 34.47
N GLY A 646 10.39 -13.07 35.20
CA GLY A 646 11.21 -14.00 35.93
C GLY A 646 12.23 -14.74 35.09
N MET A 647 12.39 -14.37 33.82
CA MET A 647 13.33 -15.05 32.95
C MET A 647 14.74 -14.50 33.16
N SER A 648 15.72 -15.24 32.66
CA SER A 648 17.11 -14.83 32.79
C SER A 648 17.42 -13.67 31.85
N ALA A 649 18.48 -12.94 32.17
CA ALA A 649 18.90 -11.82 31.32
C ALA A 649 19.21 -12.29 29.91
N ASP A 650 19.81 -13.48 29.77
CA ASP A 650 20.14 -14.01 28.45
C ASP A 650 18.88 -14.40 27.69
N GLU A 651 17.91 -15.03 28.36
CA GLU A 651 16.67 -15.42 27.71
C GLU A 651 15.92 -14.19 27.20
N ILE A 652 15.92 -13.11 27.97
CA ILE A 652 15.18 -11.91 27.58
C ILE A 652 15.87 -11.23 26.41
N TYR A 653 17.21 -11.08 26.47
CA TYR A 653 17.93 -10.50 25.35
C TYR A 653 17.67 -11.28 24.07
N SER A 654 17.69 -12.61 24.16
CA SER A 654 17.45 -13.44 22.98
C SER A 654 16.03 -13.27 22.46
N LYS A 655 15.06 -13.11 23.36
CA LYS A 655 13.67 -12.96 22.93
C LYS A 655 13.41 -11.59 22.32
N ILE A 656 13.95 -10.53 22.94
CA ILE A 656 13.81 -9.20 22.36
C ILE A 656 14.38 -9.17 20.95
N GLU A 657 15.50 -9.86 20.74
CA GLU A 657 16.08 -9.92 19.40
C GLU A 657 15.17 -10.64 18.43
N ASN A 658 14.51 -11.71 18.89
CA ASN A 658 13.62 -12.48 18.02
C ASN A 658 12.32 -11.74 17.74
N LEU A 659 11.94 -10.76 18.57
CA LEU A 659 10.71 -10.02 18.38
C LEU A 659 10.90 -8.78 17.51
N SER A 660 12.11 -8.22 17.47
CA SER A 660 12.36 -7.04 16.66
C SER A 660 12.07 -7.33 15.19
N GLU A 661 11.44 -6.35 14.53
CA GLU A 661 11.12 -6.43 13.11
C GLU A 661 11.51 -5.14 12.42
N VAL A 662 11.97 -5.26 11.18
CA VAL A 662 12.35 -4.08 10.41
C VAL A 662 11.12 -3.21 10.12
N ASN A 663 10.00 -3.84 9.76
CA ASN A 663 8.77 -3.14 9.42
C ASN A 663 7.62 -3.81 10.15
N PRO A 664 7.47 -3.53 11.45
CA PRO A 664 6.45 -4.24 12.24
C PRO A 664 5.04 -4.06 11.72
N MET A 665 4.74 -2.92 11.09
CA MET A 665 3.40 -2.69 10.58
C MET A 665 3.01 -3.73 9.53
N LEU A 666 3.99 -4.35 8.87
CA LEU A 666 3.75 -5.41 7.90
C LEU A 666 4.31 -6.75 8.38
N GLY A 667 4.54 -6.90 9.67
CA GLY A 667 5.24 -8.03 10.23
C GLY A 667 4.32 -9.04 10.88
N PHE A 668 4.80 -9.60 11.98
CA PHE A 668 4.14 -10.72 12.65
C PHE A 668 3.05 -10.19 13.57
N ARG A 669 1.92 -9.84 12.95
CA ARG A 669 0.80 -9.26 13.69
C ARG A 669 -0.50 -9.65 12.97
N GLY A 670 -1.61 -9.14 13.50
CA GLY A 670 -2.91 -9.49 12.93
C GLY A 670 -3.15 -10.99 13.03
N CYS A 671 -4.02 -11.46 12.12
CA CYS A 671 -4.40 -12.87 12.15
C CYS A 671 -3.20 -13.80 11.99
N ARG A 672 -2.09 -13.28 11.47
CA ARG A 672 -0.86 -14.08 11.42
C ARG A 672 -0.45 -14.55 12.81
N LEU A 673 -0.83 -13.79 13.85
CA LEU A 673 -0.50 -14.16 15.22
C LEU A 673 -1.44 -15.25 15.74
N GLY A 674 -2.74 -15.07 15.53
CA GLY A 674 -3.70 -16.06 16.01
C GLY A 674 -3.60 -17.38 15.27
N ILE A 675 -3.13 -17.35 14.03
CA ILE A 675 -2.95 -18.58 13.27
C ILE A 675 -1.72 -19.34 13.75
N SER A 676 -0.60 -18.63 13.90
CA SER A 676 0.61 -19.27 14.38
C SER A 676 0.42 -19.81 15.80
N TYR A 677 -0.35 -19.10 16.62
CA TYR A 677 -0.59 -19.48 18.02
C TYR A 677 -2.10 -19.56 18.24
N PRO A 678 -2.73 -20.68 17.90
CA PRO A 678 -4.19 -20.77 18.06
C PRO A 678 -4.64 -20.76 19.50
N GLU A 679 -3.77 -21.17 20.45
CA GLU A 679 -4.12 -21.06 21.85
C GLU A 679 -4.48 -19.63 22.23
N LEU A 680 -3.88 -18.65 21.54
CA LEU A 680 -4.23 -17.25 21.78
C LEU A 680 -5.66 -16.96 21.34
N THR A 681 -6.01 -17.36 20.11
CA THR A 681 -7.37 -17.16 19.64
C THR A 681 -8.36 -17.97 20.47
N GLU A 682 -7.93 -19.13 20.98
CA GLU A 682 -8.81 -19.94 21.82
C GLU A 682 -9.16 -19.19 23.10
N MET A 683 -8.16 -18.58 23.73
CA MET A 683 -8.41 -17.84 24.98
C MET A 683 -9.40 -16.70 24.74
N GLN A 684 -9.14 -15.87 23.73
CA GLN A 684 -10.01 -14.73 23.46
C GLN A 684 -11.44 -15.18 23.19
N VAL A 685 -11.62 -16.09 22.22
CA VAL A 685 -12.96 -16.55 21.88
C VAL A 685 -13.66 -17.13 23.11
N ARG A 686 -12.92 -17.88 23.94
CA ARG A 686 -13.52 -18.44 25.15
C ARG A 686 -14.01 -17.32 26.07
N ALA A 687 -13.19 -16.29 26.27
CA ALA A 687 -13.61 -15.17 27.10
C ALA A 687 -14.87 -14.51 26.57
N ILE A 688 -15.00 -14.44 25.24
CA ILE A 688 -16.16 -13.77 24.64
C ILE A 688 -17.44 -14.53 24.99
N PHE A 689 -17.51 -15.80 24.63
CA PHE A 689 -18.75 -16.54 24.84
C PHE A 689 -19.03 -16.79 26.31
N GLN A 690 -17.99 -17.02 27.11
CA GLN A 690 -18.20 -17.09 28.56
C GLN A 690 -18.84 -15.81 29.08
N ALA A 691 -18.41 -14.67 28.55
CA ALA A 691 -19.01 -13.39 28.94
C ALA A 691 -20.40 -13.23 28.34
N ALA A 692 -20.56 -13.62 27.07
CA ALA A 692 -21.86 -13.50 26.42
C ALA A 692 -22.92 -14.30 27.18
N VAL A 693 -22.61 -15.56 27.50
CA VAL A 693 -23.57 -16.38 28.23
C VAL A 693 -23.77 -15.83 29.64
N SER A 694 -22.67 -15.49 30.31
CA SER A 694 -22.77 -14.95 31.66
C SER A 694 -23.68 -13.72 31.68
N MET A 695 -23.56 -12.85 30.68
CA MET A 695 -24.41 -11.67 30.62
C MET A 695 -25.83 -12.05 30.18
N THR A 696 -25.94 -13.02 29.27
CA THR A 696 -27.26 -13.51 28.88
C THR A 696 -28.03 -14.04 30.08
N ASN A 697 -27.34 -14.71 31.00
CA ASN A 697 -27.98 -15.20 32.21
C ASN A 697 -28.40 -14.07 33.14
N GLN A 698 -27.85 -12.88 32.95
CA GLN A 698 -28.24 -11.71 33.74
C GLN A 698 -29.25 -10.83 33.01
N GLY A 699 -29.97 -11.39 32.04
CA GLY A 699 -31.01 -10.66 31.36
C GLY A 699 -30.53 -9.79 30.22
N VAL A 700 -29.23 -9.82 29.91
CA VAL A 700 -28.68 -8.98 28.85
C VAL A 700 -28.91 -9.66 27.50
N THR A 701 -29.35 -8.88 26.52
CA THR A 701 -29.42 -9.33 25.14
C THR A 701 -28.06 -9.11 24.50
N VAL A 702 -27.35 -10.19 24.21
CA VAL A 702 -25.99 -10.14 23.68
C VAL A 702 -26.06 -10.52 22.22
N ILE A 703 -25.55 -9.64 21.36
CA ILE A 703 -25.47 -9.88 19.93
C ILE A 703 -23.99 -9.83 19.54
N PRO A 704 -23.23 -10.88 19.76
CA PRO A 704 -21.78 -10.82 19.57
C PRO A 704 -21.36 -11.10 18.14
N GLU A 705 -20.27 -10.43 17.75
CA GLU A 705 -19.59 -10.68 16.49
C GLU A 705 -18.10 -10.76 16.75
N ILE A 706 -17.44 -11.73 16.11
CA ILE A 706 -15.99 -11.93 16.25
C ILE A 706 -15.35 -11.67 14.91
N MET A 707 -14.39 -10.75 14.87
CA MET A 707 -13.80 -10.25 13.64
C MET A 707 -12.32 -10.59 13.60
N VAL A 708 -11.84 -10.95 12.42
CA VAL A 708 -10.44 -11.36 12.23
C VAL A 708 -9.68 -10.18 11.62
N PRO A 709 -8.46 -9.87 12.11
CA PRO A 709 -7.73 -8.72 11.56
C PRO A 709 -6.73 -9.08 10.48
N LEU A 710 -6.44 -8.12 9.60
CA LEU A 710 -5.32 -8.20 8.66
C LEU A 710 -5.41 -9.44 7.78
N VAL A 711 -6.60 -9.69 7.26
CA VAL A 711 -6.84 -10.84 6.39
C VAL A 711 -6.48 -10.44 4.97
N GLY A 712 -5.80 -11.36 4.27
CA GLY A 712 -5.45 -11.16 2.88
C GLY A 712 -5.81 -12.34 1.99
N THR A 713 -6.26 -13.43 2.59
CA THR A 713 -6.62 -14.63 1.86
C THR A 713 -7.85 -15.25 2.51
N PRO A 714 -8.62 -16.05 1.76
CA PRO A 714 -9.73 -16.78 2.39
C PRO A 714 -9.27 -17.80 3.41
N GLN A 715 -8.10 -18.41 3.21
CA GLN A 715 -7.64 -19.44 4.13
C GLN A 715 -7.40 -18.88 5.52
N GLU A 716 -6.81 -17.68 5.61
CA GLU A 716 -6.58 -17.05 6.90
C GLU A 716 -7.88 -16.93 7.69
N LEU A 717 -8.91 -16.35 7.08
CA LEU A 717 -10.19 -16.22 7.74
C LEU A 717 -10.78 -17.59 8.06
N ARG A 718 -10.78 -18.49 7.07
CA ARG A 718 -11.27 -19.84 7.27
C ARG A 718 -10.58 -20.52 8.45
N HIS A 719 -9.25 -20.37 8.54
CA HIS A 719 -8.49 -20.98 9.62
C HIS A 719 -8.98 -20.51 10.98
N GLN A 720 -9.15 -19.20 11.14
CA GLN A 720 -9.53 -18.67 12.46
C GLN A 720 -10.99 -18.96 12.78
N ILE A 721 -11.88 -18.89 11.78
CA ILE A 721 -13.28 -19.22 12.03
C ILE A 721 -13.40 -20.64 12.57
N SER A 722 -12.58 -21.55 12.05
CA SER A 722 -12.57 -22.92 12.56
C SER A 722 -12.30 -22.94 14.06
N VAL A 723 -11.39 -22.09 14.53
CA VAL A 723 -11.11 -22.02 15.95
C VAL A 723 -12.30 -21.43 16.70
N ILE A 724 -12.89 -20.36 16.15
CA ILE A 724 -14.02 -19.72 16.80
C ILE A 724 -15.14 -20.73 17.03
N ARG A 725 -15.50 -21.47 15.98
CA ARG A 725 -16.60 -22.42 16.11
C ARG A 725 -16.24 -23.57 17.05
N GLY A 726 -14.96 -23.94 17.13
CA GLY A 726 -14.56 -24.98 18.06
C GLY A 726 -14.72 -24.58 19.50
N VAL A 727 -14.32 -23.35 19.85
CA VAL A 727 -14.45 -22.86 21.21
C VAL A 727 -15.92 -22.57 21.54
N ALA A 728 -16.66 -22.03 20.57
CA ALA A 728 -18.07 -21.76 20.80
C ALA A 728 -18.80 -23.01 21.25
N ALA A 729 -18.54 -24.13 20.55
CA ALA A 729 -19.18 -25.39 20.92
C ALA A 729 -18.80 -25.79 22.34
N ASN A 730 -17.51 -25.73 22.68
CA ASN A 730 -17.06 -26.11 24.01
C ASN A 730 -17.71 -25.23 25.08
N VAL A 731 -17.68 -23.91 24.88
CA VAL A 731 -18.26 -23.00 25.86
C VAL A 731 -19.74 -23.27 26.02
N PHE A 732 -20.48 -23.30 24.92
CA PHE A 732 -21.92 -23.53 24.99
C PHE A 732 -22.23 -24.85 25.70
N ALA A 733 -21.45 -25.90 25.41
CA ALA A 733 -21.66 -27.18 26.06
C ALA A 733 -21.34 -27.09 27.56
N GLU A 734 -20.23 -26.45 27.91
CA GLU A 734 -19.85 -26.33 29.31
C GLU A 734 -20.90 -25.56 30.11
N MET A 735 -21.39 -24.46 29.55
CA MET A 735 -22.30 -23.57 30.27
C MET A 735 -23.77 -23.89 30.03
N GLY A 736 -24.08 -24.83 29.13
CA GLY A 736 -25.46 -25.20 28.90
C GLY A 736 -26.30 -24.13 28.25
N VAL A 737 -25.69 -23.19 27.53
CA VAL A 737 -26.41 -22.13 26.84
C VAL A 737 -25.78 -21.95 25.47
N THR A 738 -26.60 -21.88 24.43
CA THR A 738 -26.12 -21.68 23.06
C THR A 738 -26.61 -20.33 22.56
N LEU A 739 -25.68 -19.49 22.12
CA LEU A 739 -25.99 -18.16 21.61
C LEU A 739 -25.69 -18.12 20.11
N GLU A 740 -26.53 -17.40 19.37
CA GLU A 740 -26.20 -17.05 17.99
C GLU A 740 -25.11 -16.00 17.95
N TYR A 741 -24.16 -16.18 17.02
CA TYR A 741 -23.06 -15.23 16.85
C TYR A 741 -22.70 -15.17 15.38
N LYS A 742 -22.00 -14.10 15.00
CA LYS A 742 -21.49 -13.94 13.65
C LYS A 742 -19.97 -13.87 13.65
N VAL A 743 -19.38 -14.26 12.53
CA VAL A 743 -17.94 -14.19 12.31
C VAL A 743 -17.70 -13.38 11.05
N GLY A 744 -16.77 -12.42 11.13
CA GLY A 744 -16.45 -11.58 10.01
C GLY A 744 -14.97 -11.26 9.93
N THR A 745 -14.61 -10.29 9.09
CA THR A 745 -13.21 -10.00 8.81
C THR A 745 -13.03 -8.50 8.62
N MET A 746 -11.86 -8.03 9.03
CA MET A 746 -11.38 -6.74 8.54
C MET A 746 -11.06 -6.85 7.05
N ILE A 747 -11.39 -5.79 6.31
CA ILE A 747 -10.87 -5.61 4.95
C ILE A 747 -9.89 -4.45 4.98
N GLU A 748 -8.68 -4.72 5.44
CA GLU A 748 -7.65 -3.69 5.56
C GLU A 748 -6.37 -4.07 4.80
N ILE A 749 -6.43 -5.09 3.95
CA ILE A 749 -5.34 -5.47 3.07
C ILE A 749 -5.83 -5.32 1.64
N PRO A 750 -5.08 -4.68 0.74
CA PRO A 750 -5.56 -4.56 -0.65
C PRO A 750 -5.96 -5.88 -1.28
N ARG A 751 -5.19 -6.95 -1.06
CA ARG A 751 -5.53 -8.23 -1.66
C ARG A 751 -6.91 -8.71 -1.21
N ALA A 752 -7.26 -8.48 0.06
CA ALA A 752 -8.57 -8.88 0.55
C ALA A 752 -9.69 -8.35 -0.34
N ALA A 753 -9.55 -7.11 -0.82
CA ALA A 753 -10.55 -6.54 -1.70
C ALA A 753 -10.44 -7.09 -3.12
N LEU A 754 -9.22 -7.44 -3.55
CA LEU A 754 -9.04 -7.96 -4.90
C LEU A 754 -9.68 -9.32 -5.09
N ILE A 755 -9.74 -10.13 -4.02
CA ILE A 755 -10.37 -11.44 -4.09
C ILE A 755 -11.48 -11.50 -3.05
N ALA A 756 -12.21 -10.39 -2.90
CA ALA A 756 -13.25 -10.30 -1.89
C ALA A 756 -14.41 -11.25 -2.16
N GLU A 757 -14.60 -11.66 -3.43
CA GLU A 757 -15.66 -12.62 -3.71
C GLU A 757 -15.40 -13.95 -3.04
N GLU A 758 -14.13 -14.31 -2.83
CA GLU A 758 -13.80 -15.55 -2.14
C GLU A 758 -13.98 -15.41 -0.63
N ILE A 759 -13.63 -14.24 -0.08
CA ILE A 759 -13.77 -14.03 1.36
C ILE A 759 -15.23 -13.82 1.73
N GLY A 760 -15.99 -13.16 0.86
CA GLY A 760 -17.40 -12.94 1.16
C GLY A 760 -18.18 -14.22 1.37
N LYS A 761 -17.82 -15.28 0.65
CA LYS A 761 -18.49 -16.56 0.81
C LYS A 761 -18.36 -17.08 2.23
N GLU A 762 -17.29 -16.73 2.93
CA GLU A 762 -16.96 -17.30 4.23
C GLU A 762 -17.06 -16.29 5.37
N ALA A 763 -17.62 -15.11 5.13
CA ALA A 763 -17.69 -14.06 6.14
C ALA A 763 -19.13 -13.58 6.29
N ASP A 764 -19.54 -13.35 7.54
CA ASP A 764 -20.83 -12.74 7.80
C ASP A 764 -20.82 -11.23 7.57
N PHE A 765 -19.68 -10.58 7.80
CA PHE A 765 -19.58 -9.14 7.63
C PHE A 765 -18.16 -8.77 7.21
N PHE A 766 -18.05 -7.62 6.55
CA PHE A 766 -16.78 -6.95 6.33
C PHE A 766 -16.76 -5.65 7.12
N SER A 767 -15.56 -5.27 7.58
CA SER A 767 -15.33 -3.95 8.16
C SER A 767 -14.02 -3.40 7.58
N PHE A 768 -14.13 -2.36 6.77
CA PHE A 768 -12.96 -1.76 6.13
C PHE A 768 -12.10 -1.06 7.18
N GLY A 769 -10.84 -1.45 7.27
CA GLY A 769 -9.88 -0.74 8.09
C GLY A 769 -9.06 0.25 7.27
N THR A 770 -9.62 1.43 7.02
CA THR A 770 -9.00 2.36 6.08
C THR A 770 -7.71 2.96 6.59
N ASN A 771 -7.33 2.71 7.84
CA ASN A 771 -6.01 3.13 8.32
C ASN A 771 -4.92 2.28 7.68
N ASP A 772 -5.04 0.96 7.82
CA ASP A 772 -4.07 0.07 7.19
C ASP A 772 -4.26 0.03 5.68
N LEU A 773 -5.51 -0.01 5.22
CA LEU A 773 -5.76 -0.06 3.78
C LEU A 773 -5.15 1.15 3.09
N THR A 774 -5.38 2.35 3.63
CA THR A 774 -4.76 3.53 3.06
C THR A 774 -3.24 3.40 3.11
N GLN A 775 -2.71 2.90 4.21
CA GLN A 775 -1.26 2.74 4.35
C GLN A 775 -0.71 1.78 3.31
N MET A 776 -1.36 0.63 3.11
CA MET A 776 -0.87 -0.34 2.14
C MET A 776 -1.05 0.19 0.71
N THR A 777 -2.15 0.89 0.45
CA THR A 777 -2.43 1.39 -0.88
C THR A 777 -1.40 2.43 -1.31
N PHE A 778 -1.10 3.38 -0.43
CA PHE A 778 -0.15 4.44 -0.77
C PHE A 778 1.30 4.02 -0.52
N GLY A 779 1.54 3.00 0.30
CA GLY A 779 2.88 2.76 0.77
C GLY A 779 3.34 3.80 1.78
N TYR A 780 2.41 4.42 2.49
CA TYR A 780 2.72 5.44 3.48
C TYR A 780 2.75 4.79 4.86
N SER A 781 3.89 4.87 5.53
CA SER A 781 3.98 4.46 6.92
C SER A 781 3.20 5.46 7.76
N ARG A 782 2.05 5.02 8.30
CA ARG A 782 1.20 5.92 9.08
C ARG A 782 1.98 6.62 10.18
N ASP A 783 3.04 5.99 10.70
CA ASP A 783 3.88 6.62 11.71
C ASP A 783 4.83 7.63 11.07
N ASP A 784 5.51 7.26 9.99
CA ASP A 784 6.62 8.04 9.45
C ASP A 784 6.20 8.89 8.25
N VAL A 785 4.90 9.01 7.98
CA VAL A 785 4.46 9.77 6.80
C VAL A 785 4.79 11.25 6.93
N GLY A 786 4.93 11.76 8.16
CA GLY A 786 5.24 13.17 8.36
C GLY A 786 6.53 13.62 7.73
N LYS A 787 7.44 12.69 7.41
CA LYS A 787 8.72 13.06 6.82
C LYS A 787 8.56 13.85 5.53
N PHE A 788 7.41 13.73 4.86
CA PHE A 788 7.23 14.32 3.54
C PHE A 788 5.81 14.72 3.24
N LEU A 789 4.85 14.48 4.14
CA LEU A 789 3.46 14.79 3.85
C LEU A 789 3.26 16.29 3.68
N GLN A 790 3.98 17.10 4.45
CA GLN A 790 3.83 18.54 4.35
C GLN A 790 4.31 19.05 2.99
N ILE A 791 5.39 18.48 2.46
CA ILE A 791 5.87 18.89 1.15
C ILE A 791 4.89 18.45 0.06
N TYR A 792 4.36 17.22 0.17
CA TYR A 792 3.40 16.74 -0.82
C TYR A 792 2.16 17.62 -0.87
N LEU A 793 1.66 18.04 0.30
CA LEU A 793 0.46 18.87 0.34
C LEU A 793 0.73 20.26 -0.26
N ALA A 794 1.88 20.84 0.06
CA ALA A 794 2.19 22.17 -0.46
C ALA A 794 2.37 22.18 -1.97
N GLN A 795 2.87 21.07 -2.54
CA GLN A 795 3.20 21.01 -3.96
C GLN A 795 2.08 20.39 -4.79
N GLY A 796 0.86 20.33 -4.25
CA GLY A 796 -0.27 19.83 -5.00
C GLY A 796 -0.23 18.35 -5.31
N ILE A 797 0.77 17.62 -4.83
CA ILE A 797 0.83 16.19 -5.04
C ILE A 797 -0.37 15.52 -4.38
N LEU A 798 -0.67 15.90 -3.15
CA LEU A 798 -1.83 15.41 -2.42
C LEU A 798 -2.77 16.57 -2.13
N GLN A 799 -4.06 16.35 -2.32
CA GLN A 799 -5.06 17.34 -1.96
C GLN A 799 -5.46 17.27 -0.49
N HIS A 800 -5.16 16.14 0.17
CA HIS A 800 -5.51 15.94 1.56
C HIS A 800 -4.55 14.93 2.17
N ASP A 801 -4.49 14.91 3.49
CA ASP A 801 -3.88 13.80 4.20
C ASP A 801 -4.74 12.56 3.99
N PRO A 802 -4.30 11.56 3.22
CA PRO A 802 -5.17 10.41 2.96
C PRO A 802 -5.56 9.66 4.22
N PHE A 803 -4.82 9.83 5.33
CA PHE A 803 -5.21 9.22 6.59
C PHE A 803 -6.34 9.97 7.28
N GLU A 804 -6.71 11.16 6.80
CA GLU A 804 -7.82 11.93 7.33
C GLU A 804 -9.03 11.90 6.41
N VAL A 805 -8.84 12.17 5.13
CA VAL A 805 -9.90 12.15 4.13
C VAL A 805 -9.70 10.92 3.26
N ILE A 806 -10.78 10.14 3.07
CA ILE A 806 -10.65 8.91 2.32
C ILE A 806 -10.29 9.22 0.89
N ASP A 807 -9.34 8.46 0.35
CA ASP A 807 -8.90 8.59 -1.04
C ASP A 807 -9.89 7.83 -1.93
N GLN A 808 -10.79 8.58 -2.58
CA GLN A 808 -11.86 7.94 -3.34
C GLN A 808 -11.34 7.29 -4.62
N LYS A 809 -10.39 7.94 -5.29
CA LYS A 809 -9.87 7.38 -6.54
C LYS A 809 -9.16 6.06 -6.32
N GLY A 810 -8.38 5.95 -5.25
CA GLY A 810 -7.59 4.76 -5.00
C GLY A 810 -8.20 3.85 -3.95
N VAL A 811 -8.07 4.23 -2.68
CA VAL A 811 -8.63 3.42 -1.60
C VAL A 811 -10.12 3.21 -1.81
N GLY A 812 -10.84 4.27 -2.20
CA GLY A 812 -12.27 4.14 -2.44
C GLY A 812 -12.59 3.13 -3.51
N GLN A 813 -11.73 3.02 -4.52
CA GLN A 813 -11.95 2.02 -5.57
C GLN A 813 -11.92 0.61 -5.00
N LEU A 814 -11.01 0.36 -4.05
CA LEU A 814 -10.97 -0.96 -3.42
C LEU A 814 -12.20 -1.19 -2.55
N ILE A 815 -12.69 -0.14 -1.89
CA ILE A 815 -13.88 -0.28 -1.06
C ILE A 815 -15.08 -0.66 -1.92
N LYS A 816 -15.31 0.07 -3.01
CA LYS A 816 -16.38 -0.30 -3.93
C LYS A 816 -16.21 -1.72 -4.41
N MET A 817 -14.98 -2.10 -4.76
CA MET A 817 -14.71 -3.45 -5.25
C MET A 817 -15.11 -4.51 -4.23
N ALA A 818 -14.58 -4.41 -3.01
CA ALA A 818 -14.87 -5.41 -1.99
C ALA A 818 -16.34 -5.42 -1.63
N THR A 819 -16.96 -4.24 -1.49
CA THR A 819 -18.37 -4.18 -1.16
C THR A 819 -19.22 -4.88 -2.21
N GLU A 820 -18.98 -4.56 -3.49
CA GLU A 820 -19.75 -5.17 -4.56
C GLU A 820 -19.47 -6.67 -4.67
N LYS A 821 -18.20 -7.07 -4.54
CA LYS A 821 -17.84 -8.48 -4.65
C LYS A 821 -18.43 -9.29 -3.51
N GLY A 822 -18.28 -8.81 -2.28
CA GLY A 822 -18.77 -9.56 -1.14
C GLY A 822 -20.28 -9.73 -1.14
N ARG A 823 -21.01 -8.69 -1.50
CA ARG A 823 -22.47 -8.79 -1.54
C ARG A 823 -22.96 -9.68 -2.67
N ALA A 824 -22.25 -9.67 -3.81
CA ALA A 824 -22.62 -10.58 -4.89
C ALA A 824 -22.38 -12.03 -4.50
N ALA A 825 -21.42 -12.28 -3.62
CA ALA A 825 -21.09 -13.62 -3.17
C ALA A 825 -21.91 -14.05 -1.96
N ASN A 826 -22.29 -13.10 -1.11
CA ASN A 826 -23.07 -13.39 0.10
C ASN A 826 -24.08 -12.26 0.26
N PRO A 827 -25.27 -12.38 -0.34
CA PRO A 827 -26.24 -11.28 -0.29
C PRO A 827 -26.55 -10.79 1.11
N SER A 828 -26.40 -11.63 2.14
CA SER A 828 -26.68 -11.23 3.51
C SER A 828 -25.45 -10.63 4.20
N LEU A 829 -24.43 -10.27 3.44
CA LEU A 829 -23.22 -9.71 4.03
C LEU A 829 -23.50 -8.30 4.54
N LYS A 830 -22.99 -8.00 5.73
CA LYS A 830 -23.03 -6.65 6.28
C LYS A 830 -21.65 -6.01 6.11
N VAL A 831 -21.64 -4.73 5.74
CA VAL A 831 -20.42 -4.02 5.36
C VAL A 831 -20.34 -2.72 6.15
N GLY A 832 -19.23 -2.53 6.84
CA GLY A 832 -19.00 -1.30 7.60
C GLY A 832 -17.60 -0.75 7.42
N ILE A 833 -17.29 0.28 8.21
CA ILE A 833 -16.00 0.96 8.16
C ILE A 833 -15.66 1.40 9.58
N CYS A 834 -14.54 0.90 10.11
CA CYS A 834 -14.09 1.27 11.45
C CYS A 834 -12.78 2.03 11.45
N GLY A 835 -12.21 2.33 10.29
CA GLY A 835 -11.07 3.22 10.23
C GLY A 835 -11.42 4.62 10.69
N GLU A 836 -10.38 5.42 10.90
CA GLU A 836 -10.58 6.77 11.42
C GLU A 836 -11.42 7.63 10.49
N HIS A 837 -11.50 7.28 9.21
CA HIS A 837 -12.34 8.02 8.30
C HIS A 837 -13.83 7.85 8.59
N GLY A 838 -14.19 6.81 9.35
CA GLY A 838 -15.57 6.62 9.75
C GLY A 838 -16.18 7.81 10.47
N GLY A 839 -15.34 8.64 11.10
CA GLY A 839 -15.80 9.82 11.80
C GLY A 839 -15.51 11.13 11.11
N GLU A 840 -15.07 11.10 9.85
CA GLU A 840 -14.74 12.32 9.11
C GLU A 840 -15.89 12.65 8.18
N PRO A 841 -16.51 13.83 8.27
CA PRO A 841 -17.74 14.08 7.49
C PRO A 841 -17.64 13.77 6.00
N SER A 842 -16.62 14.29 5.31
CA SER A 842 -16.52 14.06 3.87
C SER A 842 -16.42 12.56 3.55
N SER A 843 -15.72 11.80 4.39
CA SER A 843 -15.62 10.36 4.15
C SER A 843 -16.92 9.66 4.46
N VAL A 844 -17.66 10.12 5.47
CA VAL A 844 -18.95 9.53 5.78
C VAL A 844 -19.88 9.64 4.58
N ALA A 845 -19.91 10.81 3.94
CA ALA A 845 -20.74 10.98 2.76
C ALA A 845 -20.35 10.01 1.66
N PHE A 846 -19.06 9.75 1.51
CA PHE A 846 -18.61 8.78 0.51
C PHE A 846 -19.11 7.38 0.85
N PHE A 847 -18.92 6.96 2.10
CA PHE A 847 -19.37 5.63 2.50
C PHE A 847 -20.86 5.46 2.27
N ASP A 848 -21.64 6.52 2.49
CA ASP A 848 -23.07 6.44 2.21
C ASP A 848 -23.31 6.18 0.73
N GLY A 849 -22.51 6.79 -0.14
CA GLY A 849 -22.67 6.57 -1.57
C GLY A 849 -22.33 5.16 -1.99
N VAL A 850 -21.27 4.59 -1.41
CA VAL A 850 -20.90 3.22 -1.71
C VAL A 850 -21.96 2.23 -1.26
N GLY A 851 -22.87 2.64 -0.39
CA GLY A 851 -23.90 1.75 0.10
C GLY A 851 -23.50 0.93 1.31
N LEU A 852 -22.49 1.37 2.07
CA LEU A 852 -22.13 0.69 3.30
C LEU A 852 -23.29 0.71 4.29
N ASP A 853 -23.30 -0.28 5.18
CA ASP A 853 -24.40 -0.39 6.14
C ASP A 853 -24.19 0.49 7.35
N TYR A 854 -22.95 0.72 7.77
CA TYR A 854 -22.69 1.53 8.95
C TYR A 854 -21.28 2.06 8.91
N VAL A 855 -21.03 3.07 9.74
CA VAL A 855 -19.69 3.54 10.04
C VAL A 855 -19.45 3.38 11.54
N SER A 856 -18.19 3.23 11.91
CA SER A 856 -17.81 3.07 13.30
C SER A 856 -16.67 4.01 13.63
N CYS A 857 -16.82 4.75 14.73
CA CYS A 857 -15.84 5.76 15.12
C CYS A 857 -15.76 5.82 16.63
N SER A 858 -14.77 6.56 17.13
CA SER A 858 -14.56 6.64 18.56
C SER A 858 -15.78 7.28 19.23
N PRO A 859 -15.96 7.07 20.54
CA PRO A 859 -17.20 7.47 21.21
C PRO A 859 -17.63 8.90 20.95
N PHE A 860 -16.76 9.87 21.24
CA PHE A 860 -17.14 11.27 21.13
C PHE A 860 -17.17 11.78 19.69
N ARG A 861 -16.86 10.92 18.72
CA ARG A 861 -17.09 11.24 17.32
C ARG A 861 -18.41 10.69 16.79
N VAL A 862 -19.08 9.84 17.57
CA VAL A 862 -20.35 9.27 17.13
C VAL A 862 -21.35 10.35 16.76
N PRO A 863 -21.57 11.38 17.59
CA PRO A 863 -22.53 12.42 17.19
C PRO A 863 -22.16 13.11 15.90
N ILE A 864 -20.86 13.24 15.62
CA ILE A 864 -20.44 13.87 14.36
C ILE A 864 -20.88 13.00 13.18
N ALA A 865 -20.52 11.71 13.22
CA ALA A 865 -20.92 10.80 12.14
C ALA A 865 -22.43 10.74 12.00
N ARG A 866 -23.15 10.82 13.12
CA ARG A 866 -24.61 10.84 13.05
C ARG A 866 -25.11 12.01 12.23
N LEU A 867 -24.61 13.21 12.53
CA LEU A 867 -25.03 14.39 11.78
C LEU A 867 -24.53 14.32 10.34
N ALA A 868 -23.29 13.90 10.14
CA ALA A 868 -22.75 13.75 8.79
C ALA A 868 -23.59 12.77 7.98
N ALA A 869 -23.86 11.60 8.56
CA ALA A 869 -24.66 10.59 7.86
C ALA A 869 -26.02 11.15 7.44
N ALA A 870 -26.51 12.18 8.13
CA ALA A 870 -27.78 12.79 7.80
C ALA A 870 -27.63 13.90 6.75
N GLN A 871 -26.59 14.71 6.86
CA GLN A 871 -26.39 15.82 5.94
C GLN A 871 -26.17 15.34 4.51
N VAL A 872 -25.59 14.15 4.33
CA VAL A 872 -25.39 13.63 2.97
C VAL A 872 -26.70 13.14 2.37
N ILE A 873 -27.71 12.86 3.18
CA ILE A 873 -28.99 12.34 2.68
C ILE A 873 -29.89 13.50 2.31
N VAL A 874 -30.15 14.40 3.26
CA VAL A 874 -31.06 15.52 3.03
C VAL A 874 -30.42 16.52 2.09
N LYS B 2 -15.09 -52.53 -20.68
CA LYS B 2 -15.43 -51.57 -19.63
C LYS B 2 -14.29 -51.46 -18.62
N ARG B 3 -13.94 -52.60 -18.03
CA ARG B 3 -12.93 -52.65 -16.97
C ARG B 3 -11.62 -53.29 -17.41
N VAL B 4 -11.69 -54.36 -18.20
CA VAL B 4 -10.50 -55.06 -18.69
C VAL B 4 -10.13 -54.50 -20.05
N PHE B 5 -8.84 -54.26 -20.25
CA PHE B 5 -8.31 -53.77 -21.52
C PHE B 5 -7.25 -54.76 -22.01
N THR B 6 -7.54 -55.43 -23.12
CA THR B 6 -6.64 -56.41 -23.68
C THR B 6 -5.67 -55.76 -24.66
N PHE B 7 -4.62 -56.50 -24.99
CA PHE B 7 -3.65 -56.06 -25.99
C PHE B 7 -2.80 -57.25 -26.41
N GLY B 8 -2.43 -57.27 -27.67
CA GLY B 8 -1.60 -58.35 -28.20
C GLY B 8 -0.94 -57.96 -29.49
N LYS B 9 -0.72 -58.95 -30.35
CA LYS B 9 0.02 -58.73 -31.60
C LYS B 9 -0.84 -57.93 -32.56
N GLY B 10 -0.43 -56.69 -32.83
CA GLY B 10 -1.12 -55.85 -33.79
C GLY B 10 -2.37 -55.17 -33.24
N ARG B 11 -3.00 -55.78 -32.24
CA ARG B 11 -4.20 -55.22 -31.65
C ARG B 11 -3.89 -54.52 -30.33
N SER B 12 -4.77 -53.59 -29.96
CA SER B 12 -4.60 -52.84 -28.71
C SER B 12 -5.85 -52.03 -28.40
N GLU B 13 -6.60 -52.45 -27.37
CA GLU B 13 -7.82 -51.74 -27.01
C GLU B 13 -7.52 -50.30 -26.59
N GLY B 14 -6.51 -50.13 -25.74
CA GLY B 14 -6.15 -48.82 -25.22
C GLY B 14 -5.04 -48.16 -26.04
N ASN B 15 -4.68 -46.95 -25.59
CA ASN B 15 -3.63 -46.17 -26.24
C ASN B 15 -2.75 -45.56 -25.15
N ARG B 16 -1.82 -44.71 -25.56
CA ARG B 16 -0.93 -44.05 -24.61
C ARG B 16 -1.54 -42.79 -24.01
N ASP B 17 -2.57 -42.24 -24.62
CA ASP B 17 -3.25 -41.06 -24.09
C ASP B 17 -4.25 -41.46 -23.02
N GLY B 23 -3.23 -48.31 -16.59
CA GLY B 23 -2.04 -48.13 -15.79
C GLY B 23 -0.95 -47.40 -16.54
N GLY B 24 0.00 -46.82 -15.80
CA GLY B 24 1.17 -46.23 -16.44
C GLY B 24 1.79 -47.15 -17.47
N LYS B 25 1.91 -48.44 -17.13
CA LYS B 25 2.38 -49.42 -18.09
C LYS B 25 1.26 -49.83 -19.05
N GLY B 26 0.06 -50.06 -18.51
CA GLY B 26 -1.05 -50.47 -19.34
C GLY B 26 -1.25 -49.59 -20.56
N ALA B 27 -1.04 -48.28 -20.40
CA ALA B 27 -1.16 -47.38 -21.54
C ALA B 27 0.04 -47.50 -22.47
N ASN B 28 1.24 -47.70 -21.91
CA ASN B 28 2.43 -47.84 -22.75
C ASN B 28 2.47 -49.21 -23.42
N LEU B 29 2.06 -50.26 -22.69
CA LEU B 29 2.01 -51.59 -23.29
C LEU B 29 1.00 -51.63 -24.44
N ALA B 30 -0.11 -50.90 -24.30
CA ALA B 30 -1.12 -50.88 -25.34
C ALA B 30 -0.63 -50.18 -26.61
N GLU B 31 -0.16 -48.95 -26.47
CA GLU B 31 0.33 -48.22 -27.64
C GLU B 31 1.53 -48.92 -28.25
N MET B 32 2.49 -49.34 -27.42
CA MET B 32 3.65 -50.06 -27.94
C MET B 32 3.23 -51.33 -28.67
N SER B 33 2.07 -51.88 -28.33
CA SER B 33 1.56 -53.06 -29.03
C SER B 33 0.85 -52.69 -30.32
N SER B 34 0.31 -51.47 -30.42
CA SER B 34 -0.42 -51.06 -31.60
C SER B 34 0.48 -50.64 -32.75
N ILE B 35 1.76 -50.37 -32.49
CA ILE B 35 2.69 -49.98 -33.54
C ILE B 35 3.34 -51.22 -34.13
N GLY B 36 2.91 -52.40 -33.70
CA GLY B 36 3.33 -53.63 -34.33
C GLY B 36 4.53 -54.30 -33.70
N LEU B 37 4.86 -53.98 -32.45
CA LEU B 37 6.01 -54.58 -31.79
C LEU B 37 5.62 -55.86 -31.07
N SER B 38 6.63 -56.67 -30.77
CA SER B 38 6.43 -57.97 -30.12
C SER B 38 6.25 -57.75 -28.62
N VAL B 39 5.04 -57.36 -28.25
CA VAL B 39 4.66 -57.16 -26.86
C VAL B 39 3.88 -58.38 -26.41
N PRO B 40 4.34 -59.13 -25.41
CA PRO B 40 3.59 -60.30 -24.94
C PRO B 40 2.14 -59.93 -24.65
N PRO B 41 1.17 -60.65 -25.24
CA PRO B 41 -0.22 -60.28 -25.04
C PRO B 41 -0.62 -60.42 -23.58
N GLY B 42 -1.53 -59.55 -23.16
CA GLY B 42 -1.96 -59.56 -21.78
C GLY B 42 -3.21 -58.74 -21.56
N LEU B 43 -3.46 -58.45 -20.29
CA LEU B 43 -4.70 -57.82 -19.85
C LEU B 43 -4.35 -56.68 -18.90
N THR B 44 -5.22 -55.66 -18.86
CA THR B 44 -5.05 -54.51 -17.97
C THR B 44 -6.38 -54.25 -17.28
N ILE B 45 -6.49 -54.68 -16.02
CA ILE B 45 -7.62 -54.27 -15.21
C ILE B 45 -7.56 -52.75 -15.00
N SER B 46 -8.72 -52.13 -14.90
CA SER B 46 -8.79 -50.68 -14.69
C SER B 46 -8.33 -50.29 -13.29
N ASP B 66 -14.63 -61.79 -13.49
CA ASP B 66 -15.17 -62.48 -14.65
C ASP B 66 -14.62 -61.87 -15.94
N GLU B 67 -14.59 -60.53 -15.99
CA GLU B 67 -14.04 -59.86 -17.16
C GLU B 67 -12.60 -60.28 -17.42
N ILE B 68 -11.84 -60.58 -16.37
CA ILE B 68 -10.50 -61.10 -16.54
C ILE B 68 -10.51 -62.45 -17.23
N SER B 69 -11.63 -63.18 -17.16
CA SER B 69 -11.76 -64.44 -17.89
C SER B 69 -11.97 -64.19 -19.38
N GLU B 70 -12.90 -63.29 -19.72
CA GLU B 70 -13.14 -62.97 -21.12
C GLU B 70 -11.85 -62.50 -21.78
N GLY B 71 -11.12 -61.61 -21.12
CA GLY B 71 -9.84 -61.17 -21.66
C GLY B 71 -8.83 -62.29 -21.70
N LEU B 72 -8.85 -63.17 -20.69
CA LEU B 72 -7.96 -64.32 -20.69
C LEU B 72 -8.20 -65.20 -21.91
N ASP B 73 -9.42 -65.17 -22.47
CA ASP B 73 -9.70 -65.91 -23.68
C ASP B 73 -8.99 -65.28 -24.88
N TYR B 74 -8.94 -63.95 -24.92
CA TYR B 74 -8.24 -63.28 -26.00
C TYR B 74 -6.74 -63.51 -25.90
N VAL B 75 -6.18 -63.38 -24.69
CA VAL B 75 -4.76 -63.63 -24.50
C VAL B 75 -4.44 -65.11 -24.71
N GLN B 76 -5.41 -66.00 -24.43
CA GLN B 76 -5.18 -67.42 -24.61
C GLN B 76 -5.07 -67.77 -26.09
N LYS B 77 -6.06 -67.36 -26.89
CA LYS B 77 -6.05 -67.67 -28.33
C LYS B 77 -4.81 -67.11 -29.01
N GLU B 78 -4.41 -65.89 -28.65
CA GLU B 78 -3.24 -65.28 -29.28
C GLU B 78 -1.96 -66.04 -28.97
N MET B 79 -1.91 -66.77 -27.87
CA MET B 79 -0.70 -67.50 -27.47
C MET B 79 -0.78 -69.00 -27.77
N SER B 80 -1.94 -69.50 -28.19
CA SER B 80 -2.12 -70.94 -28.42
C SER B 80 -1.83 -71.72 -27.13
N ALA B 81 -2.34 -71.22 -26.01
CA ALA B 81 -2.13 -71.84 -24.71
C ALA B 81 -3.03 -71.16 -23.70
N SER B 82 -3.40 -71.89 -22.65
CA SER B 82 -4.24 -71.35 -21.60
C SER B 82 -4.24 -72.27 -20.38
N LYS B 88 -0.64 -77.63 -23.33
CA LYS B 88 -0.09 -76.37 -23.82
C LYS B 88 -0.10 -75.31 -22.72
N PRO B 89 0.89 -75.34 -21.83
CA PRO B 89 0.84 -74.50 -20.62
C PRO B 89 0.95 -73.02 -20.97
N LEU B 90 0.41 -72.20 -20.06
CA LEU B 90 0.51 -70.74 -20.16
C LEU B 90 0.88 -70.20 -18.78
N LEU B 91 2.16 -69.91 -18.59
CA LEU B 91 2.62 -69.23 -17.39
C LEU B 91 2.36 -67.73 -17.53
N LEU B 92 1.95 -67.10 -16.43
CA LEU B 92 1.58 -65.69 -16.44
C LEU B 92 2.47 -64.90 -15.48
N SER B 93 2.33 -63.57 -15.56
CA SER B 93 2.97 -62.66 -14.63
C SER B 93 1.98 -61.57 -14.26
N VAL B 94 2.03 -61.14 -12.99
CA VAL B 94 1.23 -60.02 -12.50
C VAL B 94 2.17 -58.88 -12.16
N ARG B 95 1.80 -57.67 -12.56
CA ARG B 95 2.62 -56.49 -12.34
C ARG B 95 1.74 -55.32 -11.93
N SER B 96 2.18 -54.59 -10.91
CA SER B 96 1.50 -53.36 -10.50
C SER B 96 1.93 -52.20 -11.38
N GLY B 97 1.01 -51.25 -11.56
CA GLY B 97 1.28 -50.08 -12.37
C GLY B 97 0.33 -48.93 -12.10
N ALA B 98 0.87 -47.79 -11.71
CA ALA B 98 0.08 -46.61 -11.41
C ALA B 98 0.26 -45.56 -12.50
N ALA B 99 -0.63 -44.57 -12.48
CA ALA B 99 -0.55 -43.49 -13.45
C ALA B 99 0.76 -42.71 -13.32
N ILE B 100 1.20 -42.47 -12.08
CA ILE B 100 2.41 -41.69 -11.84
C ILE B 100 3.50 -42.59 -11.30
N ASP B 107 4.73 -55.40 -6.21
CA ASP B 107 5.83 -56.01 -6.96
C ASP B 107 5.30 -56.94 -8.04
N THR B 108 6.21 -57.48 -8.85
CA THR B 108 5.86 -58.33 -9.98
C THR B 108 6.04 -59.79 -9.60
N VAL B 109 4.98 -60.58 -9.83
CA VAL B 109 5.05 -62.04 -9.68
C VAL B 109 5.28 -62.64 -11.06
N LEU B 110 6.29 -63.50 -11.17
CA LEU B 110 6.62 -64.17 -12.42
C LEU B 110 6.35 -65.66 -12.31
N ASN B 111 6.02 -66.27 -13.45
CA ASN B 111 5.89 -67.72 -13.56
C ASN B 111 4.72 -68.23 -12.73
N LEU B 112 3.64 -67.45 -12.69
CA LEU B 112 2.42 -67.87 -12.03
C LEU B 112 1.61 -68.79 -12.93
N GLY B 113 0.91 -69.73 -12.31
CA GLY B 113 0.15 -70.72 -13.04
C GLY B 113 0.87 -72.04 -13.25
N LEU B 114 1.87 -72.35 -12.43
CA LEU B 114 2.67 -73.56 -12.56
C LEU B 114 2.38 -74.49 -11.39
N ASN B 115 2.11 -75.75 -11.70
CA ASN B 115 1.99 -76.79 -10.69
C ASN B 115 2.75 -78.01 -11.21
N ASP B 116 2.54 -79.16 -10.58
CA ASP B 116 3.25 -80.36 -11.02
C ASP B 116 2.69 -80.93 -12.31
N GLU B 117 1.37 -80.83 -12.53
CA GLU B 117 0.81 -81.24 -13.82
C GLU B 117 1.15 -80.24 -14.91
N VAL B 118 1.32 -78.96 -14.55
CA VAL B 118 1.67 -77.95 -15.56
C VAL B 118 3.06 -78.23 -16.11
N VAL B 119 3.99 -78.63 -15.25
CA VAL B 119 5.35 -78.92 -15.69
C VAL B 119 5.38 -80.28 -16.37
N LYS B 125 8.44 -80.02 -22.83
CA LYS B 125 8.20 -79.25 -24.05
C LYS B 125 9.33 -78.25 -24.31
N SER B 126 9.86 -77.66 -23.24
CA SER B 126 10.88 -76.62 -23.35
C SER B 126 12.21 -76.99 -22.71
N GLY B 127 12.25 -77.99 -21.84
CA GLY B 127 13.48 -78.37 -21.17
C GLY B 127 13.30 -78.47 -19.67
N ALA B 128 13.83 -79.54 -19.07
CA ALA B 128 13.60 -79.78 -17.65
C ALA B 128 14.23 -78.69 -16.79
N ARG B 129 15.53 -78.43 -16.98
CA ARG B 129 16.21 -77.40 -16.20
C ARG B 129 15.46 -76.07 -16.25
N PHE B 130 14.99 -75.69 -17.44
CA PHE B 130 14.23 -74.45 -17.57
C PHE B 130 12.96 -74.49 -16.73
N ALA B 131 12.18 -75.57 -16.86
CA ALA B 131 10.93 -75.69 -16.13
C ALA B 131 11.14 -75.63 -14.63
N TYR B 132 11.90 -76.59 -14.09
CA TYR B 132 12.12 -76.61 -12.64
C TYR B 132 12.75 -75.33 -12.14
N ASP B 133 13.58 -74.68 -12.95
CA ASP B 133 14.11 -73.37 -12.58
C ASP B 133 12.97 -72.37 -12.44
N SER B 134 12.10 -72.30 -13.46
CA SER B 134 10.95 -71.39 -13.38
C SER B 134 10.05 -71.76 -12.21
N TYR B 135 9.87 -73.05 -11.96
CA TYR B 135 9.04 -73.50 -10.84
C TYR B 135 9.63 -72.98 -9.52
N ARG B 136 10.91 -73.28 -9.26
CA ARG B 136 11.54 -72.83 -8.04
C ARG B 136 11.39 -71.31 -7.88
N ARG B 137 11.51 -70.56 -8.98
CA ARG B 137 11.33 -69.12 -8.91
C ARG B 137 9.87 -68.75 -8.68
N PHE B 138 8.94 -69.56 -9.18
CA PHE B 138 7.52 -69.30 -8.96
C PHE B 138 7.16 -69.42 -7.49
N LEU B 139 7.77 -70.38 -6.79
CA LEU B 139 7.49 -70.55 -5.36
C LEU B 139 8.04 -69.39 -4.54
N ASP B 140 9.27 -68.96 -4.83
CA ASP B 140 9.87 -67.85 -4.10
C ASP B 140 9.09 -66.56 -4.34
N MET B 141 8.84 -66.22 -5.61
CA MET B 141 8.18 -64.96 -5.91
C MET B 141 6.70 -64.97 -5.54
N PHE B 142 6.04 -66.12 -5.67
CA PHE B 142 4.63 -66.21 -5.28
C PHE B 142 4.48 -66.14 -3.77
N GLY B 143 5.45 -66.66 -3.02
CA GLY B 143 5.35 -66.67 -1.58
C GLY B 143 5.78 -65.38 -0.92
N ASN B 144 6.67 -64.62 -1.56
CA ASN B 144 7.13 -63.35 -1.01
C ASN B 144 6.17 -62.22 -1.33
N VAL B 145 5.73 -62.13 -2.59
CA VAL B 145 4.83 -61.06 -3.00
C VAL B 145 3.41 -61.34 -2.55
N VAL B 146 2.94 -62.57 -2.73
CA VAL B 146 1.54 -62.92 -2.48
C VAL B 146 1.40 -63.44 -1.05
N MET B 147 2.00 -64.59 -0.78
CA MET B 147 1.83 -65.23 0.52
C MET B 147 2.43 -64.38 1.64
N GLY B 148 3.64 -63.89 1.44
CA GLY B 148 4.31 -63.04 2.40
C GLY B 148 5.52 -63.65 3.09
N ILE B 149 5.98 -64.81 2.65
CA ILE B 149 7.18 -65.41 3.25
C ILE B 149 8.41 -64.62 2.80
N PRO B 150 9.31 -64.23 3.71
CA PRO B 150 10.47 -63.45 3.28
C PRO B 150 11.38 -64.26 2.34
N HIS B 151 11.99 -63.54 1.40
CA HIS B 151 12.93 -64.18 0.48
C HIS B 151 14.15 -64.73 1.20
N SER B 152 14.45 -64.23 2.40
CA SER B 152 15.60 -64.74 3.14
C SER B 152 15.46 -66.22 3.45
N LEU B 153 14.24 -66.67 3.77
CA LEU B 153 14.03 -68.08 4.09
C LEU B 153 14.28 -68.97 2.87
N PHE B 154 14.10 -68.44 1.66
CA PHE B 154 14.36 -69.22 0.46
C PHE B 154 15.85 -69.21 0.11
N ASP B 155 16.49 -68.04 0.17
CA ASP B 155 17.92 -67.97 -0.10
C ASP B 155 18.70 -68.84 0.87
N GLU B 156 18.15 -69.08 2.07
CA GLU B 156 18.79 -69.98 3.02
C GLU B 156 18.86 -71.40 2.47
N LYS B 157 17.76 -71.88 1.89
CA LYS B 157 17.75 -73.23 1.33
C LYS B 157 18.70 -73.35 0.14
N LEU B 158 18.68 -72.36 -0.77
CA LEU B 158 19.59 -72.39 -1.91
C LEU B 158 21.04 -72.38 -1.44
N GLU B 159 21.37 -71.51 -0.49
CA GLU B 159 22.73 -71.46 0.03
C GLU B 159 23.14 -72.79 0.64
N GLN B 160 22.22 -73.42 1.39
CA GLN B 160 22.52 -74.71 2.00
C GLN B 160 22.74 -75.79 0.94
N MET B 161 21.88 -75.83 -0.08
CA MET B 161 22.03 -76.82 -1.14
C MET B 161 23.38 -76.67 -1.84
N LYS B 162 23.68 -75.46 -2.32
CA LYS B 162 24.93 -75.20 -3.01
C LYS B 162 26.12 -75.48 -2.09
N ILE B 167 28.92 -77.03 -4.86
CA ILE B 167 28.54 -76.08 -5.90
C ILE B 167 29.06 -74.69 -5.57
N HIS B 168 28.99 -73.79 -6.55
CA HIS B 168 29.38 -72.40 -6.39
C HIS B 168 28.54 -71.41 -7.18
N LEU B 169 27.81 -71.85 -8.21
CA LEU B 169 26.99 -70.97 -9.03
C LEU B 169 25.66 -71.65 -9.27
N ASP B 170 24.62 -70.83 -9.44
CA ASP B 170 23.29 -71.36 -9.72
C ASP B 170 23.26 -72.08 -11.07
N THR B 171 23.99 -71.56 -12.06
CA THR B 171 24.03 -72.19 -13.37
C THR B 171 24.67 -73.57 -13.34
N ASP B 172 25.36 -73.93 -12.26
CA ASP B 172 25.93 -75.27 -12.13
C ASP B 172 24.93 -76.29 -11.62
N LEU B 173 23.80 -75.84 -11.08
CA LEU B 173 22.79 -76.78 -10.57
C LEU B 173 22.14 -77.52 -11.74
N THR B 174 21.99 -78.83 -11.56
CA THR B 174 21.30 -79.65 -12.55
C THR B 174 19.78 -79.46 -12.44
N ALA B 175 19.05 -80.09 -13.37
CA ALA B 175 17.60 -80.11 -13.27
C ALA B 175 17.14 -80.84 -12.02
N ALA B 176 17.84 -81.91 -11.65
CA ALA B 176 17.48 -82.65 -10.44
C ALA B 176 17.69 -81.80 -9.20
N ASP B 177 18.77 -80.99 -9.18
CA ASP B 177 19.00 -80.11 -8.05
C ASP B 177 17.87 -79.10 -7.89
N LEU B 178 17.32 -78.64 -9.02
CA LEU B 178 16.16 -77.75 -8.95
C LEU B 178 14.95 -78.49 -8.41
N LYS B 179 14.77 -79.75 -8.81
CA LYS B 179 13.70 -80.56 -8.25
C LYS B 179 13.80 -80.61 -6.73
N ASP B 180 14.99 -80.88 -6.21
CA ASP B 180 15.19 -80.86 -4.76
C ASP B 180 14.92 -79.46 -4.21
N LEU B 181 15.37 -78.43 -4.92
CA LEU B 181 15.09 -77.07 -4.51
C LEU B 181 13.59 -76.78 -4.55
N VAL B 182 12.90 -77.31 -5.55
CA VAL B 182 11.44 -77.16 -5.62
C VAL B 182 10.81 -77.74 -4.35
N GLU B 183 11.16 -78.98 -4.02
CA GLU B 183 10.62 -79.60 -2.82
C GLU B 183 11.00 -78.80 -1.57
N LYS B 184 12.23 -78.29 -1.54
CA LYS B 184 12.65 -77.46 -0.41
C LYS B 184 11.80 -76.20 -0.29
N TYR B 185 11.52 -75.54 -1.42
CA TYR B 185 10.66 -74.37 -1.40
C TYR B 185 9.26 -74.72 -0.93
N LYS B 186 8.78 -75.91 -1.33
CA LYS B 186 7.45 -76.34 -0.89
C LYS B 186 7.40 -76.51 0.62
N ASN B 187 8.48 -77.00 1.22
CA ASN B 187 8.52 -77.16 2.67
C ASN B 187 8.54 -75.82 3.38
N VAL B 188 9.03 -74.78 2.71
CA VAL B 188 9.06 -73.45 3.33
C VAL B 188 7.66 -72.90 3.52
N TYR B 189 6.73 -73.24 2.60
CA TYR B 189 5.36 -72.74 2.71
C TYR B 189 4.70 -73.24 4.00
N VAL B 190 4.71 -74.56 4.22
CA VAL B 190 4.07 -75.12 5.40
C VAL B 190 4.86 -74.81 6.66
N GLU B 191 6.17 -74.63 6.54
CA GLU B 191 7.01 -74.36 7.70
C GLU B 191 6.72 -72.96 8.26
N THR B 199 -1.81 -74.05 -5.62
CA THR B 199 -1.65 -75.17 -6.53
C THR B 199 -2.56 -75.01 -7.75
N ASP B 200 -3.69 -74.34 -7.55
CA ASP B 200 -4.65 -74.13 -8.64
C ASP B 200 -4.31 -72.85 -9.38
N PRO B 201 -4.24 -72.86 -10.71
CA PRO B 201 -3.92 -71.61 -11.43
C PRO B 201 -4.93 -70.50 -11.20
N LYS B 202 -6.22 -70.82 -11.34
CA LYS B 202 -7.26 -69.80 -11.16
C LYS B 202 -7.13 -69.10 -9.81
N LYS B 203 -6.87 -69.88 -8.75
CA LYS B 203 -6.73 -69.28 -7.43
C LYS B 203 -5.44 -68.47 -7.31
N GLN B 204 -4.34 -69.00 -7.86
CA GLN B 204 -3.07 -68.26 -7.84
C GLN B 204 -3.27 -66.83 -8.34
N LEU B 205 -3.98 -66.68 -9.45
CA LEU B 205 -4.20 -65.35 -10.02
C LEU B 205 -5.08 -64.51 -9.10
N GLU B 206 -6.21 -65.07 -8.65
CA GLU B 206 -7.10 -64.35 -7.75
C GLU B 206 -6.34 -63.76 -6.58
N LEU B 207 -5.61 -64.61 -5.84
CA LEU B 207 -4.83 -64.12 -4.71
C LEU B 207 -3.70 -63.20 -5.18
N ALA B 208 -3.18 -63.42 -6.39
CA ALA B 208 -2.13 -62.54 -6.91
C ALA B 208 -2.70 -61.19 -7.30
N VAL B 209 -3.88 -61.16 -7.93
CA VAL B 209 -4.51 -59.89 -8.28
C VAL B 209 -4.92 -59.15 -7.02
N ASN B 210 -5.47 -59.88 -6.03
CA ASN B 210 -5.88 -59.23 -4.79
C ASN B 210 -4.68 -58.68 -4.04
N ALA B 211 -3.54 -59.37 -4.08
CA ALA B 211 -2.34 -58.90 -3.40
C ALA B 211 -1.76 -57.68 -4.09
N VAL B 212 -1.60 -57.75 -5.41
CA VAL B 212 -1.06 -56.62 -6.16
C VAL B 212 -1.95 -55.38 -5.97
N PHE B 213 -3.27 -55.59 -5.91
CA PHE B 213 -4.20 -54.49 -5.75
C PHE B 213 -4.29 -53.99 -4.31
N ASP B 214 -3.55 -54.60 -3.38
CA ASP B 214 -3.60 -54.16 -1.99
C ASP B 214 -3.12 -52.72 -1.86
N SER B 215 -1.91 -52.45 -2.34
CA SER B 215 -1.31 -51.12 -2.21
C SER B 215 -1.71 -50.23 -3.38
N ALA B 237 -3.16 -49.74 -11.23
CA ALA B 237 -3.94 -50.85 -11.76
C ALA B 237 -3.07 -52.09 -11.92
N VAL B 238 -3.65 -53.14 -12.49
CA VAL B 238 -3.01 -54.46 -12.57
C VAL B 238 -2.77 -54.79 -14.02
N ASN B 239 -1.73 -55.61 -14.26
CA ASN B 239 -1.36 -56.04 -15.61
C ASN B 239 -0.96 -57.51 -15.56
N ILE B 240 -1.73 -58.37 -16.22
CA ILE B 240 -1.38 -59.77 -16.41
C ILE B 240 -1.02 -59.98 -17.87
N GLN B 241 0.15 -60.56 -18.11
CA GLN B 241 0.63 -60.77 -19.47
C GLN B 241 1.25 -62.15 -19.59
N SER B 242 1.22 -62.69 -20.81
CA SER B 242 1.87 -63.96 -21.08
C SER B 242 3.35 -63.90 -20.72
N MET B 243 3.91 -65.07 -20.38
CA MET B 243 5.30 -65.16 -19.95
C MET B 243 6.20 -65.38 -21.17
N VAL B 244 7.19 -64.50 -21.32
CA VAL B 244 8.34 -64.74 -22.18
C VAL B 244 9.51 -65.06 -21.27
N PHE B 245 10.23 -66.14 -21.58
CA PHE B 245 11.22 -66.70 -20.66
C PHE B 245 12.62 -66.30 -21.11
N GLY B 246 13.33 -65.58 -20.25
CA GLY B 246 14.74 -65.31 -20.41
C GLY B 246 15.64 -66.29 -19.70
N ASN B 247 15.10 -67.38 -19.16
CA ASN B 247 15.86 -68.38 -18.42
C ASN B 247 15.78 -69.75 -19.09
N MET B 248 15.63 -69.75 -20.42
CA MET B 248 15.66 -71.00 -21.18
C MET B 248 17.06 -71.50 -21.47
N GLY B 249 18.06 -70.62 -21.44
CA GLY B 249 19.42 -71.03 -21.74
C GLY B 249 20.25 -69.84 -22.19
N ASN B 250 21.38 -70.15 -22.82
CA ASN B 250 22.33 -69.11 -23.21
C ASN B 250 21.70 -68.13 -24.19
N THR B 251 20.88 -68.62 -25.11
CA THR B 251 20.25 -67.77 -26.12
C THR B 251 19.04 -67.01 -25.58
N SER B 252 18.88 -66.94 -24.26
CA SER B 252 17.77 -66.22 -23.65
C SER B 252 18.31 -65.29 -22.57
N GLY B 253 17.59 -64.21 -22.31
CA GLY B 253 17.98 -63.31 -21.25
C GLY B 253 17.06 -62.10 -21.18
N THR B 254 17.43 -61.17 -20.33
CA THR B 254 16.68 -59.93 -20.12
C THR B 254 17.68 -58.78 -20.02
N GLY B 255 17.25 -57.61 -20.49
CA GLY B 255 18.13 -56.46 -20.51
C GLY B 255 17.39 -55.15 -20.41
N VAL B 256 18.12 -54.11 -20.06
CA VAL B 256 17.63 -52.74 -20.00
C VAL B 256 18.59 -51.84 -20.75
N LEU B 257 18.07 -50.74 -21.29
CA LEU B 257 18.91 -49.78 -21.98
C LEU B 257 18.18 -48.45 -22.10
N PHE B 258 18.96 -47.39 -22.27
CA PHE B 258 18.49 -46.14 -22.84
C PHE B 258 18.90 -46.08 -24.31
N THR B 259 17.98 -45.61 -25.16
CA THR B 259 18.28 -45.49 -26.58
C THR B 259 19.39 -44.49 -26.86
N ARG B 260 19.68 -43.59 -25.92
CA ARG B 260 20.85 -42.73 -25.99
C ARG B 260 21.41 -42.54 -24.59
N ASN B 261 22.65 -42.07 -24.52
CA ASN B 261 23.32 -41.93 -23.23
C ASN B 261 22.62 -40.88 -22.38
N PRO B 262 22.08 -41.24 -21.21
CA PRO B 262 21.32 -40.26 -20.43
C PRO B 262 22.20 -39.21 -19.77
N SER B 263 23.50 -39.44 -19.65
CA SER B 263 24.41 -38.47 -19.05
C SER B 263 24.99 -37.53 -20.10
N THR B 264 25.52 -38.09 -21.18
CA THR B 264 26.20 -37.31 -22.21
C THR B 264 25.31 -36.95 -23.39
N GLY B 265 24.23 -37.69 -23.60
CA GLY B 265 23.39 -37.50 -24.76
C GLY B 265 23.90 -38.15 -26.03
N GLU B 266 25.00 -38.87 -25.97
CA GLU B 266 25.52 -39.57 -27.14
C GLU B 266 24.47 -40.51 -27.70
N LYS B 267 24.39 -40.57 -29.04
CA LYS B 267 23.40 -41.40 -29.72
C LYS B 267 23.94 -42.81 -29.88
N LYS B 268 23.93 -43.55 -28.77
CA LYS B 268 24.42 -44.92 -28.73
C LYS B 268 23.70 -45.65 -27.61
N LEU B 269 23.28 -46.88 -27.88
CA LEU B 269 22.54 -47.65 -26.89
C LEU B 269 23.35 -47.80 -25.61
N TYR B 270 22.71 -47.56 -24.48
CA TYR B 270 23.38 -47.48 -23.18
C TYR B 270 22.62 -48.37 -22.21
N GLY B 271 23.08 -49.60 -22.04
CA GLY B 271 22.34 -50.55 -21.22
C GLY B 271 23.14 -51.79 -20.95
N GLU B 272 22.44 -52.78 -20.39
CA GLU B 272 23.03 -54.04 -19.96
C GLU B 272 22.18 -55.19 -20.48
N PHE B 273 22.63 -56.41 -20.20
CA PHE B 273 21.89 -57.61 -20.59
C PHE B 273 22.46 -58.79 -19.83
N LEU B 274 21.58 -59.69 -19.39
CA LEU B 274 21.97 -60.86 -18.62
C LEU B 274 21.37 -62.10 -19.27
N ILE B 275 22.22 -63.00 -19.75
CA ILE B 275 21.74 -64.23 -20.37
C ILE B 275 21.22 -65.19 -19.29
N ASN B 276 20.20 -65.95 -19.65
CA ASN B 276 19.68 -67.05 -18.84
C ASN B 276 19.34 -66.58 -17.43
N ALA B 277 18.44 -65.61 -17.35
CA ALA B 277 18.05 -65.03 -16.07
C ALA B 277 16.66 -64.41 -16.22
N GLN B 278 16.06 -64.10 -15.08
CA GLN B 278 14.72 -63.52 -15.04
C GLN B 278 14.79 -62.01 -15.08
N GLY B 279 13.60 -61.38 -15.18
CA GLY B 279 13.48 -59.94 -15.33
C GLY B 279 14.51 -59.11 -14.61
N GLU B 280 14.21 -58.76 -13.34
CA GLU B 280 15.06 -57.85 -12.57
C GLU B 280 16.41 -58.46 -12.17
N ASP B 281 16.78 -59.67 -12.62
CA ASP B 281 18.11 -60.18 -12.34
C ASP B 281 19.21 -59.31 -12.93
N VAL B 282 18.90 -58.56 -13.98
CA VAL B 282 19.89 -57.65 -14.57
C VAL B 282 20.33 -56.62 -13.53
N VAL B 283 19.36 -55.92 -12.94
CA VAL B 283 19.65 -54.86 -11.98
C VAL B 283 19.77 -55.38 -10.55
N ALA B 284 19.32 -56.60 -10.28
CA ALA B 284 19.40 -57.16 -8.93
C ALA B 284 20.82 -57.08 -8.38
N GLY B 285 21.81 -57.31 -9.22
CA GLY B 285 23.20 -57.20 -8.83
C GLY B 285 23.82 -58.48 -8.32
N ILE B 286 23.03 -59.52 -8.04
CA ILE B 286 23.60 -60.80 -7.63
C ILE B 286 24.59 -61.27 -8.68
N ARG B 287 24.22 -61.17 -9.95
CA ARG B 287 25.09 -61.51 -11.07
C ARG B 287 25.49 -60.21 -11.77
N THR B 288 26.51 -60.33 -12.63
CA THR B 288 27.04 -59.16 -13.32
C THR B 288 26.56 -59.18 -14.76
N PRO B 289 25.78 -58.19 -15.21
CA PRO B 289 25.29 -58.21 -16.60
C PRO B 289 26.42 -58.04 -17.60
N GLU B 290 26.10 -58.31 -18.86
CA GLU B 290 27.03 -58.13 -19.97
C GLU B 290 26.77 -56.78 -20.65
N ASP B 291 27.77 -56.35 -21.41
CA ASP B 291 27.62 -55.16 -22.24
C ASP B 291 26.87 -55.50 -23.51
N LEU B 292 26.09 -54.52 -23.99
CA LEU B 292 25.30 -54.73 -25.21
C LEU B 292 26.18 -55.14 -26.39
N GLY B 293 27.42 -54.64 -26.44
CA GLY B 293 28.31 -55.03 -27.53
C GLY B 293 28.47 -56.53 -27.66
N THR B 294 28.45 -57.25 -26.53
CA THR B 294 28.53 -58.71 -26.56
C THR B 294 27.22 -59.36 -26.97
N MET B 295 26.09 -58.68 -26.76
CA MET B 295 24.83 -59.18 -27.31
C MET B 295 24.83 -59.10 -28.83
N GLU B 296 25.48 -58.07 -29.39
CA GLU B 296 25.60 -57.97 -30.84
C GLU B 296 26.44 -59.10 -31.42
N THR B 297 27.43 -59.58 -30.67
CA THR B 297 28.29 -60.65 -31.15
C THR B 297 27.62 -62.02 -31.00
N CYS B 298 27.14 -62.32 -29.80
CA CYS B 298 26.61 -63.66 -29.51
C CYS B 298 25.18 -63.83 -30.01
N MET B 299 24.37 -62.76 -30.02
CA MET B 299 22.97 -62.83 -30.41
C MET B 299 22.70 -61.78 -31.48
N PRO B 300 23.14 -62.03 -32.72
CA PRO B 300 22.99 -60.99 -33.74
C PRO B 300 21.55 -60.77 -34.17
N GLU B 301 20.77 -61.84 -34.30
CA GLU B 301 19.37 -61.71 -34.72
C GLU B 301 18.59 -60.86 -33.72
N ALA B 302 18.70 -61.17 -32.42
CA ALA B 302 17.99 -60.41 -31.41
C ALA B 302 18.51 -58.99 -31.32
N TYR B 303 19.83 -58.81 -31.36
CA TYR B 303 20.40 -57.46 -31.31
C TYR B 303 20.03 -56.66 -32.55
N LYS B 304 20.06 -57.29 -33.72
CA LYS B 304 19.65 -56.60 -34.94
C LYS B 304 18.23 -56.06 -34.81
N GLU B 305 17.32 -56.88 -34.25
CA GLU B 305 15.94 -56.44 -34.06
C GLU B 305 15.85 -55.42 -32.93
N LEU B 306 16.70 -55.53 -31.91
CA LEU B 306 16.70 -54.54 -30.84
C LEU B 306 17.06 -53.17 -31.38
N VAL B 307 18.15 -53.07 -32.15
CA VAL B 307 18.54 -51.81 -32.76
C VAL B 307 17.36 -51.23 -33.54
N GLU B 308 16.72 -52.07 -34.34
CA GLU B 308 15.56 -51.62 -35.10
C GLU B 308 14.44 -51.17 -34.18
N ASN B 309 14.20 -51.91 -33.11
CA ASN B 309 13.12 -51.57 -32.18
C ASN B 309 13.42 -50.28 -31.43
N CYS B 310 14.68 -50.06 -31.06
CA CYS B 310 15.04 -48.81 -30.38
C CYS B 310 14.78 -47.62 -31.29
N GLU B 311 15.26 -47.67 -32.53
CA GLU B 311 14.97 -46.59 -33.47
C GLU B 311 13.47 -46.51 -33.73
N ILE B 312 12.76 -47.62 -33.55
CA ILE B 312 11.31 -47.62 -33.70
C ILE B 312 10.65 -46.81 -32.59
N LEU B 313 11.02 -47.09 -31.33
CA LEU B 313 10.42 -46.38 -30.21
C LEU B 313 10.73 -44.89 -30.27
N GLU B 314 12.00 -44.54 -30.52
CA GLU B 314 12.35 -43.13 -30.65
C GLU B 314 11.56 -42.46 -31.76
N ARG B 315 11.31 -43.19 -32.85
CA ARG B 315 10.61 -42.63 -33.99
C ARG B 315 9.14 -42.39 -33.70
N HIS B 316 8.53 -43.18 -32.82
CA HIS B 316 7.10 -43.04 -32.54
C HIS B 316 6.82 -41.97 -31.49
N TYR B 317 7.49 -42.06 -30.34
CA TYR B 317 7.28 -41.09 -29.27
C TYR B 317 8.03 -39.79 -29.50
N LYS B 318 9.05 -39.80 -30.36
CA LYS B 318 9.83 -38.60 -30.65
C LYS B 318 10.71 -38.20 -29.46
N ASP B 319 11.31 -39.18 -28.80
CA ASP B 319 12.12 -38.89 -27.62
C ASP B 319 12.98 -40.09 -27.28
N MET B 320 14.04 -39.83 -26.52
CA MET B 320 14.91 -40.90 -26.03
C MET B 320 14.17 -41.77 -25.04
N MET B 321 14.44 -43.08 -25.07
CA MET B 321 13.67 -44.05 -24.32
C MET B 321 14.54 -44.84 -23.36
N ASP B 322 13.92 -45.21 -22.24
CA ASP B 322 14.43 -46.22 -21.32
C ASP B 322 13.51 -47.44 -21.39
N ILE B 323 14.05 -48.58 -21.80
CA ILE B 323 13.24 -49.72 -22.18
C ILE B 323 13.65 -50.94 -21.35
N GLU B 324 12.73 -51.90 -21.29
CA GLU B 324 13.01 -53.25 -20.80
C GLU B 324 12.63 -54.26 -21.87
N PHE B 325 13.50 -55.25 -22.08
CA PHE B 325 13.26 -56.27 -23.10
C PHE B 325 13.74 -57.62 -22.58
N THR B 326 13.14 -58.68 -23.13
CA THR B 326 13.50 -60.05 -22.79
C THR B 326 13.70 -60.86 -24.06
N VAL B 327 14.77 -61.64 -24.10
CA VAL B 327 15.07 -62.53 -25.22
C VAL B 327 14.75 -63.96 -24.80
N GLN B 328 13.93 -64.64 -25.60
CA GLN B 328 13.59 -66.05 -25.38
C GLN B 328 14.03 -66.83 -26.62
N GLU B 329 15.24 -67.39 -26.56
CA GLU B 329 15.78 -68.21 -27.64
C GLU B 329 15.77 -67.44 -28.96
N ASN B 330 16.46 -66.31 -28.96
CA ASN B 330 16.62 -65.49 -30.16
C ASN B 330 15.27 -64.94 -30.63
N ARG B 331 14.43 -64.56 -29.67
CA ARG B 331 13.14 -63.95 -29.95
C ARG B 331 13.00 -62.72 -29.06
N LEU B 332 13.15 -61.53 -29.65
CA LEU B 332 13.15 -60.30 -28.87
C LEU B 332 11.72 -59.93 -28.47
N TRP B 333 11.53 -59.65 -27.19
CA TRP B 333 10.25 -59.22 -26.65
C TRP B 333 10.42 -57.92 -25.90
N MET B 334 9.56 -56.95 -26.20
CA MET B 334 9.56 -55.67 -25.51
C MET B 334 8.59 -55.73 -24.33
N LEU B 335 9.03 -55.26 -23.17
CA LEU B 335 8.22 -55.29 -21.96
C LEU B 335 7.81 -53.90 -21.50
N GLN B 336 8.77 -53.06 -21.11
CA GLN B 336 8.47 -51.73 -20.59
C GLN B 336 9.27 -50.70 -21.38
N CYS B 337 8.68 -49.51 -21.52
CA CYS B 337 9.37 -48.38 -22.12
C CYS B 337 8.76 -47.09 -21.60
N ARG B 338 9.61 -46.21 -21.07
CA ARG B 338 9.21 -44.88 -20.63
C ARG B 338 10.19 -43.87 -21.17
N THR B 339 9.76 -42.60 -21.22
CA THR B 339 10.66 -41.52 -21.57
C THR B 339 11.89 -41.56 -20.68
N GLY B 340 13.06 -41.40 -21.30
CA GLY B 340 14.32 -41.51 -20.57
C GLY B 340 14.61 -40.25 -19.77
N LYS B 341 14.82 -40.42 -18.46
CA LYS B 341 15.33 -39.34 -17.64
C LYS B 341 16.79 -39.05 -17.99
N ARG B 342 17.15 -37.78 -18.04
CA ARG B 342 18.41 -37.36 -18.61
C ARG B 342 18.97 -36.18 -17.82
N THR B 343 20.28 -35.97 -17.97
CA THR B 343 20.96 -34.84 -17.36
C THR B 343 20.75 -33.58 -18.20
N GLY B 344 21.21 -32.45 -17.66
CA GLY B 344 21.19 -31.22 -18.42
C GLY B 344 21.94 -31.34 -19.73
N LYS B 345 23.14 -31.91 -19.68
CA LYS B 345 23.92 -32.11 -20.90
C LYS B 345 23.15 -32.94 -21.91
N GLY B 346 22.60 -34.08 -21.47
CA GLY B 346 21.92 -34.97 -22.39
C GLY B 346 20.64 -34.36 -22.95
N ALA B 347 19.85 -33.70 -22.10
CA ALA B 347 18.62 -33.06 -22.56
C ALA B 347 18.89 -32.13 -23.74
N VAL B 348 19.97 -31.35 -23.67
CA VAL B 348 20.26 -30.39 -24.72
C VAL B 348 20.85 -31.07 -25.94
N ARG B 349 21.86 -31.93 -25.73
CA ARG B 349 22.47 -32.62 -26.87
C ARG B 349 21.46 -33.47 -27.61
N ILE B 350 20.66 -34.25 -26.87
CA ILE B 350 19.64 -35.08 -27.50
C ILE B 350 18.62 -34.21 -28.22
N ALA B 351 18.25 -33.08 -27.61
CA ALA B 351 17.30 -32.17 -28.25
C ALA B 351 17.87 -31.61 -29.54
N VAL B 352 19.13 -31.14 -29.49
CA VAL B 352 19.76 -30.58 -30.67
C VAL B 352 19.90 -31.64 -31.76
N ASP B 353 20.41 -32.81 -31.40
CA ASP B 353 20.60 -33.86 -32.40
C ASP B 353 19.29 -34.26 -33.05
N MET B 354 18.28 -34.58 -32.23
CA MET B 354 16.99 -34.96 -32.79
C MET B 354 16.44 -33.90 -33.72
N VAL B 355 16.81 -32.64 -33.52
CA VAL B 355 16.42 -31.59 -34.46
C VAL B 355 17.19 -31.77 -35.78
N ASN B 356 18.52 -31.92 -35.69
CA ASN B 356 19.32 -32.14 -36.89
C ASN B 356 18.85 -33.38 -37.63
N GLU B 357 18.47 -34.43 -36.89
CA GLU B 357 18.00 -35.67 -37.48
C GLU B 357 16.64 -35.51 -38.16
N GLY B 358 16.00 -34.35 -38.03
CA GLY B 358 14.66 -34.17 -38.54
C GLY B 358 13.58 -34.84 -37.73
N LEU B 359 13.91 -35.44 -36.59
CA LEU B 359 12.91 -36.17 -35.82
C LEU B 359 11.87 -35.23 -35.23
N ILE B 360 12.30 -34.11 -34.65
CA ILE B 360 11.42 -33.16 -34.01
C ILE B 360 11.73 -31.76 -34.52
N ASP B 361 10.74 -30.88 -34.41
CA ASP B 361 10.92 -29.48 -34.77
C ASP B 361 11.46 -28.68 -33.60
N THR B 362 11.74 -27.41 -33.83
CA THR B 362 12.30 -26.56 -32.79
C THR B 362 11.29 -26.29 -31.68
N ARG B 363 10.00 -26.24 -32.00
CA ARG B 363 8.98 -26.08 -30.97
C ARG B 363 9.13 -27.14 -29.88
N THR B 364 9.13 -28.41 -30.29
CA THR B 364 9.25 -29.50 -29.33
C THR B 364 10.58 -29.44 -28.60
N ALA B 365 11.66 -29.21 -29.33
CA ALA B 365 12.97 -29.12 -28.69
C ALA B 365 12.98 -28.13 -27.54
N ILE B 366 12.38 -26.96 -27.74
CA ILE B 366 12.32 -25.95 -26.67
C ILE B 366 11.58 -26.50 -25.46
N LYS B 367 10.59 -27.37 -25.69
CA LYS B 367 9.87 -28.01 -24.59
C LYS B 367 10.68 -29.13 -23.93
N ARG B 368 11.62 -29.73 -24.66
CA ARG B 368 12.35 -30.89 -24.15
C ARG B 368 13.41 -30.51 -23.13
N VAL B 369 13.82 -29.26 -23.07
CA VAL B 369 14.80 -28.79 -22.10
C VAL B 369 14.04 -27.98 -21.05
N GLU B 370 13.87 -28.56 -19.87
CA GLU B 370 13.24 -27.85 -18.77
C GLU B 370 14.17 -26.77 -18.25
N THR B 371 13.58 -25.72 -17.66
CA THR B 371 14.39 -24.65 -17.08
C THR B 371 15.41 -25.20 -16.10
N GLN B 372 15.07 -26.25 -15.36
CA GLN B 372 16.04 -26.84 -14.44
C GLN B 372 17.19 -27.50 -15.19
N HIS B 373 16.94 -28.01 -16.40
CA HIS B 373 18.04 -28.50 -17.22
C HIS B 373 19.01 -27.38 -17.57
N LEU B 374 18.49 -26.32 -18.20
CA LEU B 374 19.32 -25.17 -18.55
C LEU B 374 20.06 -24.64 -17.34
N ASP B 375 19.39 -24.55 -16.20
CA ASP B 375 20.03 -24.04 -14.98
C ASP B 375 21.24 -24.87 -14.61
N GLN B 376 21.26 -26.16 -14.94
CA GLN B 376 22.41 -27.00 -14.62
C GLN B 376 23.62 -26.63 -15.47
N LEU B 377 23.39 -26.25 -16.72
CA LEU B 377 24.47 -25.95 -17.65
C LEU B 377 25.02 -24.54 -17.53
N LEU B 378 24.43 -23.69 -16.69
CA LEU B 378 24.89 -22.32 -16.56
C LEU B 378 25.90 -22.12 -15.43
N HIS B 379 25.98 -23.06 -14.49
CA HIS B 379 26.80 -22.91 -13.31
C HIS B 379 27.54 -24.21 -13.05
N PRO B 380 28.57 -24.18 -12.21
CA PRO B 380 29.26 -25.43 -11.87
C PRO B 380 28.32 -26.40 -11.16
N GLN B 381 28.63 -27.69 -11.30
CA GLN B 381 27.83 -28.76 -10.70
C GLN B 381 28.75 -29.75 -10.02
N PHE B 382 28.18 -30.51 -9.09
CA PHE B 382 28.87 -31.64 -8.49
C PHE B 382 28.75 -32.87 -9.40
N GLU B 383 29.83 -33.66 -9.44
CA GLU B 383 29.86 -34.80 -10.36
C GLU B 383 28.68 -35.75 -10.12
N ASP B 384 28.37 -36.02 -8.86
CA ASP B 384 27.28 -36.95 -8.52
C ASP B 384 26.75 -36.59 -7.14
N PRO B 385 25.62 -35.87 -7.07
CA PRO B 385 25.07 -35.53 -5.75
C PRO B 385 24.89 -36.73 -4.84
N SER B 386 24.42 -37.85 -5.37
CA SER B 386 24.18 -39.04 -4.55
C SER B 386 25.44 -39.52 -3.84
N ALA B 387 26.62 -39.32 -4.45
CA ALA B 387 27.85 -39.87 -3.90
C ALA B 387 28.33 -39.19 -2.61
N TYR B 388 27.66 -38.12 -2.17
CA TYR B 388 28.05 -37.45 -0.93
C TYR B 388 26.91 -37.36 0.08
N LYS B 389 25.82 -38.09 -0.13
CA LYS B 389 24.68 -38.00 0.80
C LYS B 389 25.11 -38.25 2.24
N SER B 390 26.09 -39.13 2.45
CA SER B 390 26.57 -39.43 3.79
C SER B 390 27.42 -38.31 4.39
N HIS B 391 27.74 -37.28 3.62
CA HIS B 391 28.55 -36.16 4.10
C HIS B 391 27.74 -34.89 4.31
N VAL B 392 26.45 -34.90 3.97
CA VAL B 392 25.60 -33.72 4.19
C VAL B 392 25.41 -33.51 5.68
N VAL B 393 25.72 -32.29 6.14
CA VAL B 393 25.57 -31.93 7.54
C VAL B 393 24.40 -31.00 7.80
N ALA B 394 23.75 -30.49 6.76
CA ALA B 394 22.60 -29.60 6.92
C ALA B 394 22.02 -29.31 5.54
N THR B 395 20.79 -28.79 5.53
CA THR B 395 20.12 -28.40 4.30
C THR B 395 19.40 -27.08 4.52
N GLY B 396 19.73 -26.07 3.72
CA GLY B 396 19.10 -24.79 3.77
C GLY B 396 18.28 -24.49 2.52
N LEU B 397 18.10 -23.16 2.24
CA LEU B 397 17.37 -22.71 1.06
C LEU B 397 18.32 -22.63 -0.13
N PRO B 398 17.87 -23.04 -1.40
CA PRO B 398 18.75 -22.97 -2.58
C PRO B 398 18.82 -21.57 -3.18
N ALA B 399 19.36 -20.63 -2.39
CA ALA B 399 19.27 -19.21 -2.73
C ALA B 399 19.67 -18.93 -4.17
N SER B 400 20.83 -19.44 -4.59
CA SER B 400 21.32 -19.22 -5.94
C SER B 400 21.91 -20.55 -6.41
N PRO B 401 21.49 -21.06 -7.56
CA PRO B 401 21.89 -22.40 -7.96
C PRO B 401 23.38 -22.49 -8.28
N GLY B 402 23.90 -23.72 -8.21
CA GLY B 402 25.28 -23.99 -8.56
C GLY B 402 26.05 -24.67 -7.45
N ALA B 403 27.16 -25.33 -7.79
CA ALA B 403 28.03 -25.94 -6.81
C ALA B 403 29.16 -24.99 -6.43
N ALA B 404 29.67 -25.16 -5.22
CA ALA B 404 30.80 -24.36 -4.73
C ALA B 404 31.59 -25.18 -3.72
N VAL B 405 32.90 -24.99 -3.75
CA VAL B 405 33.82 -25.74 -2.90
C VAL B 405 34.89 -24.79 -2.38
N GLY B 406 35.11 -24.79 -1.08
CA GLY B 406 36.12 -23.91 -0.50
C GLY B 406 36.32 -24.18 0.98
N GLN B 407 37.06 -23.27 1.61
CA GLN B 407 37.43 -23.38 3.01
C GLN B 407 36.59 -22.41 3.85
N VAL B 408 36.30 -22.83 5.08
CA VAL B 408 35.37 -22.06 5.92
C VAL B 408 35.94 -20.69 6.20
N CYS B 409 35.10 -19.66 6.07
CA CYS B 409 35.48 -18.29 6.37
C CYS B 409 34.30 -17.56 7.00
N PHE B 410 34.62 -16.65 7.93
CA PHE B 410 33.60 -16.01 8.76
C PHE B 410 33.51 -14.50 8.61
N SER B 411 34.27 -13.89 7.69
CA SER B 411 34.20 -12.45 7.51
C SER B 411 34.50 -12.10 6.06
N ALA B 412 33.81 -11.08 5.55
CA ALA B 412 34.03 -10.64 4.17
C ALA B 412 35.46 -10.15 3.97
N GLU B 413 36.08 -9.58 5.00
CA GLU B 413 37.46 -9.12 4.87
C GLU B 413 38.39 -10.27 4.53
N ASP B 414 38.28 -11.38 5.26
CA ASP B 414 39.17 -12.52 5.01
C ASP B 414 38.90 -13.16 3.66
N ALA B 415 37.66 -13.06 3.15
CA ALA B 415 37.35 -13.63 1.84
C ALA B 415 38.15 -12.93 0.74
N GLU B 416 38.11 -11.59 0.71
CA GLU B 416 38.87 -10.86 -0.30
C GLU B 416 40.36 -11.14 -0.15
N THR B 417 40.86 -11.16 1.08
CA THR B 417 42.26 -11.47 1.31
C THR B 417 42.60 -12.87 0.79
N TRP B 418 41.82 -13.87 1.19
CA TRP B 418 42.07 -15.23 0.73
C TRP B 418 41.95 -15.32 -0.79
N HIS B 419 40.93 -14.69 -1.37
CA HIS B 419 40.78 -14.71 -2.81
C HIS B 419 41.98 -14.10 -3.52
N ALA B 420 42.48 -12.97 -3.00
CA ALA B 420 43.65 -12.34 -3.60
C ALA B 420 44.86 -13.27 -3.56
N GLN B 421 44.91 -14.17 -2.59
CA GLN B 421 46.00 -15.13 -2.47
C GLN B 421 45.76 -16.41 -3.27
N GLY B 422 44.57 -16.60 -3.82
CA GLY B 422 44.25 -17.79 -4.56
C GLY B 422 43.52 -18.87 -3.78
N LYS B 423 43.07 -18.59 -2.56
CA LYS B 423 42.32 -19.55 -1.77
C LYS B 423 40.83 -19.36 -2.04
N SER B 424 40.13 -20.47 -2.26
CA SER B 424 38.68 -20.45 -2.40
C SER B 424 38.04 -20.40 -1.02
N ALA B 425 37.22 -19.37 -0.80
CA ALA B 425 36.60 -19.13 0.50
C ALA B 425 35.11 -19.36 0.41
N ILE B 426 34.58 -20.20 1.29
CA ILE B 426 33.13 -20.33 1.49
C ILE B 426 32.75 -19.41 2.65
N LEU B 427 32.07 -18.31 2.34
CA LEU B 427 31.68 -17.34 3.35
C LEU B 427 30.50 -17.87 4.14
N VAL B 428 30.70 -18.07 5.45
CA VAL B 428 29.66 -18.54 6.35
C VAL B 428 29.39 -17.44 7.36
N ARG B 429 28.13 -17.02 7.47
CA ARG B 429 27.75 -15.95 8.38
C ARG B 429 26.31 -16.16 8.82
N THR B 430 25.94 -15.47 9.90
CA THR B 430 24.53 -15.42 10.28
C THR B 430 23.73 -14.51 9.35
N GLU B 431 24.38 -13.50 8.76
CA GLU B 431 23.69 -12.49 7.98
C GLU B 431 24.73 -11.60 7.31
N THR B 432 24.42 -11.16 6.09
CA THR B 432 25.30 -10.29 5.33
C THR B 432 24.77 -8.87 5.35
N SER B 433 25.68 -7.90 5.39
CA SER B 433 25.35 -6.49 5.30
C SER B 433 25.96 -5.92 4.02
N PRO B 434 25.49 -4.74 3.58
CA PRO B 434 26.07 -4.14 2.37
C PRO B 434 27.58 -3.98 2.43
N GLU B 435 28.14 -4.00 3.64
CA GLU B 435 29.58 -3.92 3.80
C GLU B 435 30.27 -5.13 3.19
N ASP B 436 29.61 -6.29 3.19
CA ASP B 436 30.23 -7.54 2.76
C ASP B 436 30.16 -7.78 1.26
N VAL B 437 29.58 -6.85 0.49
CA VAL B 437 29.47 -7.06 -0.96
C VAL B 437 30.84 -7.40 -1.54
N GLY B 438 31.89 -6.77 -1.03
CA GLY B 438 33.23 -7.04 -1.54
C GLY B 438 33.63 -8.49 -1.35
N GLY B 439 33.50 -9.00 -0.13
CA GLY B 439 33.86 -10.38 0.15
C GLY B 439 32.91 -11.39 -0.45
N MET B 440 31.62 -11.03 -0.55
CA MET B 440 30.66 -11.94 -1.17
C MET B 440 31.00 -12.18 -2.64
N HIS B 441 31.51 -11.17 -3.33
CA HIS B 441 31.92 -11.34 -4.72
C HIS B 441 33.17 -12.21 -4.82
N ALA B 442 34.03 -12.17 -3.81
CA ALA B 442 35.26 -12.95 -3.84
C ALA B 442 35.06 -14.39 -3.39
N ALA B 443 34.03 -14.66 -2.60
CA ALA B 443 33.79 -16.01 -2.11
C ALA B 443 33.34 -16.92 -3.24
N ALA B 444 33.77 -18.18 -3.19
CA ALA B 444 33.24 -19.18 -4.11
C ALA B 444 31.78 -19.48 -3.82
N GLY B 445 31.37 -19.44 -2.56
CA GLY B 445 30.00 -19.71 -2.18
C GLY B 445 29.68 -19.08 -0.85
N ILE B 446 28.39 -18.85 -0.63
CA ILE B 446 27.91 -18.11 0.53
C ILE B 446 26.96 -19.01 1.31
N LEU B 447 27.11 -19.01 2.64
CA LEU B 447 26.24 -19.77 3.52
C LEU B 447 25.74 -18.85 4.63
N THR B 448 24.43 -18.64 4.68
CA THR B 448 23.81 -17.75 5.66
C THR B 448 22.80 -18.51 6.49
N ALA B 449 22.72 -18.18 7.77
CA ALA B 449 21.76 -18.82 8.66
C ALA B 449 20.37 -18.20 8.55
N ARG B 450 20.29 -16.89 8.31
CA ARG B 450 19.02 -16.18 8.22
C ARG B 450 18.85 -15.62 6.81
N GLY B 451 17.61 -15.38 6.44
CA GLY B 451 17.28 -14.78 5.17
C GLY B 451 16.60 -15.77 4.24
N GLY B 452 15.77 -15.23 3.34
CA GLY B 452 15.04 -16.05 2.40
C GLY B 452 15.64 -16.05 1.01
N MET B 453 14.90 -16.67 0.08
CA MET B 453 15.37 -16.80 -1.30
C MET B 453 15.47 -15.45 -2.00
N THR B 454 14.63 -14.49 -1.61
CA THR B 454 14.64 -13.16 -2.22
C THR B 454 15.41 -12.15 -1.37
N SER B 455 16.12 -12.60 -0.35
CA SER B 455 16.89 -11.71 0.50
C SER B 455 17.97 -11.00 -0.31
N HIS B 456 18.56 -9.97 0.30
CA HIS B 456 19.60 -9.20 -0.37
C HIS B 456 20.76 -10.09 -0.79
N ALA B 457 21.24 -10.94 0.12
CA ALA B 457 22.32 -11.84 -0.20
C ALA B 457 21.96 -12.77 -1.35
N ALA B 458 20.71 -13.21 -1.40
CA ALA B 458 20.28 -14.11 -2.46
C ALA B 458 20.25 -13.41 -3.82
N VAL B 459 19.64 -12.23 -3.88
CA VAL B 459 19.58 -11.50 -5.15
C VAL B 459 20.97 -11.24 -5.69
N VAL B 460 21.85 -10.68 -4.85
CA VAL B 460 23.21 -10.39 -5.29
C VAL B 460 23.90 -11.68 -5.72
N ALA B 461 23.70 -12.76 -4.97
CA ALA B 461 24.31 -14.04 -5.33
C ALA B 461 23.69 -14.57 -6.62
N ARG B 462 22.37 -14.49 -6.74
CA ARG B 462 21.71 -14.94 -7.97
C ARG B 462 22.17 -14.13 -9.16
N GLY B 463 22.35 -12.82 -8.97
CA GLY B 463 22.83 -11.98 -10.06
C GLY B 463 24.23 -12.32 -10.51
N TRP B 464 25.08 -12.76 -9.57
CA TRP B 464 26.45 -13.12 -9.89
C TRP B 464 26.59 -14.57 -10.34
N GLY B 465 25.50 -15.33 -10.40
CA GLY B 465 25.61 -16.76 -10.65
C GLY B 465 26.45 -17.47 -9.62
N LYS B 466 26.46 -16.96 -8.38
CA LYS B 466 27.30 -17.48 -7.32
C LYS B 466 26.47 -18.36 -6.38
N CYS B 467 27.05 -19.49 -6.00
CA CYS B 467 26.36 -20.42 -5.11
C CYS B 467 26.06 -19.77 -3.77
N CYS B 468 24.82 -19.92 -3.31
CA CYS B 468 24.44 -19.42 -2.00
C CYS B 468 23.40 -20.36 -1.39
N VAL B 469 23.64 -20.79 -0.16
CA VAL B 469 22.66 -21.51 0.64
C VAL B 469 22.30 -20.63 1.83
N SER B 470 21.05 -20.20 1.89
CA SER B 470 20.60 -19.26 2.90
C SER B 470 19.57 -19.91 3.82
N GLY B 471 19.32 -19.27 4.94
CA GLY B 471 18.30 -19.74 5.86
C GLY B 471 18.62 -21.08 6.51
N CYS B 472 19.89 -21.47 6.54
CA CYS B 472 20.27 -22.72 7.19
C CYS B 472 19.99 -22.67 8.68
N ALA B 473 18.78 -23.06 9.08
CA ALA B 473 18.32 -22.82 10.44
C ALA B 473 19.03 -23.70 11.46
N ASP B 474 19.57 -24.85 11.04
CA ASP B 474 20.24 -25.77 11.94
C ASP B 474 21.74 -25.52 12.03
N ILE B 475 22.18 -24.28 11.83
CA ILE B 475 23.57 -23.90 12.05
C ILE B 475 23.61 -22.71 12.99
N ARG B 476 24.57 -22.70 13.90
CA ARG B 476 24.83 -21.58 14.80
C ARG B 476 26.27 -21.11 14.59
N VAL B 477 26.43 -19.83 14.27
CA VAL B 477 27.74 -19.26 13.98
C VAL B 477 28.23 -18.51 15.21
N ASN B 478 29.49 -18.72 15.57
CA ASN B 478 30.14 -18.03 16.68
C ASN B 478 31.40 -17.37 16.13
N ASP B 479 31.25 -16.14 15.62
CA ASP B 479 32.36 -15.47 14.94
C ASP B 479 33.54 -15.23 15.88
N ASP B 480 33.26 -15.04 17.17
CA ASP B 480 34.35 -14.86 18.14
C ASP B 480 35.24 -16.10 18.19
N MET B 481 34.66 -17.27 18.42
CA MET B 481 35.42 -18.51 18.50
C MET B 481 35.83 -19.04 17.13
N LYS B 482 35.45 -18.37 16.05
CA LYS B 482 35.81 -18.78 14.70
C LYS B 482 35.46 -20.24 14.45
N ILE B 483 34.19 -20.55 14.70
CA ILE B 483 33.64 -21.89 14.50
C ILE B 483 32.15 -21.74 14.25
N PHE B 484 31.56 -22.76 13.62
CA PHE B 484 30.11 -22.86 13.54
C PHE B 484 29.71 -24.31 13.80
N THR B 485 28.53 -24.48 14.40
CA THR B 485 28.06 -25.78 14.84
C THR B 485 26.78 -26.15 14.08
N ILE B 486 26.62 -27.44 13.85
CA ILE B 486 25.38 -28.00 13.32
C ILE B 486 24.96 -29.11 14.27
N GLY B 487 24.07 -28.80 15.21
CA GLY B 487 23.77 -29.71 16.30
C GLY B 487 24.93 -29.82 17.27
N ASP B 488 25.46 -31.03 17.45
CA ASP B 488 26.60 -31.25 18.33
C ASP B 488 27.93 -31.25 17.60
N ARG B 489 27.92 -31.08 16.28
CA ARG B 489 29.14 -31.06 15.49
C ARG B 489 29.68 -29.64 15.35
N VAL B 490 31.00 -29.51 15.39
CA VAL B 490 31.69 -28.23 15.24
C VAL B 490 32.57 -28.29 14.00
N ILE B 491 32.39 -27.32 13.10
CA ILE B 491 33.18 -27.20 11.89
C ILE B 491 34.01 -25.93 12.00
N LYS B 492 35.32 -26.08 12.14
CA LYS B 492 36.19 -24.96 12.45
C LYS B 492 36.59 -24.20 11.19
N GLU B 493 37.00 -22.96 11.38
CA GLU B 493 37.51 -22.14 10.28
C GLU B 493 38.62 -22.87 9.54
N GLY B 494 38.59 -22.76 8.20
CA GLY B 494 39.56 -23.40 7.35
C GLY B 494 39.18 -24.79 6.91
N ASP B 495 38.29 -25.46 7.64
CA ASP B 495 37.82 -26.78 7.22
C ASP B 495 37.17 -26.67 5.84
N TRP B 496 37.38 -27.70 5.02
CA TRP B 496 36.83 -27.70 3.67
C TRP B 496 35.33 -27.98 3.72
N LEU B 497 34.56 -27.11 3.05
CA LEU B 497 33.11 -27.22 3.00
C LEU B 497 32.65 -27.01 1.57
N SER B 498 31.60 -27.74 1.18
CA SER B 498 31.00 -27.63 -0.13
C SER B 498 29.53 -27.23 0.01
N LEU B 499 29.07 -26.37 -0.89
CA LEU B 499 27.69 -25.92 -0.91
C LEU B 499 27.04 -26.31 -2.23
N ASN B 500 25.75 -26.65 -2.16
CA ASN B 500 24.94 -26.97 -3.34
C ASN B 500 23.78 -25.99 -3.37
N GLY B 501 23.92 -24.91 -4.13
CA GLY B 501 22.90 -23.87 -4.19
C GLY B 501 21.62 -24.29 -4.88
N THR B 502 21.61 -25.42 -5.59
CA THR B 502 20.39 -25.91 -6.21
C THR B 502 19.54 -26.74 -5.26
N THR B 503 20.17 -27.44 -4.31
CA THR B 503 19.47 -28.26 -3.34
C THR B 503 19.53 -27.72 -1.93
N GLY B 504 20.38 -26.71 -1.68
CA GLY B 504 20.55 -26.20 -0.34
C GLY B 504 21.42 -27.05 0.56
N GLU B 505 21.97 -28.15 0.07
CA GLU B 505 22.74 -29.06 0.90
C GLU B 505 24.07 -28.42 1.32
N VAL B 506 24.44 -28.64 2.57
CA VAL B 506 25.75 -28.25 3.09
C VAL B 506 26.52 -29.53 3.36
N ILE B 507 27.61 -29.73 2.63
CA ILE B 507 28.36 -30.98 2.66
C ILE B 507 29.74 -30.73 3.24
N LEU B 508 30.18 -31.61 4.12
CA LEU B 508 31.55 -31.55 4.62
C LEU B 508 32.52 -32.06 3.56
N GLY B 509 33.71 -31.49 3.55
CA GLY B 509 34.77 -31.97 2.68
C GLY B 509 34.77 -31.29 1.33
N LYS B 510 35.69 -31.73 0.48
CA LYS B 510 35.90 -31.15 -0.84
C LYS B 510 35.35 -32.13 -1.88
N GLN B 511 34.15 -31.83 -2.37
CA GLN B 511 33.45 -32.73 -3.29
C GLN B 511 33.82 -32.44 -4.74
N LEU B 512 33.58 -33.43 -5.61
CA LEU B 512 33.94 -33.31 -7.01
C LEU B 512 33.00 -32.39 -7.76
N LEU B 513 33.58 -31.58 -8.64
CA LEU B 513 32.84 -30.77 -9.59
C LEU B 513 32.79 -31.51 -10.93
N ALA B 514 31.64 -31.43 -11.61
CA ALA B 514 31.52 -31.96 -12.96
C ALA B 514 32.22 -31.03 -13.94
N PRO B 515 32.86 -31.55 -14.98
CA PRO B 515 33.54 -30.68 -15.94
C PRO B 515 32.54 -29.84 -16.72
N PRO B 516 32.88 -28.60 -17.03
CA PRO B 516 31.98 -27.79 -17.87
C PRO B 516 31.82 -28.42 -19.24
N ALA B 517 30.70 -28.11 -19.90
CA ALA B 517 30.42 -28.67 -21.21
C ALA B 517 31.07 -27.77 -22.26
N MET B 518 31.96 -28.36 -23.07
CA MET B 518 32.44 -27.69 -24.27
C MET B 518 31.50 -27.85 -25.45
N SER B 519 30.20 -27.81 -25.21
CA SER B 519 29.20 -28.12 -26.22
C SER B 519 28.79 -26.82 -26.90
N ASN B 520 28.95 -26.77 -28.23
CA ASN B 520 28.28 -25.73 -29.01
C ASN B 520 26.76 -25.91 -29.01
N ASP B 521 26.27 -27.07 -28.58
CA ASP B 521 24.84 -27.36 -28.63
C ASP B 521 24.03 -26.37 -27.80
N LEU B 522 24.48 -26.05 -26.58
CA LEU B 522 23.73 -25.14 -25.74
C LEU B 522 23.51 -23.80 -26.42
N GLU B 523 24.53 -23.29 -27.12
CA GLU B 523 24.37 -22.02 -27.82
C GLU B 523 23.33 -22.13 -28.92
N ILE B 524 23.39 -23.20 -29.71
CA ILE B 524 22.42 -23.41 -30.79
C ILE B 524 21.01 -23.49 -30.22
N PHE B 525 20.83 -24.29 -29.17
CA PHE B 525 19.49 -24.46 -28.61
C PHE B 525 18.91 -23.13 -28.15
N MET B 526 19.71 -22.33 -27.44
CA MET B 526 19.21 -21.04 -26.95
C MET B 526 18.84 -20.11 -28.10
N SER B 527 19.50 -20.24 -29.25
CA SER B 527 19.13 -19.42 -30.39
C SER B 527 17.74 -19.78 -30.90
N TRP B 528 17.30 -21.02 -30.69
CA TRP B 528 15.94 -21.40 -31.05
C TRP B 528 14.94 -20.74 -30.10
N ALA B 529 15.22 -20.79 -28.80
CA ALA B 529 14.35 -20.13 -27.84
C ALA B 529 14.32 -18.63 -28.06
N ASP B 530 15.49 -18.04 -28.33
CA ASP B 530 15.55 -16.60 -28.60
C ASP B 530 14.71 -16.24 -29.81
N GLN B 531 14.83 -17.00 -30.89
CA GLN B 531 14.04 -16.75 -32.08
C GLN B 531 12.58 -17.11 -31.91
N ALA B 532 12.23 -17.79 -30.81
CA ALA B 532 10.87 -18.24 -30.55
C ALA B 532 10.11 -17.35 -29.57
N ARG B 533 10.78 -16.79 -28.58
CA ARG B 533 10.11 -16.00 -27.56
C ARG B 533 9.60 -14.67 -28.11
N ARG B 534 8.48 -14.22 -27.55
CA ARG B 534 7.92 -12.90 -27.83
C ARG B 534 8.44 -11.85 -26.86
N LEU B 535 8.54 -12.19 -25.58
CA LEU B 535 9.05 -11.25 -24.59
C LEU B 535 10.53 -10.96 -24.85
N LYS B 536 10.91 -9.71 -24.68
CA LYS B 536 12.33 -9.37 -24.53
C LYS B 536 12.75 -9.57 -23.08
N VAL B 537 14.04 -9.83 -22.89
CA VAL B 537 14.62 -10.07 -21.57
C VAL B 537 15.70 -9.03 -21.33
N MET B 538 15.41 -8.06 -20.46
CA MET B 538 16.39 -7.07 -20.06
C MET B 538 17.11 -7.54 -18.80
N ALA B 539 18.01 -6.70 -18.30
CA ALA B 539 18.89 -7.07 -17.20
C ALA B 539 18.78 -6.05 -16.08
N ASN B 540 18.93 -6.53 -14.84
CA ASN B 540 19.07 -5.68 -13.66
C ASN B 540 20.55 -5.65 -13.27
N ALA B 541 21.22 -4.57 -13.64
CA ALA B 541 22.65 -4.41 -13.38
C ALA B 541 22.92 -2.97 -13.00
N ASP B 542 23.75 -2.78 -11.97
CA ASP B 542 24.01 -1.47 -11.42
C ASP B 542 25.44 -1.00 -11.64
N THR B 543 26.25 -1.76 -12.37
CA THR B 543 27.66 -1.45 -12.57
C THR B 543 28.03 -1.78 -14.01
N PRO B 544 29.08 -1.18 -14.55
CA PRO B 544 29.49 -1.53 -15.92
C PRO B 544 29.81 -3.01 -16.07
N ASN B 545 30.59 -3.57 -15.14
CA ASN B 545 30.97 -4.97 -15.23
C ASN B 545 29.75 -5.88 -15.23
N ASP B 546 28.82 -5.66 -14.30
CA ASP B 546 27.61 -6.47 -14.26
C ASP B 546 26.81 -6.31 -15.54
N ALA B 547 26.81 -5.10 -16.12
CA ALA B 547 26.09 -4.88 -17.37
C ALA B 547 26.73 -5.67 -18.51
N LEU B 548 28.05 -5.79 -18.51
CA LEU B 548 28.72 -6.59 -19.53
C LEU B 548 28.33 -8.06 -19.39
N THR B 549 28.38 -8.59 -18.16
CA THR B 549 27.97 -9.97 -17.93
C THR B 549 26.54 -10.18 -18.40
N ALA B 550 25.65 -9.23 -18.12
CA ALA B 550 24.26 -9.36 -18.54
C ALA B 550 24.15 -9.52 -20.05
N ARG B 551 24.85 -8.67 -20.80
CA ARG B 551 24.79 -8.76 -22.26
C ARG B 551 25.39 -10.06 -22.74
N ASN B 552 26.44 -10.55 -22.08
CA ASN B 552 27.02 -11.83 -22.45
C ASN B 552 26.03 -12.97 -22.26
N ASN B 553 25.11 -12.83 -21.32
CA ASN B 553 24.09 -13.84 -21.06
C ASN B 553 22.83 -13.62 -21.89
N GLY B 554 22.86 -12.70 -22.85
CA GLY B 554 21.77 -12.52 -23.78
C GLY B 554 20.87 -11.34 -23.51
N ALA B 555 21.20 -10.49 -22.53
CA ALA B 555 20.35 -9.36 -22.20
C ALA B 555 20.20 -8.44 -23.40
N GLN B 556 18.97 -8.03 -23.68
CA GLN B 556 18.66 -7.09 -24.76
C GLN B 556 18.60 -5.64 -24.29
N GLY B 557 19.13 -5.36 -23.11
CA GLY B 557 19.08 -4.02 -22.56
C GLY B 557 19.08 -4.08 -21.04
N ILE B 558 19.04 -2.89 -20.44
CA ILE B 558 18.96 -2.75 -18.99
C ILE B 558 17.55 -2.32 -18.65
N GLY B 559 16.83 -3.18 -17.94
CA GLY B 559 15.48 -2.87 -17.49
C GLY B 559 15.46 -2.13 -16.17
N LEU B 560 16.55 -2.22 -15.41
CA LEU B 560 16.61 -1.58 -14.10
C LEU B 560 18.06 -1.42 -13.69
N CYS B 561 18.53 -0.18 -13.60
CA CYS B 561 19.79 0.17 -12.96
C CYS B 561 19.46 0.86 -11.64
N ARG B 562 19.77 0.19 -10.53
CA ARG B 562 19.44 0.73 -9.20
C ARG B 562 20.53 1.72 -8.82
N THR B 563 20.22 3.01 -8.94
CA THR B 563 21.22 4.04 -8.69
C THR B 563 21.68 4.03 -7.24
N GLU B 564 20.79 3.70 -6.31
CA GLU B 564 21.17 3.63 -4.91
C GLU B 564 22.24 2.57 -4.64
N HIS B 565 22.41 1.62 -5.56
CA HIS B 565 23.37 0.54 -5.38
C HIS B 565 24.68 0.78 -6.13
N MET B 566 25.01 2.05 -6.40
CA MET B 566 26.15 2.40 -7.23
C MET B 566 27.26 3.09 -6.44
N PHE B 567 27.43 2.72 -5.16
CA PHE B 567 28.44 3.34 -4.32
C PHE B 567 29.07 2.36 -3.35
N PHE B 568 29.07 1.06 -3.66
CA PHE B 568 29.62 0.06 -2.76
C PHE B 568 31.10 -0.22 -2.98
N ALA B 569 31.72 0.38 -4.00
CA ALA B 569 33.02 -0.12 -4.45
C ALA B 569 34.15 0.27 -3.51
N SER B 570 34.20 1.53 -3.08
CA SER B 570 35.37 2.06 -2.41
C SER B 570 34.95 2.94 -1.24
N ASP B 571 35.91 3.21 -0.35
CA ASP B 571 35.68 4.15 0.73
C ASP B 571 35.33 5.53 0.19
N GLU B 572 35.95 5.91 -0.93
CA GLU B 572 35.65 7.20 -1.54
C GLU B 572 34.16 7.35 -1.82
N ARG B 573 33.57 6.34 -2.47
CA ARG B 573 32.16 6.40 -2.82
C ARG B 573 31.27 6.34 -1.58
N ILE B 574 31.58 5.45 -0.64
CA ILE B 574 30.77 5.33 0.56
C ILE B 574 30.76 6.64 1.35
N LYS B 575 31.92 7.30 1.46
CA LYS B 575 31.99 8.57 2.15
C LYS B 575 31.09 9.62 1.48
N ALA B 576 31.06 9.61 0.14
CA ALA B 576 30.24 10.58 -0.58
C ALA B 576 28.77 10.41 -0.25
N VAL B 577 28.27 9.17 -0.35
CA VAL B 577 26.87 8.91 -0.04
C VAL B 577 26.55 9.37 1.38
N ARG B 578 27.34 8.90 2.35
CA ARG B 578 27.09 9.25 3.74
C ARG B 578 27.08 10.75 3.95
N LYS B 579 27.84 11.50 3.13
CA LYS B 579 27.77 12.95 3.20
C LYS B 579 26.40 13.45 2.71
N MET B 580 25.87 12.82 1.67
CA MET B 580 24.56 13.22 1.16
C MET B 580 23.44 12.86 2.14
N ILE B 581 23.47 11.63 2.67
CA ILE B 581 22.43 11.19 3.58
C ILE B 581 22.41 12.07 4.83
N MET B 582 23.57 12.27 5.44
CA MET B 582 23.66 13.04 6.67
C MET B 582 23.54 14.55 6.44
N ALA B 583 23.42 14.99 5.19
CA ALA B 583 23.40 16.43 4.91
C ALA B 583 22.26 17.10 5.67
N VAL B 584 22.60 18.20 6.35
CA VAL B 584 21.63 19.00 7.09
C VAL B 584 21.33 20.32 6.37
N THR B 585 22.37 21.13 6.11
CA THR B 585 22.14 22.40 5.44
C THR B 585 22.15 22.20 3.93
N PRO B 586 21.43 23.03 3.17
CA PRO B 586 21.49 22.91 1.71
C PRO B 586 22.88 23.13 1.17
N GLU B 587 23.72 23.88 1.88
CA GLU B 587 25.12 24.00 1.48
C GLU B 587 25.84 22.68 1.65
N GLN B 588 25.55 21.96 2.73
CA GLN B 588 26.13 20.64 2.92
C GLN B 588 25.68 19.67 1.84
N ARG B 589 24.38 19.71 1.50
CA ARG B 589 23.86 18.81 0.47
C ARG B 589 24.44 19.15 -0.91
N LYS B 590 24.51 20.44 -1.24
CA LYS B 590 25.05 20.84 -2.53
C LYS B 590 26.47 20.31 -2.71
N VAL B 591 27.29 20.39 -1.67
CA VAL B 591 28.66 19.87 -1.75
C VAL B 591 28.65 18.38 -2.04
N ALA B 592 27.77 17.64 -1.38
CA ALA B 592 27.72 16.19 -1.55
C ALA B 592 27.24 15.82 -2.95
N LEU B 593 26.16 16.44 -3.41
CA LEU B 593 25.61 16.09 -4.72
C LEU B 593 26.63 16.34 -5.82
N ASP B 594 27.40 17.42 -5.72
CA ASP B 594 28.43 17.68 -6.72
C ASP B 594 29.59 16.68 -6.58
N LEU B 595 29.90 16.28 -5.35
CA LEU B 595 30.93 15.27 -5.13
C LEU B 595 30.53 13.91 -5.67
N LEU B 596 29.23 13.65 -5.80
CA LEU B 596 28.75 12.37 -6.31
C LEU B 596 28.68 12.35 -7.84
N LEU B 597 28.49 13.52 -8.47
CA LEU B 597 28.39 13.60 -9.93
C LEU B 597 29.44 12.79 -10.68
N PRO B 598 30.74 12.87 -10.36
CA PRO B 598 31.72 12.07 -11.13
C PRO B 598 31.45 10.57 -11.07
N TYR B 599 31.13 10.03 -9.89
CA TYR B 599 30.89 8.60 -9.78
C TYR B 599 29.70 8.17 -10.63
N GLN B 600 28.60 8.93 -10.60
CA GLN B 600 27.44 8.60 -11.42
C GLN B 600 27.78 8.67 -12.91
N ARG B 601 28.34 9.80 -13.35
CA ARG B 601 28.68 9.96 -14.75
C ARG B 601 29.63 8.86 -15.22
N SER B 602 30.66 8.58 -14.43
CA SER B 602 31.63 7.55 -14.80
C SER B 602 30.97 6.18 -14.87
N ASP B 603 30.39 5.72 -13.75
CA ASP B 603 29.76 4.40 -13.73
C ASP B 603 28.66 4.31 -14.78
N PHE B 604 27.85 5.37 -14.92
CA PHE B 604 26.82 5.39 -15.95
C PHE B 604 27.42 5.34 -17.35
N GLU B 605 28.62 5.87 -17.52
CA GLU B 605 29.27 5.87 -18.83
C GLU B 605 29.63 4.45 -19.27
N GLY B 606 30.25 3.67 -18.38
CA GLY B 606 30.65 2.33 -18.76
C GLY B 606 29.50 1.45 -19.20
N ILE B 607 28.33 1.61 -18.59
CA ILE B 607 27.18 0.78 -18.93
C ILE B 607 26.66 1.10 -20.33
N PHE B 608 26.57 2.38 -20.68
CA PHE B 608 26.02 2.77 -21.98
C PHE B 608 26.79 2.13 -23.12
N ARG B 609 28.13 2.16 -23.07
CA ARG B 609 28.93 1.57 -24.13
C ARG B 609 28.83 0.05 -24.13
N ALA B 610 28.78 -0.56 -22.94
CA ALA B 610 28.64 -2.01 -22.88
C ALA B 610 27.34 -2.46 -23.51
N MET B 611 26.27 -1.70 -23.30
CA MET B 611 24.98 -1.98 -23.91
C MET B 611 24.78 -1.19 -25.19
N ASP B 612 25.86 -0.77 -25.83
CA ASP B 612 25.84 -0.01 -27.07
C ASP B 612 24.77 -0.53 -28.02
N GLY B 613 23.83 0.33 -28.38
CA GLY B 613 22.76 -0.03 -29.28
C GLY B 613 21.53 -0.60 -28.61
N LEU B 614 21.56 -0.76 -27.28
CA LEU B 614 20.47 -1.37 -26.55
C LEU B 614 19.90 -0.37 -25.55
N PRO B 615 18.62 -0.51 -25.18
CA PRO B 615 18.03 0.42 -24.21
C PRO B 615 18.62 0.23 -22.82
N VAL B 616 18.76 1.34 -22.10
CA VAL B 616 19.26 1.33 -20.73
C VAL B 616 18.30 2.16 -19.88
N THR B 617 17.64 1.51 -18.92
CA THR B 617 16.69 2.17 -18.04
C THR B 617 17.35 2.42 -16.68
N ILE B 618 17.61 3.68 -16.37
CA ILE B 618 18.18 4.08 -15.09
C ILE B 618 17.06 4.63 -14.21
N ARG B 619 17.07 4.25 -12.95
CA ARG B 619 16.04 4.63 -12.00
C ARG B 619 16.60 5.61 -10.99
N LEU B 620 15.80 6.61 -10.64
CA LEU B 620 16.23 7.60 -9.66
C LEU B 620 16.38 6.97 -8.28
N LEU B 621 17.15 7.64 -7.42
CA LEU B 621 17.54 7.07 -6.14
C LEU B 621 16.31 6.57 -5.38
N ASP B 622 16.44 5.39 -4.79
CA ASP B 622 15.44 4.83 -3.88
C ASP B 622 16.17 4.14 -2.74
N PRO B 623 16.77 4.91 -1.84
CA PRO B 623 17.79 4.36 -0.95
C PRO B 623 17.17 3.76 0.29
N PRO B 624 17.79 2.71 0.86
CA PRO B 624 17.46 2.32 2.23
C PRO B 624 18.32 3.05 3.23
N LEU B 625 17.81 4.15 3.77
CA LEU B 625 18.62 5.06 4.60
C LEU B 625 19.39 4.28 5.66
N HIS B 626 18.70 3.41 6.40
CA HIS B 626 19.37 2.64 7.45
C HIS B 626 20.48 1.76 6.90
N GLU B 627 20.40 1.38 5.61
CA GLU B 627 21.41 0.51 5.02
C GLU B 627 22.75 1.23 4.83
N PHE B 628 22.72 2.52 4.49
CA PHE B 628 23.95 3.26 4.28
C PHE B 628 24.70 3.57 5.57
N LEU B 629 24.10 3.30 6.74
CA LEU B 629 24.76 3.58 7.99
C LEU B 629 25.71 2.43 8.37
N PRO B 630 26.84 2.73 9.02
CA PRO B 630 27.77 1.67 9.43
C PRO B 630 27.11 0.58 10.29
N ASP B 633 28.02 -0.05 18.20
CA ASP B 633 27.44 0.84 19.20
C ASP B 633 27.10 2.20 18.59
N LEU B 634 26.09 2.86 19.16
CA LEU B 634 25.66 4.15 18.64
C LEU B 634 26.84 5.12 18.53
N GLU B 635 27.74 5.08 19.52
CA GLU B 635 28.91 5.95 19.46
C GLU B 635 29.79 5.61 18.27
N HIS B 636 30.02 4.32 18.03
CA HIS B 636 30.85 3.92 16.89
C HIS B 636 30.22 4.37 15.58
N ILE B 637 28.89 4.29 15.47
CA ILE B 637 28.22 4.74 14.25
C ILE B 637 28.45 6.23 14.06
N VAL B 638 28.17 7.02 15.11
CA VAL B 638 28.38 8.47 15.04
C VAL B 638 29.85 8.79 14.82
N ASN B 639 30.75 7.99 15.40
CA ASN B 639 32.18 8.23 15.24
C ASN B 639 32.60 8.10 13.78
N GLU B 640 32.18 7.02 13.11
CA GLU B 640 32.57 6.81 11.73
C GLU B 640 31.97 7.85 10.79
N LEU B 641 30.77 8.34 11.09
CA LEU B 641 30.14 9.34 10.24
C LEU B 641 30.87 10.68 10.30
N ALA B 642 31.23 11.12 11.50
CA ALA B 642 31.98 12.38 11.62
C ALA B 642 33.31 12.29 10.88
N VAL B 643 33.94 11.12 10.93
CA VAL B 643 35.19 10.93 10.19
C VAL B 643 34.92 11.05 8.69
N ASP B 644 33.88 10.38 8.22
CA ASP B 644 33.56 10.36 6.79
C ASP B 644 32.87 11.65 6.39
N MET B 647 31.04 16.39 9.86
CA MET B 647 30.01 17.15 10.57
C MET B 647 30.21 17.05 12.07
N SER B 648 29.53 17.93 12.81
CA SER B 648 29.63 17.93 14.26
C SER B 648 28.85 16.75 14.85
N ALA B 649 29.21 16.38 16.08
CA ALA B 649 28.54 15.29 16.77
C ALA B 649 27.05 15.55 16.93
N ASP B 650 26.68 16.82 17.17
CA ASP B 650 25.26 17.15 17.33
C ASP B 650 24.50 16.99 16.02
N GLU B 651 25.09 17.45 14.92
CA GLU B 651 24.43 17.31 13.63
C GLU B 651 24.17 15.83 13.30
N ILE B 652 25.14 14.96 13.61
CA ILE B 652 24.99 13.55 13.29
C ILE B 652 23.98 12.89 14.22
N TYR B 653 24.10 13.15 15.54
CA TYR B 653 23.14 12.59 16.48
C TYR B 653 21.72 13.04 16.16
N SER B 654 21.55 14.32 15.86
CA SER B 654 20.22 14.83 15.50
C SER B 654 19.74 14.23 14.19
N LYS B 655 20.65 14.02 13.24
CA LYS B 655 20.25 13.48 11.94
C LYS B 655 19.90 12.00 12.04
N ILE B 656 20.70 11.23 12.78
CA ILE B 656 20.37 9.82 12.98
C ILE B 656 18.99 9.69 13.62
N GLU B 657 18.67 10.57 14.57
CA GLU B 657 17.36 10.56 15.19
C GLU B 657 16.28 10.91 14.18
N ASN B 658 16.56 11.87 13.30
CA ASN B 658 15.58 12.31 12.31
C ASN B 658 15.41 11.34 11.15
N LEU B 659 16.39 10.46 10.90
CA LEU B 659 16.28 9.51 9.80
C LEU B 659 15.66 8.18 10.21
N SER B 660 15.75 7.80 11.49
CA SER B 660 15.19 6.54 11.92
C SER B 660 13.69 6.50 11.62
N GLU B 661 13.22 5.34 11.15
CA GLU B 661 11.82 5.16 10.81
C GLU B 661 11.33 3.84 11.39
N VAL B 662 10.07 3.82 11.84
CA VAL B 662 9.47 2.60 12.36
C VAL B 662 9.33 1.56 11.26
N ASN B 663 8.90 2.00 10.07
CA ASN B 663 8.68 1.12 8.92
C ASN B 663 9.35 1.75 7.71
N PRO B 664 10.69 1.65 7.61
CA PRO B 664 11.37 2.35 6.51
C PRO B 664 10.92 1.90 5.14
N MET B 665 10.45 0.66 5.00
CA MET B 665 10.01 0.16 3.71
C MET B 665 8.84 0.98 3.16
N LEU B 666 8.09 1.65 4.02
CA LEU B 666 7.00 2.53 3.61
C LEU B 666 7.27 3.99 3.97
N GLY B 667 8.53 4.35 4.20
CA GLY B 667 8.90 5.64 4.75
C GLY B 667 9.44 6.60 3.70
N PHE B 668 10.43 7.39 4.12
CA PHE B 668 10.94 8.50 3.31
C PHE B 668 11.98 7.97 2.32
N ARG B 669 11.48 7.39 1.23
CA ARG B 669 12.32 6.80 0.20
C ARG B 669 11.60 6.92 -1.14
N GLY B 670 12.21 6.37 -2.17
CA GLY B 670 11.62 6.48 -3.50
C GLY B 670 11.52 7.94 -3.93
N CYS B 671 10.58 8.19 -4.85
CA CYS B 671 10.43 9.52 -5.42
C CYS B 671 10.13 10.57 -4.36
N ARG B 672 9.64 10.16 -3.19
CA ARG B 672 9.47 11.10 -2.08
C ARG B 672 10.78 11.79 -1.75
N LEU B 673 11.91 11.15 -2.01
CA LEU B 673 13.21 11.75 -1.75
C LEU B 673 13.59 12.75 -2.83
N GLY B 674 13.41 12.38 -4.09
CA GLY B 674 13.72 13.29 -5.18
C GLY B 674 12.79 14.48 -5.25
N ILE B 675 11.56 14.32 -4.75
CA ILE B 675 10.61 15.43 -4.74
C ILE B 675 10.97 16.41 -3.62
N SER B 676 11.21 15.91 -2.42
CA SER B 676 11.59 16.78 -1.31
C SER B 676 12.89 17.51 -1.61
N TYR B 677 13.83 16.83 -2.26
CA TYR B 677 15.15 17.39 -2.57
C TYR B 677 15.39 17.26 -4.07
N PRO B 678 14.87 18.20 -4.86
CA PRO B 678 15.06 18.09 -6.32
C PRO B 678 16.50 18.22 -6.75
N GLU B 679 17.34 18.87 -5.95
CA GLU B 679 18.76 18.95 -6.26
C GLU B 679 19.37 17.56 -6.41
N LEU B 680 18.85 16.57 -5.70
CA LEU B 680 19.35 15.21 -5.83
C LEU B 680 19.00 14.64 -7.20
N THR B 681 17.74 14.79 -7.62
CA THR B 681 17.33 14.34 -8.94
C THR B 681 18.06 15.10 -10.04
N GLU B 682 18.40 16.37 -9.78
CA GLU B 682 19.12 17.15 -10.77
C GLU B 682 20.50 16.56 -11.04
N MET B 683 21.22 16.15 -9.98
CA MET B 683 22.54 15.56 -10.17
C MET B 683 22.46 14.29 -11.01
N GLN B 684 21.55 13.38 -10.63
CA GLN B 684 21.43 12.12 -11.36
C GLN B 684 21.12 12.36 -12.83
N VAL B 685 20.04 13.09 -13.11
CA VAL B 685 19.65 13.33 -14.50
C VAL B 685 20.81 13.96 -15.26
N ARG B 686 21.51 14.90 -14.63
CA ARG B 686 22.66 15.53 -15.28
C ARG B 686 23.75 14.49 -15.53
N ALA B 687 24.05 13.66 -14.53
CA ALA B 687 25.06 12.62 -14.71
C ALA B 687 24.68 11.66 -15.83
N ILE B 688 23.40 11.36 -15.97
CA ILE B 688 22.96 10.44 -17.03
C ILE B 688 23.22 11.06 -18.39
N PHE B 689 22.69 12.25 -18.64
CA PHE B 689 22.87 12.88 -19.94
C PHE B 689 24.33 13.31 -20.14
N GLN B 690 25.01 13.69 -19.07
CA GLN B 690 26.45 13.94 -19.16
C GLN B 690 27.18 12.71 -19.68
N ALA B 691 26.77 11.52 -19.23
CA ALA B 691 27.35 10.29 -19.73
C ALA B 691 26.82 9.93 -21.11
N ALA B 692 25.51 10.10 -21.32
CA ALA B 692 24.90 9.77 -22.61
C ALA B 692 25.51 10.59 -23.74
N VAL B 693 25.59 11.91 -23.56
CA VAL B 693 26.14 12.76 -24.61
C VAL B 693 27.61 12.47 -24.82
N SER B 694 28.37 12.36 -23.72
CA SER B 694 29.80 12.07 -23.85
C SER B 694 30.04 10.76 -24.57
N MET B 695 29.24 9.73 -24.28
CA MET B 695 29.42 8.45 -24.96
C MET B 695 28.90 8.51 -26.39
N THR B 696 27.80 9.23 -26.64
CA THR B 696 27.35 9.41 -28.01
C THR B 696 28.45 10.08 -28.82
N ASN B 697 29.17 11.01 -28.21
CA ASN B 697 30.28 11.67 -28.88
C ASN B 697 31.45 10.72 -29.10
N GLN B 698 31.49 9.59 -28.41
CA GLN B 698 32.52 8.57 -28.61
C GLN B 698 32.02 7.43 -29.48
N GLY B 699 30.98 7.65 -30.28
CA GLY B 699 30.50 6.68 -31.24
C GLY B 699 29.52 5.67 -30.69
N VAL B 700 29.14 5.78 -29.42
CA VAL B 700 28.21 4.83 -28.81
C VAL B 700 26.78 5.22 -29.18
N THR B 701 25.97 4.22 -29.51
CA THR B 701 24.54 4.40 -29.68
C THR B 701 23.86 4.24 -28.32
N VAL B 702 23.40 5.34 -27.74
CA VAL B 702 22.82 5.36 -26.40
C VAL B 702 21.32 5.53 -26.53
N ILE B 703 20.56 4.61 -25.94
CA ILE B 703 19.10 4.69 -25.91
C ILE B 703 18.68 4.76 -24.45
N PRO B 704 18.77 5.92 -23.81
CA PRO B 704 18.55 5.99 -22.36
C PRO B 704 17.10 6.13 -21.97
N GLU B 705 16.78 5.55 -20.81
CA GLU B 705 15.47 5.72 -20.17
C GLU B 705 15.69 6.07 -18.71
N ILE B 706 14.89 7.00 -18.21
CA ILE B 706 14.95 7.42 -16.81
C ILE B 706 13.61 7.08 -16.16
N MET B 707 13.66 6.33 -15.06
CA MET B 707 12.48 5.79 -14.41
C MET B 707 12.37 6.33 -12.99
N VAL B 708 11.14 6.62 -12.58
CA VAL B 708 10.88 7.18 -11.25
C VAL B 708 10.40 6.08 -10.32
N PRO B 709 10.90 6.00 -9.08
CA PRO B 709 10.49 4.91 -8.18
C PRO B 709 9.35 5.26 -7.24
N LEU B 710 8.61 4.23 -6.81
CA LEU B 710 7.66 4.34 -5.71
C LEU B 710 6.62 5.43 -5.97
N VAL B 711 6.09 5.44 -7.18
CA VAL B 711 5.07 6.40 -7.58
C VAL B 711 3.71 5.86 -7.19
N GLY B 712 2.87 6.74 -6.65
CA GLY B 712 1.51 6.37 -6.30
C GLY B 712 0.48 7.35 -6.82
N THR B 713 0.91 8.45 -7.40
CA THR B 713 0.03 9.47 -7.93
C THR B 713 0.62 10.03 -9.21
N PRO B 714 -0.22 10.58 -10.10
CA PRO B 714 0.34 11.25 -11.29
C PRO B 714 1.19 12.45 -10.96
N GLN B 715 0.89 13.16 -9.89
CA GLN B 715 1.64 14.36 -9.54
C GLN B 715 3.10 14.03 -9.22
N GLU B 716 3.34 12.93 -8.50
CA GLU B 716 4.71 12.54 -8.18
C GLU B 716 5.54 12.38 -9.45
N LEU B 717 5.06 11.56 -10.40
CA LEU B 717 5.79 11.37 -11.65
C LEU B 717 5.88 12.68 -12.43
N ARG B 718 4.74 13.36 -12.57
CA ARG B 718 4.72 14.65 -13.27
C ARG B 718 5.74 15.60 -12.67
N HIS B 719 5.80 15.66 -11.33
CA HIS B 719 6.74 16.54 -10.65
C HIS B 719 8.18 16.21 -11.04
N GLN B 720 8.54 14.92 -11.02
CA GLN B 720 9.91 14.54 -11.31
C GLN B 720 10.24 14.69 -12.80
N ILE B 721 9.30 14.37 -13.68
CA ILE B 721 9.53 14.54 -15.12
C ILE B 721 9.85 16.00 -15.42
N SER B 722 9.17 16.93 -14.75
CA SER B 722 9.46 18.35 -14.95
C SER B 722 10.92 18.65 -14.68
N VAL B 723 11.49 18.02 -13.64
CA VAL B 723 12.91 18.22 -13.33
C VAL B 723 13.78 17.59 -14.41
N ILE B 724 13.43 16.37 -14.85
CA ILE B 724 14.24 15.70 -15.87
C ILE B 724 14.34 16.57 -17.12
N ARG B 725 13.21 17.06 -17.61
CA ARG B 725 13.22 17.88 -18.82
C ARG B 725 13.94 19.20 -18.59
N GLY B 726 13.89 19.72 -17.36
CA GLY B 726 14.64 20.93 -17.06
C GLY B 726 16.13 20.73 -17.18
N VAL B 727 16.63 19.60 -16.67
CA VAL B 727 18.04 19.28 -16.81
C VAL B 727 18.35 18.93 -18.26
N ALA B 728 17.41 18.26 -18.93
CA ALA B 728 17.61 17.91 -20.34
C ALA B 728 17.91 19.16 -21.17
N ALA B 729 17.14 20.23 -20.95
CA ALA B 729 17.38 21.47 -21.68
C ALA B 729 18.77 22.01 -21.39
N ASN B 730 19.15 22.07 -20.11
CA ASN B 730 20.46 22.58 -19.73
C ASN B 730 21.59 21.72 -20.31
N VAL B 731 21.47 20.40 -20.13
CA VAL B 731 22.54 19.49 -20.57
C VAL B 731 22.73 19.58 -22.08
N PHE B 732 21.66 19.40 -22.85
CA PHE B 732 21.78 19.40 -24.31
C PHE B 732 22.35 20.72 -24.81
N ALA B 733 21.89 21.84 -24.25
CA ALA B 733 22.41 23.14 -24.68
C ALA B 733 23.87 23.32 -24.30
N GLU B 734 24.23 22.94 -23.07
CA GLU B 734 25.60 23.13 -22.59
C GLU B 734 26.60 22.35 -23.44
N MET B 735 26.29 21.10 -23.77
CA MET B 735 27.23 20.24 -24.50
C MET B 735 27.01 20.29 -26.01
N GLY B 736 26.00 21.00 -26.49
CA GLY B 736 25.78 21.12 -27.91
C GLY B 736 25.34 19.84 -28.60
N VAL B 737 24.75 18.91 -27.86
CA VAL B 737 24.24 17.66 -28.42
C VAL B 737 22.90 17.39 -27.78
N THR B 738 21.89 17.07 -28.60
CA THR B 738 20.55 16.76 -28.13
C THR B 738 20.26 15.29 -28.41
N LEU B 739 19.89 14.55 -27.36
CA LEU B 739 19.59 13.13 -27.46
C LEU B 739 18.11 12.89 -27.22
N GLU B 740 17.55 11.93 -27.96
CA GLU B 740 16.24 11.41 -27.63
C GLU B 740 16.32 10.53 -26.39
N TYR B 741 15.35 10.67 -25.50
CA TYR B 741 15.32 9.90 -24.27
C TYR B 741 13.87 9.58 -23.91
N LYS B 742 13.70 8.61 -23.02
CA LYS B 742 12.39 8.22 -22.54
C LYS B 742 12.30 8.47 -21.04
N VAL B 743 11.07 8.75 -20.57
CA VAL B 743 10.79 8.92 -19.16
C VAL B 743 9.67 7.97 -18.76
N GLY B 744 9.87 7.23 -17.67
CA GLY B 744 8.86 6.30 -17.21
C GLY B 744 8.77 6.20 -15.70
N THR B 745 8.03 5.20 -15.22
CA THR B 745 7.73 5.07 -13.80
C THR B 745 7.72 3.61 -13.42
N MET B 746 8.14 3.34 -12.18
CA MET B 746 7.81 2.08 -11.54
C MET B 746 6.32 2.00 -11.27
N ILE B 747 5.75 0.81 -11.46
CA ILE B 747 4.42 0.51 -10.95
C ILE B 747 4.57 -0.50 -9.82
N GLU B 748 4.96 -0.03 -8.65
CA GLU B 748 5.17 -0.87 -7.48
C GLU B 748 4.34 -0.42 -6.29
N ILE B 749 3.35 0.45 -6.49
CA ILE B 749 2.42 0.86 -5.45
C ILE B 749 1.04 0.42 -5.91
N PRO B 750 0.22 -0.21 -5.06
CA PRO B 750 -1.13 -0.60 -5.51
C PRO B 750 -1.91 0.55 -6.12
N ARG B 751 -1.84 1.74 -5.50
CA ARG B 751 -2.57 2.89 -6.03
C ARG B 751 -2.16 3.22 -7.45
N ALA B 752 -0.86 3.11 -7.76
CA ALA B 752 -0.39 3.39 -9.12
C ALA B 752 -1.20 2.62 -10.16
N ALA B 753 -1.52 1.36 -9.85
CA ALA B 753 -2.31 0.55 -10.78
C ALA B 753 -3.78 0.93 -10.75
N LEU B 754 -4.29 1.39 -9.61
CA LEU B 754 -5.70 1.75 -9.50
C LEU B 754 -6.04 2.99 -10.34
N ILE B 755 -5.09 3.90 -10.50
CA ILE B 755 -5.30 5.09 -11.31
C ILE B 755 -4.24 5.14 -12.40
N ALA B 756 -3.92 3.98 -12.97
CA ALA B 756 -2.86 3.89 -13.98
C ALA B 756 -3.22 4.63 -15.27
N GLU B 757 -4.51 4.83 -15.56
CA GLU B 757 -4.88 5.60 -16.73
C GLU B 757 -4.43 7.05 -16.60
N GLU B 758 -4.34 7.56 -15.37
CA GLU B 758 -3.88 8.93 -15.14
C GLU B 758 -2.36 9.01 -15.27
N ILE B 759 -1.65 7.97 -14.82
CA ILE B 759 -0.20 7.95 -14.93
C ILE B 759 0.24 7.64 -16.35
N GLY B 760 -0.51 6.79 -17.07
CA GLY B 760 -0.12 6.42 -18.42
C GLY B 760 0.00 7.59 -19.37
N LYS B 761 -0.87 8.61 -19.20
CA LYS B 761 -0.79 9.77 -20.07
C LYS B 761 0.55 10.48 -19.97
N GLU B 762 1.22 10.39 -18.82
CA GLU B 762 2.42 11.18 -18.55
C GLU B 762 3.67 10.33 -18.47
N ALA B 763 3.58 9.05 -18.85
CA ALA B 763 4.70 8.12 -18.76
C ALA B 763 4.92 7.48 -20.12
N ASP B 764 6.19 7.33 -20.51
CA ASP B 764 6.52 6.58 -21.71
C ASP B 764 6.46 5.08 -21.50
N PHE B 765 6.79 4.61 -20.30
CA PHE B 765 6.79 3.18 -20.02
C PHE B 765 6.43 2.93 -18.57
N PHE B 766 5.91 1.73 -18.31
CA PHE B 766 5.76 1.19 -16.97
C PHE B 766 6.72 0.04 -16.75
N SER B 767 7.20 -0.10 -15.51
CA SER B 767 7.95 -1.28 -15.08
C SER B 767 7.41 -1.71 -13.72
N PHE B 768 6.76 -2.86 -13.68
CA PHE B 768 6.20 -3.36 -12.43
C PHE B 768 7.31 -3.78 -11.48
N GLY B 769 7.32 -3.18 -10.29
CA GLY B 769 8.21 -3.62 -9.24
C GLY B 769 7.51 -4.59 -8.31
N THR B 770 7.44 -5.86 -8.71
CA THR B 770 6.62 -6.83 -8.02
C THR B 770 7.16 -7.21 -6.65
N ASN B 771 8.36 -6.75 -6.29
CA ASN B 771 8.84 -6.96 -4.92
C ASN B 771 8.06 -6.08 -3.95
N ASP B 772 8.03 -4.77 -4.19
CA ASP B 772 7.26 -3.87 -3.34
C ASP B 772 5.76 -4.07 -3.55
N LEU B 773 5.34 -4.22 -4.81
CA LEU B 773 3.91 -4.40 -5.09
C LEU B 773 3.38 -5.61 -4.33
N THR B 774 4.08 -6.73 -4.39
CA THR B 774 3.67 -7.90 -3.62
C THR B 774 3.63 -7.56 -2.13
N GLN B 775 4.63 -6.84 -1.65
CA GLN B 775 4.68 -6.45 -0.25
C GLN B 775 3.50 -5.56 0.12
N MET B 776 3.19 -4.57 -0.71
CA MET B 776 2.08 -3.67 -0.41
C MET B 776 0.73 -4.39 -0.52
N THR B 777 0.59 -5.28 -1.51
CA THR B 777 -0.68 -5.97 -1.69
C THR B 777 -0.98 -6.91 -0.54
N PHE B 778 0.01 -7.70 -0.11
CA PHE B 778 -0.18 -8.64 0.99
C PHE B 778 -0.03 -7.98 2.36
N GLY B 779 0.67 -6.85 2.44
CA GLY B 779 1.09 -6.34 3.73
C GLY B 779 2.20 -7.16 4.36
N TYR B 780 3.02 -7.82 3.55
CA TYR B 780 4.12 -8.65 4.03
C TYR B 780 5.41 -7.84 4.00
N SER B 781 6.02 -7.66 5.16
CA SER B 781 7.36 -7.10 5.25
C SER B 781 8.37 -8.12 4.73
N ARG B 782 8.96 -7.83 3.56
CA ARG B 782 9.89 -8.78 2.95
C ARG B 782 10.97 -9.23 3.92
N ASP B 783 11.33 -8.38 4.88
CA ASP B 783 12.34 -8.75 5.87
C ASP B 783 11.75 -9.69 6.91
N ASP B 784 10.57 -9.35 7.45
CA ASP B 784 10.03 -10.04 8.62
C ASP B 784 8.99 -11.08 8.26
N VAL B 785 8.82 -11.40 6.97
CA VAL B 785 7.80 -12.37 6.58
C VAL B 785 8.14 -13.76 7.09
N GLY B 786 9.43 -14.03 7.33
CA GLY B 786 9.84 -15.33 7.81
C GLY B 786 9.21 -15.73 9.13
N LYS B 787 8.69 -14.76 9.88
CA LYS B 787 8.06 -15.07 11.17
C LYS B 787 6.93 -16.08 11.04
N PHE B 788 6.35 -16.22 9.85
CA PHE B 788 5.13 -17.01 9.71
C PHE B 788 4.96 -17.66 8.34
N LEU B 789 5.86 -17.43 7.37
CA LEU B 789 5.65 -17.96 6.03
C LEU B 789 5.62 -19.47 6.00
N GLN B 790 6.46 -20.12 6.81
CA GLN B 790 6.50 -21.57 6.83
C GLN B 790 5.19 -22.15 7.37
N ILE B 791 4.60 -21.51 8.38
CA ILE B 791 3.33 -21.98 8.91
C ILE B 791 2.23 -21.79 7.86
N TYR B 792 2.21 -20.63 7.20
CA TYR B 792 1.21 -20.39 6.16
C TYR B 792 1.33 -21.42 5.05
N LEU B 793 2.56 -21.77 4.65
CA LEU B 793 2.76 -22.75 3.60
C LEU B 793 2.33 -24.15 4.05
N ALA B 794 2.63 -24.51 5.30
CA ALA B 794 2.28 -25.83 5.79
C ALA B 794 0.78 -26.03 5.88
N GLN B 795 0.02 -24.98 6.19
CA GLN B 795 -1.42 -25.08 6.41
C GLN B 795 -2.22 -24.70 5.17
N GLY B 796 -1.59 -24.68 4.00
CA GLY B 796 -2.29 -24.41 2.77
C GLY B 796 -2.81 -23.01 2.61
N ILE B 797 -2.51 -22.10 3.54
CA ILE B 797 -2.93 -20.71 3.39
C ILE B 797 -2.32 -20.10 2.15
N LEU B 798 -1.02 -20.32 1.96
CA LEU B 798 -0.30 -19.88 0.76
C LEU B 798 0.19 -21.10 0.01
N GLN B 799 0.03 -21.09 -1.31
CA GLN B 799 0.58 -22.15 -2.15
C GLN B 799 2.03 -21.90 -2.52
N HIS B 800 2.52 -20.68 -2.38
CA HIS B 800 3.89 -20.34 -2.71
C HIS B 800 4.29 -19.13 -1.89
N ASP B 801 5.60 -18.92 -1.80
CA ASP B 801 6.12 -17.64 -1.31
C ASP B 801 5.79 -16.56 -2.32
N PRO B 802 4.87 -15.63 -2.01
CA PRO B 802 4.49 -14.62 -3.03
C PRO B 802 5.66 -13.78 -3.49
N PHE B 803 6.75 -13.72 -2.71
CA PHE B 803 7.95 -13.04 -3.14
C PHE B 803 8.76 -13.83 -4.15
N GLU B 804 8.42 -15.12 -4.34
CA GLU B 804 9.09 -15.97 -5.31
C GLU B 804 8.22 -16.24 -6.53
N VAL B 805 6.98 -16.67 -6.33
CA VAL B 805 6.04 -16.94 -7.42
C VAL B 805 4.99 -15.83 -7.40
N ILE B 806 4.73 -15.24 -8.57
CA ILE B 806 3.81 -14.11 -8.65
C ILE B 806 2.41 -14.56 -8.28
N ASP B 807 1.73 -13.75 -7.47
CA ASP B 807 0.36 -14.01 -7.06
C ASP B 807 -0.60 -13.52 -8.14
N GLN B 808 -1.10 -14.45 -8.94
CA GLN B 808 -1.91 -14.08 -10.10
C GLN B 808 -3.29 -13.59 -9.69
N LYS B 809 -3.89 -14.20 -8.67
CA LYS B 809 -5.23 -13.77 -8.24
C LYS B 809 -5.22 -12.34 -7.71
N GLY B 810 -4.20 -11.98 -6.93
CA GLY B 810 -4.15 -10.68 -6.30
C GLY B 810 -3.23 -9.72 -7.03
N VAL B 811 -1.91 -9.89 -6.85
CA VAL B 811 -0.95 -9.00 -7.49
C VAL B 811 -1.17 -8.99 -9.00
N GLY B 812 -1.39 -10.17 -9.59
CA GLY B 812 -1.61 -10.23 -11.02
C GLY B 812 -2.81 -9.42 -11.48
N GLN B 813 -3.86 -9.37 -10.67
CA GLN B 813 -5.02 -8.56 -11.04
C GLN B 813 -4.64 -7.10 -11.16
N LEU B 814 -3.79 -6.61 -10.25
CA LEU B 814 -3.34 -5.22 -10.36
C LEU B 814 -2.46 -5.03 -11.58
N ILE B 815 -1.67 -6.05 -11.93
CA ILE B 815 -0.82 -5.96 -13.11
C ILE B 815 -1.68 -5.85 -14.36
N LYS B 816 -2.66 -6.75 -14.52
CA LYS B 816 -3.57 -6.65 -15.65
C LYS B 816 -4.23 -5.28 -15.69
N MET B 817 -4.68 -4.80 -14.53
CA MET B 817 -5.35 -3.52 -14.45
C MET B 817 -4.47 -2.40 -14.99
N ALA B 818 -3.26 -2.27 -14.44
CA ALA B 818 -2.37 -1.19 -14.85
C ALA B 818 -1.99 -1.31 -16.33
N THR B 819 -1.67 -2.52 -16.78
CA THR B 819 -1.29 -2.71 -18.18
C THR B 819 -2.43 -2.30 -19.10
N GLU B 820 -3.64 -2.78 -18.84
CA GLU B 820 -4.77 -2.45 -19.70
C GLU B 820 -5.08 -0.96 -19.63
N LYS B 821 -5.06 -0.38 -18.43
CA LYS B 821 -5.37 1.04 -18.28
C LYS B 821 -4.30 1.91 -18.92
N GLY B 822 -3.03 1.61 -18.67
CA GLY B 822 -1.96 2.44 -19.22
C GLY B 822 -1.92 2.44 -20.73
N ARG B 823 -2.11 1.27 -21.34
CA ARG B 823 -2.11 1.19 -22.80
C ARG B 823 -3.36 1.81 -23.41
N ALA B 824 -4.50 1.71 -22.73
CA ALA B 824 -5.71 2.34 -23.23
C ALA B 824 -5.57 3.86 -23.27
N ALA B 825 -4.74 4.42 -22.39
CA ALA B 825 -4.51 5.85 -22.35
C ALA B 825 -3.35 6.28 -23.24
N ASN B 826 -2.37 5.41 -23.45
CA ASN B 826 -1.19 5.72 -24.27
C ASN B 826 -0.83 4.48 -25.07
N PRO B 827 -1.38 4.35 -26.28
CA PRO B 827 -1.12 3.13 -27.07
C PRO B 827 0.35 2.82 -27.27
N SER B 828 1.23 3.83 -27.22
CA SER B 828 2.66 3.63 -27.40
C SER B 828 3.37 3.34 -26.08
N LEU B 829 2.63 3.01 -25.02
CA LEU B 829 3.25 2.73 -23.73
C LEU B 829 3.99 1.39 -23.77
N LYS B 830 5.17 1.37 -23.18
CA LYS B 830 5.93 0.13 -22.98
C LYS B 830 5.79 -0.32 -21.53
N VAL B 831 5.63 -1.63 -21.35
CA VAL B 831 5.33 -2.20 -20.04
C VAL B 831 6.30 -3.35 -19.78
N GLY B 832 6.97 -3.29 -18.63
CA GLY B 832 7.90 -4.34 -18.25
C GLY B 832 7.79 -4.76 -16.80
N ILE B 833 8.73 -5.61 -16.37
CA ILE B 833 8.75 -6.14 -15.01
C ILE B 833 10.20 -6.31 -14.60
N CYS B 834 10.63 -5.60 -13.55
CA CYS B 834 11.98 -5.70 -13.04
C CYS B 834 12.04 -6.28 -11.63
N GLY B 835 10.90 -6.66 -11.05
CA GLY B 835 10.92 -7.41 -9.82
C GLY B 835 11.55 -8.78 -10.00
N GLU B 836 11.82 -9.43 -8.86
CA GLU B 836 12.50 -10.71 -8.89
C GLU B 836 11.69 -11.79 -9.61
N HIS B 837 10.38 -11.59 -9.77
CA HIS B 837 9.57 -12.55 -10.51
C HIS B 837 9.90 -12.53 -12.00
N GLY B 838 10.55 -11.46 -12.48
CA GLY B 838 10.95 -11.40 -13.87
C GLY B 838 11.81 -12.57 -14.32
N GLY B 839 12.50 -13.22 -13.38
CA GLY B 839 13.33 -14.37 -13.68
C GLY B 839 12.79 -15.70 -13.23
N GLU B 840 11.52 -15.77 -12.82
CA GLU B 840 10.93 -17.02 -12.34
C GLU B 840 10.05 -17.60 -13.44
N PRO B 841 10.31 -18.83 -13.90
CA PRO B 841 9.57 -19.33 -15.08
C PRO B 841 8.06 -19.23 -15.00
N SER B 842 7.44 -19.71 -13.93
CA SER B 842 5.98 -19.67 -13.85
C SER B 842 5.47 -18.24 -13.94
N SER B 843 6.18 -17.29 -13.34
CA SER B 843 5.77 -15.90 -13.40
C SER B 843 6.01 -15.32 -14.80
N VAL B 844 7.10 -15.73 -15.44
CA VAL B 844 7.36 -15.27 -16.81
C VAL B 844 6.22 -15.66 -17.72
N ALA B 845 5.72 -16.89 -17.59
CA ALA B 845 4.60 -17.32 -18.41
C ALA B 845 3.38 -16.43 -18.17
N PHE B 846 3.17 -16.03 -16.90
CA PHE B 846 2.06 -15.13 -16.60
C PHE B 846 2.26 -13.78 -17.26
N PHE B 847 3.46 -13.20 -17.12
CA PHE B 847 3.74 -11.90 -17.73
C PHE B 847 3.55 -11.95 -19.23
N ASP B 848 3.94 -13.06 -19.86
CA ASP B 848 3.70 -13.20 -21.30
C ASP B 848 2.22 -13.21 -21.60
N GLY B 849 1.42 -13.84 -20.73
CA GLY B 849 -0.02 -13.87 -20.94
C GLY B 849 -0.65 -12.51 -20.79
N VAL B 850 -0.19 -11.72 -19.82
CA VAL B 850 -0.70 -10.37 -19.63
C VAL B 850 -0.35 -9.48 -20.83
N GLY B 851 0.59 -9.90 -21.66
CA GLY B 851 0.99 -9.11 -22.80
C GLY B 851 2.07 -8.09 -22.53
N LEU B 852 2.84 -8.26 -21.46
CA LEU B 852 3.95 -7.36 -21.19
C LEU B 852 4.95 -7.39 -22.34
N ASP B 853 5.70 -6.29 -22.49
CA ASP B 853 6.65 -6.19 -23.59
C ASP B 853 7.98 -6.85 -23.27
N TYR B 854 8.40 -6.85 -22.01
CA TYR B 854 9.69 -7.44 -21.65
C TYR B 854 9.68 -7.79 -20.17
N VAL B 855 10.64 -8.63 -19.79
CA VAL B 855 10.97 -8.89 -18.39
C VAL B 855 12.42 -8.51 -18.17
N SER B 856 12.75 -8.16 -16.93
CA SER B 856 14.11 -7.79 -16.56
C SER B 856 14.51 -8.52 -15.29
N CYS B 857 15.68 -9.14 -15.32
CA CYS B 857 16.17 -9.93 -14.19
C CYS B 857 17.68 -9.79 -14.11
N SER B 858 18.24 -10.27 -12.99
CA SER B 858 19.66 -10.16 -12.77
C SER B 858 20.42 -10.94 -13.86
N PRO B 859 21.71 -10.61 -14.05
CA PRO B 859 22.44 -11.15 -15.22
C PRO B 859 22.34 -12.66 -15.40
N PHE B 860 22.73 -13.43 -14.38
CA PHE B 860 22.79 -14.88 -14.53
C PHE B 860 21.42 -15.55 -14.52
N ARG B 861 20.34 -14.79 -14.40
CA ARG B 861 19.00 -15.32 -14.61
C ARG B 861 18.47 -15.06 -16.01
N VAL B 862 19.16 -14.25 -16.80
CA VAL B 862 18.68 -13.94 -18.15
C VAL B 862 18.46 -15.19 -18.98
N PRO B 863 19.40 -16.13 -19.06
CA PRO B 863 19.15 -17.32 -19.88
C PRO B 863 17.92 -18.11 -19.44
N ILE B 864 17.61 -18.13 -18.14
CA ILE B 864 16.42 -18.82 -17.68
C ILE B 864 15.17 -18.13 -18.23
N ALA B 865 15.06 -16.82 -18.01
CA ALA B 865 13.92 -16.08 -18.54
C ALA B 865 13.83 -16.22 -20.04
N ARG B 866 14.99 -16.27 -20.72
CA ARG B 866 14.99 -16.45 -22.16
C ARG B 866 14.29 -17.75 -22.55
N LEU B 867 14.69 -18.86 -21.92
CA LEU B 867 14.08 -20.14 -22.22
C LEU B 867 12.63 -20.18 -21.77
N ALA B 868 12.36 -19.67 -20.57
CA ALA B 868 10.98 -19.61 -20.08
C ALA B 868 10.11 -18.79 -21.02
N ALA B 869 10.60 -17.60 -21.42
CA ALA B 869 9.85 -16.77 -22.34
C ALA B 869 9.54 -17.48 -23.64
N ALA B 870 10.33 -18.50 -24.00
CA ALA B 870 10.10 -19.26 -25.22
C ALA B 870 9.17 -20.45 -25.02
N GLN B 871 9.32 -21.18 -23.91
CA GLN B 871 8.49 -22.36 -23.68
C GLN B 871 7.01 -22.02 -23.55
N VAL B 872 6.68 -20.82 -23.07
CA VAL B 872 5.29 -20.42 -22.97
C VAL B 872 4.70 -20.09 -24.34
N ILE B 873 5.55 -19.78 -25.31
CA ILE B 873 5.10 -19.38 -26.65
C ILE B 873 4.88 -20.62 -27.51
N VAL B 874 5.92 -21.43 -27.65
CA VAL B 874 5.86 -22.59 -28.53
C VAL B 874 4.90 -23.63 -27.96
#